data_4R5P
#
_entry.id   4R5P
#
_cell.length_a   89.905
_cell.length_b   133.529
_cell.length_c   139.218
_cell.angle_alpha   90.00
_cell.angle_beta   97.81
_cell.angle_gamma   90.00
#
_symmetry.space_group_name_H-M   'P 1 21 1'
#
loop_
_entity.id
_entity.type
_entity.pdbx_description
1 polymer 'HIV-1 reverse transcriptase, p66 subunit'
2 polymer 'HIV-1 reverse transcriptase, p51 subunit'
3 polymer "5'-D(*TP*GP*GP*AP*CP*GP*GP*CP*GP*CP*CP*CP*GP*AP*AP*CP*AP*GP*GP*GP*AP*CP*TP*G)-3'"
4 polymer "5'-D(*CP*AP*GP*TP*CP*CP*CP*TP*GP*TP*TP*CP*GP*GP*(MRG)P*CP*GP*CP*CP*G)-3'"
5 branched beta-D-fructofuranose-(2-1)-alpha-D-glucopyranose
6 non-polymer 'MAGNESIUM ION'
7 non-polymer '[(1R)-2-methoxy-1-{[(1S,3R)-3-(5-methyl-2,4-dioxo-3,4-dihydropyrimidin-1(2H)-yl)cyclopentyl]oxy}-2-oxoethyl]phosphonic acid'
8 non-polymer 'SULFATE ION'
9 water water
#
loop_
_entity_poly.entity_id
_entity_poly.type
_entity_poly.pdbx_seq_one_letter_code
_entity_poly.pdbx_strand_id
1 'polypeptide(L)'
;MVPISPIETVPVKLKPGMDGPKVKQWPLTEEKIKALVEICTEMEKEGKISKIGPENPYNTPVFAIKKKDSTKWRKLVDFR
ELNKRTQDFWEVQLGIPHPAGLKKKKSVTVLDVGDAYFSVPLDEDFRKYTAFTIPSINNETPGIRYQYNVLPQGWKGSPA
IFQSSMTKILEPFKKQNPDIVIYQYMDDLYVGSDLEIGQHRTKIEELRQHLLRWGLTTPDKKHQKEPPFLWMGYELHPDK
WTVQPIVLPEKDSWTVNDICKLVGKLNWASQIYPGIKVRQLSKLLRGTKALTEVIPLTEEAELELAENREILKEPVHGVY
YDPSKDLIAEIQKQGQGQWTYQIYQEPFKNLKTGKYARMRGAHTNDVKQLTEAVQKITTESIVIWGKTPKFKLPIQKETW
ETWWTEYWQATWIPEWEFVNTPPLVKLWYQLEKEPIVGAETFYVDGAANRETKLGKAGYVTNKGRQKVVPLTNTTNQKTE
LQAIYLALQDSGLEVNIVTNSQYALGIIQAQPDKSESELVNQIIEQLIKKEKVYLAWVPAHKGIGGNEQVDKLVSA
;
A,C
2 'polypeptide(L)'
;PISPIETVPVKLKPGMDGPKVKQWPLTEEKIKALVEICTEMEKEGKISKIGPENPYNTPVFAIKKKDSTKWRKLVDFREL
NKRTQDFWEVQLGIPHPAGLKKKKSVTVLDVGDAYFSVPLDEDFRKYTAFTIPSINNETPGIRYQYNVLPQGWKGSPAIF
QSSMTKILEPFKKQNPDIVIYQYMDDLYVGSDLEIGQHRTKIEELRQHLLRWGLTTPDKKHQKEPPFLWMGYELHPDKWT
VQPIVLPEKDSWTVNDIQKLVGKLNWASQIYPGIKVRQLSKLLRGTKALTEVIPLTEEAELELAENREILKEPVHGVYYD
PSKDLIAEIQKQGQGQWTYQIYQEPFKNLKTGKYARMRGAHTNDVKQLTEAVQKITTESIVIWGKTPKFKLPIQKETWET
WWTEYWQATWIPEWEFVNTPPLVKLWYQ
;
B,D
3 'polydeoxyribonucleotide'
;(DA)(DT)(DG)(DG)(DA)(DC)(DG)(DG)(DC)(DG)(DC)(DC)(DC)(DG)(DA)(DA)(DC)(DA)(DG)(DG)
(DG)(DA)(DC)(DT)(DG)(DT)(DG)
;
T,E
4 'polydeoxyribonucleotide'
;(DA)(DC)(DA)(DG)(DT)(DC)(DC)(DC)(DT)(DG)(DT)(DT)(DC)(DG)(DG)(MRG)(DC)(DG)(DC)
(DC)(DG)
;
P,F
#
# COMPACT_ATOMS: atom_id res chain seq x y z
N VAL A 2 16.74 -17.84 -56.25
CA VAL A 2 16.64 -18.04 -54.82
C VAL A 2 17.98 -18.58 -54.25
N PRO A 3 18.22 -18.41 -52.92
CA PRO A 3 19.22 -19.17 -52.16
C PRO A 3 18.50 -20.32 -51.45
N ILE A 4 19.13 -21.11 -50.58
CA ILE A 4 18.33 -22.18 -49.96
C ILE A 4 18.40 -22.21 -48.41
N SER A 5 17.42 -22.89 -47.79
CA SER A 5 17.23 -22.89 -46.31
C SER A 5 17.35 -24.25 -45.56
N PRO A 6 18.42 -24.47 -44.77
CA PRO A 6 18.68 -25.80 -44.17
C PRO A 6 17.91 -26.31 -42.94
N ILE A 7 17.87 -25.52 -41.87
CA ILE A 7 17.39 -25.90 -40.50
C ILE A 7 16.87 -24.64 -39.80
N GLU A 8 15.95 -24.79 -38.86
CA GLU A 8 15.29 -23.62 -38.30
C GLU A 8 16.26 -22.57 -37.78
N THR A 9 16.05 -21.33 -38.21
CA THR A 9 16.86 -20.16 -37.87
C THR A 9 16.53 -19.52 -36.50
N VAL A 10 17.47 -18.75 -35.95
CA VAL A 10 17.27 -18.04 -34.68
C VAL A 10 17.32 -16.53 -34.91
N PRO A 11 16.19 -15.85 -34.69
CA PRO A 11 16.03 -14.41 -34.88
C PRO A 11 17.09 -13.57 -34.19
N VAL A 12 17.57 -12.51 -34.83
CA VAL A 12 18.61 -11.73 -34.19
C VAL A 12 18.24 -10.28 -34.49
N LYS A 13 18.87 -9.32 -33.82
CA LYS A 13 18.52 -7.91 -33.95
C LYS A 13 19.70 -7.08 -33.51
N LEU A 14 19.69 -5.78 -33.83
CA LEU A 14 20.71 -4.95 -33.22
C LEU A 14 20.10 -4.24 -32.03
N LYS A 15 20.95 -3.54 -31.28
CA LYS A 15 20.48 -2.82 -30.11
C LYS A 15 19.71 -1.61 -30.57
N PRO A 16 18.42 -1.54 -30.21
CA PRO A 16 17.40 -0.81 -30.97
C PRO A 16 17.89 0.59 -31.32
N GLY A 17 17.51 1.08 -32.48
CA GLY A 17 17.99 2.38 -32.94
C GLY A 17 19.50 2.46 -32.93
N MET A 18 20.12 1.54 -33.65
CA MET A 18 21.56 1.57 -33.88
C MET A 18 21.82 0.84 -35.18
N ASP A 19 22.93 1.16 -35.85
CA ASP A 19 23.15 0.64 -37.19
C ASP A 19 24.55 0.06 -37.39
N GLY A 20 24.73 -0.63 -38.51
CA GLY A 20 25.77 -1.64 -38.66
C GLY A 20 27.24 -1.27 -38.76
N PRO A 21 28.04 -2.24 -39.21
CA PRO A 21 29.51 -2.31 -39.21
C PRO A 21 30.19 -1.63 -40.41
N LYS A 22 30.47 -0.34 -40.31
CA LYS A 22 31.26 0.31 -41.34
C LYS A 22 32.65 0.70 -40.84
N VAL A 23 33.66 -0.07 -41.24
CA VAL A 23 35.07 0.25 -40.94
C VAL A 23 36.00 -0.34 -42.02
N LYS A 24 37.10 0.36 -42.31
CA LYS A 24 37.99 -0.04 -43.41
C LYS A 24 38.85 -1.27 -43.08
N GLN A 25 39.21 -2.02 -44.12
CA GLN A 25 40.02 -3.25 -43.98
C GLN A 25 41.50 -3.05 -43.62
N TRP A 26 42.14 -4.12 -43.14
CA TRP A 26 43.56 -4.09 -42.75
C TRP A 26 44.52 -4.14 -43.94
N PRO A 27 45.70 -3.52 -43.78
CA PRO A 27 46.82 -3.67 -44.70
C PRO A 27 47.44 -5.06 -44.63
N LEU A 28 46.71 -6.03 -45.18
CA LEU A 28 47.06 -7.44 -45.13
C LEU A 28 48.17 -7.85 -46.07
N THR A 29 49.14 -8.62 -45.55
CA THR A 29 50.23 -9.15 -46.37
C THR A 29 49.61 -10.11 -47.38
N GLU A 30 50.10 -10.06 -48.62
CA GLU A 30 49.55 -10.84 -49.72
C GLU A 30 49.57 -12.36 -49.50
N GLU A 31 50.49 -12.84 -48.67
CA GLU A 31 50.57 -14.26 -48.34
C GLU A 31 49.20 -14.75 -47.85
N LYS A 32 48.64 -14.02 -46.89
CA LYS A 32 47.31 -14.34 -46.37
C LYS A 32 46.26 -14.13 -47.45
N ILE A 33 46.35 -13.00 -48.17
CA ILE A 33 45.39 -12.62 -49.20
C ILE A 33 45.16 -13.78 -50.19
N LYS A 34 46.23 -14.53 -50.44
CA LYS A 34 46.20 -15.76 -51.22
C LYS A 34 45.23 -16.75 -50.62
N ALA A 35 45.56 -17.20 -49.41
CA ALA A 35 44.77 -18.16 -48.67
C ALA A 35 43.31 -17.73 -48.48
N LEU A 36 43.06 -16.42 -48.56
CA LEU A 36 41.74 -15.85 -48.30
C LEU A 36 40.74 -15.97 -49.45
N VAL A 37 41.03 -15.32 -50.58
CA VAL A 37 40.16 -15.34 -51.77
C VAL A 37 39.97 -16.78 -52.21
N GLU A 38 40.97 -17.60 -51.90
CA GLU A 38 40.97 -19.04 -52.12
C GLU A 38 39.67 -19.66 -51.59
N ILE A 39 39.51 -19.69 -50.26
CA ILE A 39 38.34 -20.31 -49.64
C ILE A 39 37.09 -19.41 -49.73
N CYS A 40 37.28 -18.09 -49.82
CA CYS A 40 36.18 -17.15 -50.12
C CYS A 40 35.31 -17.62 -51.28
N THR A 41 35.93 -17.74 -52.44
CA THR A 41 35.26 -18.18 -53.66
C THR A 41 34.57 -19.53 -53.49
N GLU A 42 35.23 -20.46 -52.79
CA GLU A 42 34.68 -21.79 -52.60
C GLU A 42 33.38 -21.78 -51.80
N MET A 43 33.22 -20.79 -50.93
CA MET A 43 31.97 -20.59 -50.18
C MET A 43 30.69 -20.55 -51.02
N GLU A 44 30.62 -19.52 -51.88
CA GLU A 44 29.41 -19.15 -52.63
C GLU A 44 28.71 -20.28 -53.36
N LYS A 45 29.47 -21.23 -53.88
CA LYS A 45 28.89 -22.39 -54.56
C LYS A 45 27.87 -23.08 -53.64
N GLU A 46 28.22 -23.14 -52.36
CA GLU A 46 27.49 -23.94 -51.37
C GLU A 46 26.39 -23.13 -50.67
N GLY A 47 26.38 -21.82 -50.86
CA GLY A 47 25.37 -21.00 -50.23
C GLY A 47 25.83 -20.31 -48.97
N LYS A 48 27.12 -20.37 -48.68
CA LYS A 48 27.63 -19.76 -47.47
C LYS A 48 27.73 -18.23 -47.55
N ILE A 49 28.21 -17.70 -48.65
CA ILE A 49 28.25 -16.24 -48.79
C ILE A 49 27.43 -15.77 -50.01
N SER A 50 27.37 -14.46 -50.20
CA SER A 50 26.65 -13.87 -51.33
C SER A 50 27.30 -12.54 -51.72
N LYS A 51 27.28 -12.22 -53.00
CA LYS A 51 27.71 -10.90 -53.48
C LYS A 51 26.65 -9.85 -53.25
N ILE A 52 27.07 -8.62 -53.00
CA ILE A 52 26.14 -7.57 -52.61
C ILE A 52 26.41 -6.24 -53.29
N GLY A 53 25.33 -5.73 -53.88
CA GLY A 53 25.29 -4.41 -54.49
C GLY A 53 25.67 -3.41 -53.42
N PRO A 54 26.29 -2.29 -53.83
CA PRO A 54 26.73 -1.24 -52.88
C PRO A 54 25.55 -0.76 -52.04
N GLU A 55 24.34 -1.22 -52.38
CA GLU A 55 23.12 -1.00 -51.62
C GLU A 55 23.33 -1.41 -50.17
N ASN A 56 24.36 -2.23 -49.94
CA ASN A 56 24.77 -2.65 -48.61
C ASN A 56 25.88 -1.71 -48.13
N PRO A 57 25.55 -0.77 -47.24
CA PRO A 57 26.60 0.18 -46.81
C PRO A 57 27.39 -0.21 -45.55
N TYR A 58 27.96 -1.42 -45.46
CA TYR A 58 28.71 -1.80 -44.26
C TYR A 58 30.05 -2.50 -44.56
N ASN A 59 31.13 -2.13 -43.86
CA ASN A 59 32.42 -2.76 -44.11
C ASN A 59 33.20 -3.13 -42.83
N THR A 60 33.69 -4.37 -42.72
CA THR A 60 34.48 -4.72 -41.53
C THR A 60 35.70 -5.57 -41.91
N PRO A 61 36.88 -5.27 -41.35
CA PRO A 61 38.11 -6.01 -41.71
C PRO A 61 38.08 -7.49 -41.40
N VAL A 62 38.99 -8.24 -42.02
CA VAL A 62 39.03 -9.69 -41.88
C VAL A 62 40.47 -10.16 -42.11
N PHE A 63 40.90 -11.21 -41.41
CA PHE A 63 42.20 -11.84 -41.68
C PHE A 63 42.20 -13.22 -41.06
N ALA A 64 42.78 -14.18 -41.77
CA ALA A 64 42.96 -15.54 -41.29
C ALA A 64 44.21 -15.75 -40.45
N ILE A 65 44.13 -16.76 -39.58
CA ILE A 65 45.27 -17.19 -38.80
C ILE A 65 45.34 -18.70 -39.10
N LYS A 66 46.55 -19.27 -39.12
CA LYS A 66 46.68 -20.69 -39.41
C LYS A 66 46.00 -21.55 -38.35
N LYS A 67 45.17 -22.48 -38.81
CA LYS A 67 44.63 -23.55 -37.96
C LYS A 67 45.77 -24.36 -37.33
N LYS A 68 45.80 -24.48 -36.00
CA LYS A 68 46.86 -25.25 -35.34
C LYS A 68 46.85 -26.71 -35.78
N ASP A 69 48.04 -27.31 -35.90
CA ASP A 69 48.15 -28.71 -36.32
C ASP A 69 47.50 -28.98 -37.67
N SER A 70 47.60 -28.02 -38.59
CA SER A 70 47.10 -28.23 -39.94
C SER A 70 47.83 -27.35 -40.93
N THR A 71 47.83 -27.82 -42.17
CA THR A 71 48.40 -27.05 -43.25
C THR A 71 47.36 -26.03 -43.62
N LYS A 72 46.10 -26.37 -43.32
CA LYS A 72 44.97 -25.52 -43.65
C LYS A 72 44.97 -24.23 -42.83
N TRP A 73 44.24 -23.24 -43.34
CA TRP A 73 44.10 -21.92 -42.72
C TRP A 73 42.67 -21.71 -42.21
N ARG A 74 42.49 -20.98 -41.11
CA ARG A 74 41.16 -20.73 -40.55
C ARG A 74 40.75 -19.26 -40.66
N LYS A 75 39.49 -19.04 -41.04
CA LYS A 75 38.96 -17.70 -41.32
C LYS A 75 38.20 -17.04 -40.19
N LEU A 76 38.66 -15.85 -39.84
CA LEU A 76 38.12 -15.05 -38.75
C LEU A 76 37.77 -13.65 -39.20
N VAL A 77 36.53 -13.24 -38.98
CA VAL A 77 36.09 -11.91 -39.33
C VAL A 77 35.96 -11.14 -38.03
N ASP A 78 36.77 -10.12 -37.83
CA ASP A 78 36.66 -9.41 -36.57
C ASP A 78 35.39 -8.56 -36.72
N PHE A 79 34.41 -8.92 -35.91
CA PHE A 79 33.12 -8.25 -35.88
C PHE A 79 32.98 -7.29 -34.72
N ARG A 80 34.07 -7.08 -34.00
CA ARG A 80 34.03 -6.46 -32.68
C ARG A 80 33.08 -5.27 -32.62
N GLU A 81 33.08 -4.47 -33.69
CA GLU A 81 32.22 -3.29 -33.80
C GLU A 81 30.74 -3.65 -34.01
N LEU A 82 30.50 -4.80 -34.65
CA LEU A 82 29.13 -5.32 -34.82
C LEU A 82 28.66 -5.95 -33.52
N ASN A 83 29.56 -6.68 -32.86
CA ASN A 83 29.28 -7.24 -31.54
C ASN A 83 28.77 -6.15 -30.60
N LYS A 84 29.56 -5.07 -30.47
CA LYS A 84 29.21 -3.92 -29.64
C LYS A 84 27.78 -3.44 -29.83
N ARG A 85 27.30 -3.45 -31.07
CA ARG A 85 25.96 -2.91 -31.37
C ARG A 85 24.87 -3.99 -31.53
N THR A 86 25.27 -5.26 -31.39
CA THR A 86 24.35 -6.40 -31.48
C THR A 86 23.67 -6.73 -30.18
N GLN A 87 22.44 -7.21 -30.28
CA GLN A 87 21.65 -7.53 -29.11
C GLN A 87 22.40 -8.52 -28.27
N ASP A 88 22.18 -8.44 -26.96
CA ASP A 88 22.85 -9.33 -26.02
C ASP A 88 22.21 -10.72 -26.06
N PHE A 89 23.01 -11.79 -25.96
CA PHE A 89 22.45 -13.14 -25.85
C PHE A 89 22.56 -13.73 -24.44
N TRP A 90 21.95 -14.90 -24.24
CA TRP A 90 22.19 -15.67 -23.04
C TRP A 90 22.94 -16.93 -23.38
N GLU A 91 24.24 -16.95 -23.00
CA GLU A 91 25.12 -18.08 -23.30
C GLU A 91 24.52 -19.35 -22.69
N VAL A 92 24.53 -20.44 -23.45
CA VAL A 92 24.04 -21.71 -22.96
C VAL A 92 25.15 -22.61 -22.48
N GLN A 93 26.40 -22.17 -22.65
CA GLN A 93 27.52 -22.98 -22.19
C GLN A 93 27.76 -22.59 -20.72
N LEU A 94 27.36 -23.46 -19.82
CA LEU A 94 27.37 -23.15 -18.40
C LEU A 94 28.62 -23.67 -17.71
N GLY A 95 29.50 -24.34 -18.47
CA GLY A 95 30.73 -24.87 -17.94
C GLY A 95 31.38 -25.92 -18.81
N ILE A 96 32.36 -26.63 -18.27
CA ILE A 96 33.09 -27.64 -19.02
C ILE A 96 32.93 -29.07 -18.52
N PRO A 97 32.80 -30.03 -19.43
CA PRO A 97 32.71 -31.38 -18.87
C PRO A 97 34.06 -31.84 -18.39
N HIS A 98 34.08 -32.48 -17.22
CA HIS A 98 35.28 -33.13 -16.71
C HIS A 98 35.22 -34.64 -16.95
N PRO A 99 36.34 -35.22 -17.43
CA PRO A 99 36.51 -36.65 -17.67
C PRO A 99 36.12 -37.46 -16.45
N ALA A 100 36.49 -36.95 -15.27
CA ALA A 100 36.21 -37.66 -14.02
C ALA A 100 34.73 -37.82 -13.78
N GLY A 101 33.93 -37.12 -14.56
CA GLY A 101 32.48 -37.18 -14.45
C GLY A 101 31.83 -38.28 -15.29
N LEU A 102 32.58 -38.78 -16.29
CA LEU A 102 32.11 -39.83 -17.19
C LEU A 102 31.97 -41.16 -16.47
N LYS A 103 30.86 -41.83 -16.69
CA LYS A 103 30.71 -43.20 -16.20
C LYS A 103 31.47 -44.10 -17.19
N LYS A 104 31.85 -45.30 -16.76
CA LYS A 104 32.48 -46.29 -17.65
C LYS A 104 31.55 -46.83 -18.74
N LYS A 105 32.03 -46.73 -19.97
CA LYS A 105 31.24 -47.15 -21.12
C LYS A 105 31.99 -48.23 -21.88
N LYS A 106 31.25 -49.28 -22.24
CA LYS A 106 31.82 -50.44 -22.94
C LYS A 106 32.45 -50.04 -24.26
N SER A 107 31.70 -49.26 -25.02
CA SER A 107 32.14 -48.75 -26.31
C SER A 107 31.92 -47.25 -26.48
N VAL A 108 32.90 -46.59 -27.10
CA VAL A 108 32.93 -45.13 -27.15
C VAL A 108 33.42 -44.55 -28.49
N THR A 109 32.66 -43.60 -29.02
CA THR A 109 33.00 -42.96 -30.28
C THR A 109 33.17 -41.47 -30.04
N VAL A 110 34.08 -40.85 -30.78
CA VAL A 110 34.31 -39.41 -30.75
C VAL A 110 34.32 -38.77 -32.16
N LEU A 111 33.32 -37.96 -32.48
CA LEU A 111 33.21 -37.40 -33.84
C LEU A 111 33.17 -35.88 -33.82
N ASP A 112 33.99 -35.25 -34.66
CA ASP A 112 34.06 -33.81 -34.70
C ASP A 112 33.12 -33.45 -35.85
N VAL A 113 32.38 -32.35 -35.77
CA VAL A 113 31.60 -31.80 -36.89
C VAL A 113 32.48 -30.95 -37.80
N GLY A 114 32.28 -31.24 -39.01
CA GLY A 114 32.85 -30.55 -40.16
C GLY A 114 32.19 -29.24 -40.50
N ASP A 115 33.05 -28.21 -40.54
CA ASP A 115 32.64 -26.83 -40.78
C ASP A 115 31.37 -26.52 -39.99
N ALA A 116 31.51 -26.44 -38.69
CA ALA A 116 30.33 -26.40 -37.84
C ALA A 116 29.57 -25.08 -37.93
N TYR A 117 30.24 -23.94 -37.72
CA TYR A 117 29.54 -22.66 -37.75
C TYR A 117 28.95 -22.36 -39.12
N PHE A 118 29.58 -22.89 -40.15
CA PHE A 118 29.17 -22.68 -41.54
C PHE A 118 27.99 -23.54 -42.02
N SER A 119 27.68 -24.60 -41.27
CA SER A 119 26.52 -25.43 -41.60
C SER A 119 25.23 -24.91 -40.94
N VAL A 120 25.33 -23.78 -40.25
CA VAL A 120 24.20 -23.22 -39.52
C VAL A 120 23.70 -21.88 -40.09
N PRO A 121 22.44 -21.84 -40.54
CA PRO A 121 21.81 -20.67 -41.16
C PRO A 121 21.81 -19.44 -40.27
N LEU A 122 22.24 -18.29 -40.79
CA LEU A 122 22.08 -17.03 -40.07
C LEU A 122 20.61 -16.58 -40.12
N ASP A 123 20.31 -15.40 -39.62
CA ASP A 123 18.95 -14.87 -39.68
C ASP A 123 18.80 -14.11 -40.97
N GLU A 124 17.63 -14.26 -41.59
CA GLU A 124 17.30 -13.60 -42.86
C GLU A 124 17.60 -12.11 -42.78
N ASP A 125 16.81 -11.40 -41.97
CA ASP A 125 16.81 -9.95 -41.91
C ASP A 125 18.16 -9.45 -41.42
N PHE A 126 18.89 -10.31 -40.72
CA PHE A 126 20.18 -9.93 -40.13
C PHE A 126 21.30 -10.04 -41.15
N ARG A 127 21.16 -10.97 -42.10
CA ARG A 127 22.30 -11.40 -42.92
C ARG A 127 23.14 -10.23 -43.44
N LYS A 128 22.44 -9.16 -43.86
CA LYS A 128 23.05 -7.99 -44.50
C LYS A 128 24.27 -7.47 -43.73
N TYR A 129 24.14 -7.47 -42.40
CA TYR A 129 25.11 -6.82 -41.51
C TYR A 129 26.48 -7.46 -41.51
N THR A 130 26.60 -8.57 -42.22
CA THR A 130 27.84 -9.36 -42.16
C THR A 130 28.89 -8.74 -43.06
N ALA A 131 28.49 -7.66 -43.74
CA ALA A 131 29.25 -7.09 -44.84
C ALA A 131 30.72 -6.77 -44.47
N PHE A 132 31.60 -7.31 -45.30
CA PHE A 132 33.03 -7.15 -45.18
C PHE A 132 33.54 -7.06 -46.61
N THR A 133 34.77 -6.63 -46.82
CA THR A 133 35.23 -6.58 -48.20
C THR A 133 36.57 -7.34 -48.35
N ILE A 134 36.63 -8.13 -49.43
CA ILE A 134 37.78 -9.00 -49.75
C ILE A 134 38.91 -8.48 -50.64
N PRO A 135 40.17 -8.56 -50.16
CA PRO A 135 41.32 -8.06 -50.93
C PRO A 135 41.50 -8.93 -52.17
N SER A 136 42.49 -8.64 -53.01
CA SER A 136 42.68 -9.38 -54.26
C SER A 136 44.17 -9.67 -54.15
N ILE A 137 44.90 -8.58 -54.13
CA ILE A 137 46.34 -8.47 -53.92
C ILE A 137 46.48 -6.98 -53.68
N ASN A 138 47.50 -6.57 -52.95
CA ASN A 138 47.85 -5.16 -52.78
C ASN A 138 47.86 -4.27 -54.03
N ASN A 139 47.07 -3.21 -53.95
CA ASN A 139 46.92 -2.18 -54.97
C ASN A 139 46.30 -2.62 -56.32
N GLU A 140 45.91 -3.89 -56.48
CA GLU A 140 45.37 -4.32 -57.77
C GLU A 140 43.95 -3.87 -58.10
N THR A 141 42.99 -4.17 -57.20
CA THR A 141 41.59 -3.79 -57.39
C THR A 141 40.87 -3.64 -56.04
N PRO A 142 39.61 -3.12 -56.06
CA PRO A 142 38.91 -2.89 -54.78
C PRO A 142 38.64 -4.21 -54.04
N GLY A 143 38.18 -5.21 -54.78
CA GLY A 143 37.69 -6.47 -54.22
C GLY A 143 36.20 -6.43 -53.89
N ILE A 144 35.55 -7.58 -54.04
CA ILE A 144 34.10 -7.67 -53.87
C ILE A 144 33.66 -7.74 -52.39
N ARG A 145 32.46 -7.23 -52.13
CA ARG A 145 31.84 -7.29 -50.81
C ARG A 145 30.80 -8.39 -50.68
N TYR A 146 30.85 -9.08 -49.53
CA TYR A 146 30.09 -10.30 -49.29
C TYR A 146 29.31 -10.29 -47.99
N GLN A 147 28.10 -10.86 -48.05
CA GLN A 147 27.25 -11.08 -46.89
C GLN A 147 27.04 -12.57 -46.54
N TYR A 148 27.38 -12.96 -45.30
CA TYR A 148 27.20 -14.35 -44.84
C TYR A 148 25.75 -14.83 -44.85
N ASN A 149 25.56 -16.07 -45.27
CA ASN A 149 24.28 -16.77 -45.17
C ASN A 149 24.22 -17.72 -43.96
N VAL A 150 25.30 -17.74 -43.18
CA VAL A 150 25.47 -18.70 -42.07
C VAL A 150 26.24 -18.04 -40.93
N LEU A 151 26.64 -18.81 -39.92
CA LEU A 151 27.26 -18.25 -38.71
C LEU A 151 28.75 -17.94 -38.85
N PRO A 152 29.10 -16.66 -38.85
CA PRO A 152 30.49 -16.24 -38.99
C PRO A 152 31.32 -16.51 -37.76
N GLN A 153 32.57 -16.87 -37.96
CA GLN A 153 33.50 -16.97 -36.85
C GLN A 153 33.92 -15.57 -36.43
N GLY A 154 33.70 -15.21 -35.17
CA GLY A 154 34.03 -13.89 -34.70
C GLY A 154 32.87 -13.00 -34.35
N TRP A 155 31.65 -13.45 -34.65
CA TRP A 155 30.49 -12.71 -34.21
C TRP A 155 30.41 -13.00 -32.72
N LYS A 156 29.53 -12.32 -32.00
CA LYS A 156 29.43 -12.58 -30.58
C LYS A 156 28.27 -13.51 -30.31
N GLY A 157 27.54 -13.83 -31.37
CA GLY A 157 26.36 -14.67 -31.30
C GLY A 157 26.58 -16.05 -31.86
N SER A 158 27.75 -16.30 -32.43
CA SER A 158 28.01 -17.55 -33.11
C SER A 158 27.89 -18.74 -32.14
N PRO A 159 28.69 -18.75 -31.04
CA PRO A 159 28.67 -19.95 -30.21
C PRO A 159 27.29 -20.31 -29.65
N ALA A 160 26.56 -19.33 -29.13
CA ALA A 160 25.27 -19.61 -28.50
C ALA A 160 24.24 -20.14 -29.47
N ILE A 161 24.19 -19.58 -30.67
CA ILE A 161 23.20 -20.03 -31.67
C ILE A 161 23.60 -21.43 -32.13
N PHE A 162 24.88 -21.64 -32.42
CA PHE A 162 25.32 -22.96 -32.83
C PHE A 162 24.97 -24.06 -31.84
N GLN A 163 25.33 -23.84 -30.57
CA GLN A 163 25.10 -24.81 -29.51
C GLN A 163 23.61 -25.05 -29.30
N SER A 164 22.84 -23.98 -29.39
CA SER A 164 21.40 -24.08 -29.20
C SER A 164 20.75 -24.93 -30.33
N SER A 165 21.05 -24.59 -31.58
CA SER A 165 20.55 -25.31 -32.75
C SER A 165 20.96 -26.77 -32.69
N MET A 166 22.25 -26.98 -32.46
CA MET A 166 22.79 -28.31 -32.34
C MET A 166 22.03 -29.19 -31.34
N THR A 167 21.74 -28.64 -30.17
CA THR A 167 20.99 -29.36 -29.15
C THR A 167 19.59 -29.69 -29.64
N LYS A 168 18.97 -28.70 -30.27
CA LYS A 168 17.61 -28.85 -30.80
C LYS A 168 17.57 -30.04 -31.76
N ILE A 169 18.59 -30.13 -32.59
CA ILE A 169 18.76 -31.24 -33.51
C ILE A 169 18.96 -32.58 -32.76
N LEU A 170 19.92 -32.64 -31.83
CA LEU A 170 20.15 -33.91 -31.15
C LEU A 170 19.01 -34.43 -30.26
N GLU A 171 18.08 -33.58 -29.86
CA GLU A 171 16.99 -33.98 -28.92
C GLU A 171 16.26 -35.26 -29.41
N PRO A 172 15.75 -35.27 -30.66
CA PRO A 172 14.98 -36.43 -31.13
C PRO A 172 15.79 -37.74 -31.16
N PHE A 173 17.04 -37.71 -31.65
CA PHE A 173 17.88 -38.91 -31.62
C PHE A 173 18.00 -39.44 -30.20
N LYS A 174 18.29 -38.54 -29.25
CA LYS A 174 18.55 -38.92 -27.87
C LYS A 174 17.27 -39.44 -27.25
N LYS A 175 16.15 -38.87 -27.66
CA LYS A 175 14.86 -39.30 -27.17
C LYS A 175 14.60 -40.67 -27.79
N GLN A 176 15.11 -40.88 -29.02
CA GLN A 176 14.96 -42.17 -29.70
C GLN A 176 15.93 -43.16 -29.05
N ASN A 177 17.07 -42.68 -28.53
CA ASN A 177 18.04 -43.55 -27.87
C ASN A 177 18.38 -43.07 -26.46
N PRO A 178 17.46 -43.29 -25.51
CA PRO A 178 17.64 -42.88 -24.11
C PRO A 178 18.88 -43.42 -23.42
N ASP A 179 19.41 -44.52 -23.92
CA ASP A 179 20.53 -45.20 -23.28
C ASP A 179 21.86 -44.87 -23.91
N ILE A 180 21.85 -43.99 -24.90
CA ILE A 180 23.12 -43.54 -25.44
C ILE A 180 23.50 -42.30 -24.64
N VAL A 181 24.79 -42.18 -24.32
CA VAL A 181 25.28 -40.98 -23.71
C VAL A 181 25.94 -40.12 -24.79
N ILE A 182 25.44 -38.91 -24.95
CA ILE A 182 26.09 -37.94 -25.83
C ILE A 182 26.54 -36.70 -25.09
N TYR A 183 27.84 -36.51 -24.95
CA TYR A 183 28.33 -35.25 -24.45
C TYR A 183 28.52 -34.28 -25.60
N GLN A 184 27.74 -33.22 -25.61
CA GLN A 184 27.81 -32.28 -26.70
C GLN A 184 28.52 -31.03 -26.30
N TYR A 185 29.73 -30.81 -26.82
CA TYR A 185 30.41 -29.55 -26.51
C TYR A 185 30.89 -28.80 -27.73
N MET A 186 30.23 -27.68 -28.03
CA MET A 186 30.48 -26.98 -29.29
C MET A 186 30.12 -27.90 -30.42
N ASP A 187 31.10 -28.17 -31.31
CA ASP A 187 30.90 -29.20 -32.33
C ASP A 187 31.43 -30.63 -32.04
N ASP A 188 32.07 -30.81 -30.90
CA ASP A 188 32.63 -32.11 -30.50
C ASP A 188 31.58 -33.06 -29.91
N LEU A 189 31.40 -34.24 -30.47
CA LEU A 189 30.45 -35.19 -29.89
C LEU A 189 31.16 -36.43 -29.32
N TYR A 190 30.86 -36.73 -28.06
CA TYR A 190 31.33 -37.95 -27.43
C TYR A 190 30.10 -38.83 -27.31
N VAL A 191 30.14 -39.95 -27.98
CA VAL A 191 29.03 -40.88 -27.94
C VAL A 191 29.50 -42.14 -27.24
N GLY A 192 28.72 -42.63 -26.29
CA GLY A 192 29.09 -43.84 -25.61
C GLY A 192 27.91 -44.67 -25.24
N SER A 193 28.14 -45.97 -25.11
CA SER A 193 27.05 -46.88 -24.80
C SER A 193 27.60 -48.14 -24.21
N ASP A 194 26.71 -48.90 -23.60
CA ASP A 194 27.05 -50.21 -23.09
C ASP A 194 26.71 -51.28 -24.15
N LEU A 195 26.37 -50.83 -25.36
CA LEU A 195 26.16 -51.74 -26.49
C LEU A 195 27.44 -52.48 -26.84
N GLU A 196 27.29 -53.61 -27.55
CA GLU A 196 28.44 -54.37 -28.03
C GLU A 196 28.95 -53.66 -29.26
N ILE A 197 30.27 -53.59 -29.40
CA ILE A 197 30.90 -52.66 -30.35
C ILE A 197 30.26 -52.63 -31.75
N GLY A 198 29.71 -53.76 -32.21
CA GLY A 198 29.00 -53.78 -33.47
C GLY A 198 27.71 -52.96 -33.52
N GLN A 199 26.77 -53.26 -32.62
CA GLN A 199 25.46 -52.55 -32.55
C GLN A 199 25.64 -51.05 -32.31
N HIS A 200 26.59 -50.76 -31.43
CA HIS A 200 27.00 -49.40 -31.11
C HIS A 200 27.35 -48.66 -32.40
N ARG A 201 28.26 -49.21 -33.19
CA ARG A 201 28.68 -48.56 -34.43
C ARG A 201 27.55 -48.35 -35.41
N THR A 202 26.55 -49.25 -35.36
CA THR A 202 25.31 -49.08 -36.12
C THR A 202 24.74 -47.73 -35.75
N LYS A 203 24.49 -47.59 -34.46
CA LYS A 203 23.93 -46.38 -33.88
C LYS A 203 24.78 -45.17 -34.25
N ILE A 204 26.10 -45.30 -34.21
CA ILE A 204 26.96 -44.19 -34.60
C ILE A 204 26.62 -43.75 -36.00
N GLU A 205 26.44 -44.74 -36.87
CA GLU A 205 26.12 -44.44 -38.23
C GLU A 205 24.74 -43.80 -38.34
N GLU A 206 23.73 -44.37 -37.68
CA GLU A 206 22.40 -43.76 -37.63
C GLU A 206 22.46 -42.29 -37.28
N LEU A 207 23.19 -42.01 -36.20
CA LEU A 207 23.41 -40.65 -35.77
C LEU A 207 24.05 -39.79 -36.89
N ARG A 208 25.16 -40.25 -37.49
CA ARG A 208 25.81 -39.49 -38.57
C ARG A 208 24.78 -39.13 -39.66
N GLN A 209 23.87 -40.07 -39.91
CA GLN A 209 22.77 -39.90 -40.84
C GLN A 209 21.82 -38.82 -40.38
N HIS A 210 21.37 -38.94 -39.14
CA HIS A 210 20.52 -37.93 -38.49
C HIS A 210 21.09 -36.51 -38.62
N LEU A 211 22.36 -36.35 -38.29
CA LEU A 211 23.00 -35.04 -38.41
C LEU A 211 23.12 -34.64 -39.86
N LEU A 212 23.15 -35.63 -40.75
CA LEU A 212 23.19 -35.33 -42.17
C LEU A 212 21.89 -34.68 -42.64
N ARG A 213 20.75 -35.23 -42.23
CA ARG A 213 19.45 -34.68 -42.60
C ARG A 213 19.38 -33.18 -42.36
N TRP A 214 20.16 -32.70 -41.39
CA TRP A 214 20.16 -31.27 -41.06
C TRP A 214 21.37 -30.54 -41.72
N GLY A 215 22.16 -31.27 -42.49
CA GLY A 215 23.23 -30.61 -43.21
C GLY A 215 24.51 -30.69 -42.42
N LEU A 216 24.52 -31.60 -41.47
CA LEU A 216 25.66 -31.69 -40.59
C LEU A 216 26.57 -32.86 -40.95
N THR A 217 27.72 -32.51 -41.48
CA THR A 217 28.71 -33.48 -41.89
C THR A 217 29.50 -34.05 -40.69
N THR A 218 29.83 -35.34 -40.75
CA THR A 218 30.69 -36.01 -39.78
C THR A 218 31.80 -36.74 -40.55
N PRO A 219 32.92 -36.04 -40.89
CA PRO A 219 33.91 -36.75 -41.73
C PRO A 219 34.46 -38.02 -41.09
N ASP A 220 35.39 -38.73 -41.73
CA ASP A 220 35.84 -39.90 -41.00
C ASP A 220 37.10 -39.57 -40.22
N LYS A 221 37.37 -38.27 -40.02
CA LYS A 221 38.33 -37.79 -39.02
C LYS A 221 37.66 -37.95 -37.62
N LYS A 222 37.24 -39.18 -37.32
CA LYS A 222 36.54 -39.61 -36.10
C LYS A 222 37.35 -40.72 -35.45
N HIS A 223 37.51 -40.70 -34.12
CA HIS A 223 38.10 -41.87 -33.46
C HIS A 223 37.06 -42.99 -33.38
N GLN A 224 37.41 -44.14 -33.97
CA GLN A 224 36.52 -45.30 -34.06
C GLN A 224 36.85 -46.44 -33.07
N LYS A 225 37.86 -47.23 -33.42
CA LYS A 225 38.29 -48.38 -32.63
C LYS A 225 39.41 -47.97 -31.70
N GLU A 226 39.70 -46.67 -31.64
CA GLU A 226 41.02 -46.28 -31.23
C GLU A 226 41.15 -45.53 -29.89
N PRO A 227 40.96 -46.22 -28.74
CA PRO A 227 41.58 -45.69 -27.52
C PRO A 227 43.09 -45.44 -27.75
N PRO A 228 43.67 -44.37 -27.20
CA PRO A 228 42.97 -43.35 -26.41
C PRO A 228 42.23 -42.39 -27.34
N PHE A 229 41.09 -41.88 -26.90
CA PHE A 229 40.39 -40.82 -27.64
C PHE A 229 40.89 -39.48 -27.16
N LEU A 230 41.08 -38.55 -28.09
CA LEU A 230 41.41 -37.20 -27.70
C LEU A 230 40.11 -36.46 -27.49
N TRP A 231 39.89 -35.98 -26.26
CA TRP A 231 38.68 -35.23 -25.91
C TRP A 231 38.97 -34.12 -24.92
N MET A 232 38.61 -32.89 -25.26
CA MET A 232 38.79 -31.75 -24.36
C MET A 232 40.18 -31.69 -23.72
N GLY A 233 41.25 -31.92 -24.46
CA GLY A 233 42.55 -31.85 -23.83
C GLY A 233 42.87 -33.06 -22.97
N TYR A 234 42.06 -34.12 -23.06
CA TYR A 234 42.33 -35.31 -22.26
C TYR A 234 42.54 -36.52 -23.17
N GLU A 235 43.18 -37.55 -22.63
CA GLU A 235 43.26 -38.86 -23.27
C GLU A 235 42.37 -39.87 -22.59
N LEU A 236 41.44 -40.44 -23.33
CA LEU A 236 40.51 -41.38 -22.74
C LEU A 236 40.79 -42.83 -23.04
N HIS A 237 40.96 -43.63 -22.00
CA HIS A 237 41.28 -45.05 -22.17
C HIS A 237 40.09 -45.85 -21.59
N PRO A 238 40.02 -47.16 -21.86
CA PRO A 238 38.82 -47.87 -21.38
C PRO A 238 38.60 -47.74 -19.87
N ASP A 239 39.67 -47.85 -19.09
CA ASP A 239 39.61 -47.62 -17.65
C ASP A 239 40.27 -46.38 -17.05
N LYS A 240 40.93 -45.59 -17.85
CA LYS A 240 41.65 -44.50 -17.24
C LYS A 240 41.62 -43.34 -18.20
N TRP A 241 42.01 -42.17 -17.74
CA TRP A 241 42.11 -40.97 -18.57
C TRP A 241 43.30 -40.19 -18.07
N THR A 242 43.80 -39.25 -18.85
CA THR A 242 44.86 -38.38 -18.34
C THR A 242 44.85 -37.11 -19.13
N VAL A 243 45.56 -36.09 -18.63
CA VAL A 243 45.74 -34.88 -19.39
C VAL A 243 46.69 -35.15 -20.52
N GLN A 244 46.45 -34.52 -21.66
CA GLN A 244 47.45 -34.53 -22.72
C GLN A 244 48.67 -33.81 -22.18
N PRO A 245 49.87 -34.35 -22.48
CA PRO A 245 51.10 -33.94 -21.80
C PRO A 245 51.28 -32.42 -21.72
N ILE A 246 51.75 -31.95 -20.58
CA ILE A 246 51.94 -30.53 -20.34
C ILE A 246 53.41 -30.10 -20.46
N VAL A 247 53.71 -29.18 -21.38
CA VAL A 247 55.08 -28.66 -21.48
C VAL A 247 55.28 -27.37 -20.68
N LEU A 248 56.20 -27.41 -19.72
CA LEU A 248 56.56 -26.24 -18.93
C LEU A 248 57.84 -25.58 -19.41
N PRO A 249 57.76 -24.27 -19.77
CA PRO A 249 58.92 -23.53 -20.28
C PRO A 249 60.20 -23.74 -19.45
N GLU A 250 61.35 -23.79 -20.15
CA GLU A 250 62.63 -24.10 -19.53
C GLU A 250 63.52 -22.87 -19.22
N LYS A 251 63.00 -21.67 -19.53
CA LYS A 251 63.81 -20.44 -19.69
C LYS A 251 64.82 -20.20 -18.57
N ASP A 252 66.01 -19.73 -18.95
CA ASP A 252 67.07 -19.41 -17.99
C ASP A 252 66.84 -18.07 -17.27
N SER A 253 66.24 -17.12 -17.99
CA SER A 253 65.89 -15.82 -17.43
C SER A 253 64.41 -15.58 -17.63
N TRP A 254 63.69 -15.35 -16.53
CA TRP A 254 62.23 -15.28 -16.60
C TRP A 254 61.66 -13.86 -16.70
N THR A 255 60.75 -13.68 -17.66
CA THR A 255 59.98 -12.44 -17.75
C THR A 255 58.72 -12.52 -16.88
N VAL A 256 57.82 -11.53 -17.00
CA VAL A 256 56.53 -11.64 -16.33
C VAL A 256 55.58 -12.58 -17.08
N ASN A 257 55.47 -12.39 -18.39
CA ASN A 257 54.67 -13.28 -19.26
C ASN A 257 55.05 -14.74 -19.10
N ASP A 258 56.34 -15.01 -18.90
CA ASP A 258 56.82 -16.35 -18.66
C ASP A 258 56.11 -16.99 -17.46
N ILE A 259 56.10 -16.29 -16.34
CA ILE A 259 55.45 -16.82 -15.15
C ILE A 259 53.93 -17.01 -15.27
N CYS A 260 53.24 -16.14 -16.02
CA CYS A 260 51.81 -16.31 -16.27
C CYS A 260 51.46 -17.58 -17.01
N LYS A 261 52.09 -17.79 -18.17
CA LYS A 261 51.91 -19.00 -18.93
C LYS A 261 52.18 -20.17 -17.97
N LEU A 262 53.37 -20.13 -17.35
CA LEU A 262 53.82 -21.13 -16.37
C LEU A 262 52.77 -21.48 -15.31
N VAL A 263 52.41 -20.48 -14.50
CA VAL A 263 51.38 -20.62 -13.46
C VAL A 263 50.09 -21.23 -13.99
N GLY A 264 49.57 -20.71 -15.10
CA GLY A 264 48.30 -21.18 -15.63
C GLY A 264 48.42 -22.61 -16.13
N LYS A 265 49.60 -22.99 -16.59
CA LYS A 265 49.86 -24.36 -17.00
C LYS A 265 49.81 -25.24 -15.73
N LEU A 266 50.43 -24.77 -14.65
CA LEU A 266 50.47 -25.54 -13.41
C LEU A 266 49.09 -25.69 -12.76
N ASN A 267 48.22 -24.71 -12.93
CA ASN A 267 46.85 -24.83 -12.44
C ASN A 267 46.05 -25.87 -13.21
N TRP A 268 46.27 -25.89 -14.52
CA TRP A 268 45.70 -26.93 -15.36
C TRP A 268 46.19 -28.31 -14.94
N ALA A 269 47.49 -28.41 -14.67
CA ALA A 269 48.08 -29.68 -14.24
C ALA A 269 47.52 -30.19 -12.91
N SER A 270 47.14 -29.26 -12.04
CA SER A 270 46.76 -29.63 -10.68
C SER A 270 45.44 -30.38 -10.60
N GLN A 271 44.74 -30.55 -11.71
CA GLN A 271 43.49 -31.32 -11.64
C GLN A 271 43.74 -32.80 -11.49
N ILE A 272 44.95 -33.23 -11.81
CA ILE A 272 45.29 -34.65 -11.71
C ILE A 272 46.58 -34.90 -10.88
N TYR A 273 47.71 -34.29 -11.24
CA TYR A 273 48.92 -34.44 -10.45
C TYR A 273 48.71 -33.80 -9.05
N PRO A 274 48.69 -34.63 -7.99
CA PRO A 274 48.46 -34.15 -6.63
C PRO A 274 49.59 -33.25 -6.15
N GLY A 275 49.27 -32.25 -5.32
CA GLY A 275 50.30 -31.48 -4.67
C GLY A 275 51.00 -30.36 -5.42
N ILE A 276 50.43 -29.90 -6.53
CA ILE A 276 51.03 -28.78 -7.23
C ILE A 276 50.84 -27.54 -6.37
N LYS A 277 51.89 -26.71 -6.30
CA LYS A 277 51.89 -25.48 -5.51
C LYS A 277 52.34 -24.32 -6.37
N VAL A 278 51.50 -23.31 -6.47
CA VAL A 278 51.83 -22.10 -7.19
C VAL A 278 52.18 -20.88 -6.31
N ARG A 279 52.10 -21.03 -4.99
CA ARG A 279 52.19 -19.89 -4.04
C ARG A 279 53.37 -18.94 -4.24
N GLN A 280 54.58 -19.49 -4.23
CA GLN A 280 55.79 -18.67 -4.24
C GLN A 280 56.05 -18.09 -5.62
N LEU A 281 55.70 -18.86 -6.66
CA LEU A 281 55.78 -18.38 -8.05
C LEU A 281 54.83 -17.24 -8.38
N SER A 282 53.68 -17.22 -7.73
CA SER A 282 52.68 -16.16 -7.95
C SER A 282 53.02 -14.88 -7.21
N LYS A 283 53.66 -15.04 -6.05
CA LYS A 283 54.20 -13.94 -5.24
C LYS A 283 55.06 -13.01 -6.12
N LEU A 284 55.68 -13.61 -7.13
CA LEU A 284 56.58 -12.92 -8.04
C LEU A 284 55.87 -11.92 -8.95
N LEU A 285 54.55 -12.03 -9.08
CA LEU A 285 53.84 -11.19 -10.03
C LEU A 285 53.24 -9.95 -9.39
N ARG A 286 53.45 -9.79 -8.09
CA ARG A 286 52.78 -8.73 -7.34
C ARG A 286 53.43 -7.37 -7.51
N GLY A 287 52.63 -6.41 -7.98
CA GLY A 287 53.11 -5.04 -8.13
C GLY A 287 54.17 -4.87 -9.19
N THR A 288 53.98 -5.56 -10.31
CA THR A 288 54.91 -5.43 -11.41
C THR A 288 54.18 -4.72 -12.56
N LYS A 289 54.92 -3.93 -13.32
CA LYS A 289 54.34 -3.08 -14.34
C LYS A 289 54.17 -3.82 -15.67
N ALA A 290 55.31 -4.18 -16.25
CA ALA A 290 55.37 -4.70 -17.62
C ALA A 290 55.24 -6.21 -17.66
N LEU A 291 54.33 -6.69 -18.49
CA LEU A 291 54.22 -8.12 -18.77
C LEU A 291 55.53 -8.62 -19.38
N THR A 292 56.25 -7.72 -20.05
CA THR A 292 57.52 -8.01 -20.73
C THR A 292 58.74 -8.03 -19.79
N GLU A 293 58.67 -7.25 -18.71
CA GLU A 293 59.77 -7.08 -17.75
C GLU A 293 60.34 -8.39 -17.23
N VAL A 294 61.66 -8.47 -17.09
CA VAL A 294 62.31 -9.68 -16.60
C VAL A 294 62.35 -9.59 -15.09
N ILE A 295 62.10 -10.70 -14.43
CA ILE A 295 62.14 -10.74 -12.97
C ILE A 295 62.81 -12.04 -12.47
N PRO A 296 63.63 -11.93 -11.41
CA PRO A 296 64.37 -13.06 -10.83
C PRO A 296 63.55 -13.97 -9.93
N LEU A 297 63.89 -15.25 -9.92
CA LEU A 297 63.17 -16.23 -9.11
C LEU A 297 63.74 -16.28 -7.68
N THR A 298 62.88 -16.13 -6.68
CA THR A 298 63.33 -16.22 -5.28
C THR A 298 63.78 -17.64 -5.01
N GLU A 299 64.56 -17.86 -3.95
CA GLU A 299 64.94 -19.22 -3.63
C GLU A 299 63.71 -19.99 -3.17
N GLU A 300 62.62 -19.26 -3.00
CA GLU A 300 61.37 -19.85 -2.58
C GLU A 300 60.70 -20.33 -3.85
N ALA A 301 60.40 -19.39 -4.75
CA ALA A 301 59.80 -19.73 -6.04
C ALA A 301 60.68 -20.67 -6.90
N GLU A 302 61.99 -20.68 -6.65
CA GLU A 302 62.90 -21.61 -7.33
C GLU A 302 62.74 -23.05 -6.82
N LEU A 303 62.71 -23.18 -5.49
CA LEU A 303 62.44 -24.45 -4.78
C LEU A 303 61.09 -25.09 -5.20
N GLU A 304 60.02 -24.32 -5.08
CA GLU A 304 58.65 -24.69 -5.48
C GLU A 304 58.66 -25.35 -6.88
N LEU A 305 59.08 -24.56 -7.87
CA LEU A 305 59.21 -24.97 -9.27
C LEU A 305 59.97 -26.28 -9.45
N ALA A 306 60.95 -26.51 -8.60
CA ALA A 306 61.73 -27.74 -8.69
C ALA A 306 60.81 -28.94 -8.37
N GLU A 307 60.16 -28.91 -7.21
CA GLU A 307 59.25 -29.99 -6.83
C GLU A 307 58.01 -30.10 -7.73
N ASN A 308 57.53 -28.98 -8.29
CA ASN A 308 56.40 -29.07 -9.23
C ASN A 308 56.79 -29.83 -10.50
N ARG A 309 57.97 -29.55 -11.06
CA ARG A 309 58.49 -30.28 -12.20
C ARG A 309 58.67 -31.76 -11.90
N GLU A 310 59.16 -32.07 -10.70
CA GLU A 310 59.32 -33.44 -10.23
C GLU A 310 58.03 -34.22 -10.05
N ILE A 311 56.97 -33.53 -9.64
CA ILE A 311 55.65 -34.13 -9.53
C ILE A 311 55.20 -34.60 -10.92
N LEU A 312 55.46 -33.74 -11.90
CA LEU A 312 55.08 -33.95 -13.29
C LEU A 312 55.85 -35.13 -13.90
N LYS A 313 57.05 -35.37 -13.38
CA LYS A 313 57.90 -36.46 -13.88
C LYS A 313 57.15 -37.81 -14.00
N GLU A 314 56.51 -38.25 -12.92
CA GLU A 314 55.83 -39.53 -12.92
C GLU A 314 54.44 -39.49 -13.55
N PRO A 315 54.16 -40.42 -14.47
CA PRO A 315 52.86 -40.38 -15.11
C PRO A 315 51.76 -40.74 -14.10
N VAL A 316 50.68 -39.98 -14.15
CA VAL A 316 49.51 -40.24 -13.33
C VAL A 316 48.26 -40.29 -14.21
N HIS A 317 47.20 -40.84 -13.64
CA HIS A 317 46.00 -40.99 -14.40
C HIS A 317 44.79 -40.92 -13.47
N GLY A 318 43.65 -40.53 -14.00
CA GLY A 318 42.47 -40.52 -13.18
C GLY A 318 41.66 -41.73 -13.60
N VAL A 319 40.64 -42.06 -12.82
CA VAL A 319 39.75 -43.17 -13.13
C VAL A 319 38.38 -42.57 -13.44
N TYR A 320 37.35 -43.40 -13.63
CA TYR A 320 36.03 -42.89 -13.94
C TYR A 320 35.05 -43.07 -12.79
N TYR A 321 33.82 -42.60 -13.00
CA TYR A 321 32.93 -42.48 -11.88
C TYR A 321 31.97 -43.67 -11.77
N ASP A 322 31.84 -44.22 -10.57
CA ASP A 322 31.01 -45.38 -10.36
C ASP A 322 29.86 -45.01 -9.42
N PRO A 323 28.74 -44.57 -9.99
CA PRO A 323 27.56 -44.06 -9.26
C PRO A 323 27.12 -44.97 -8.12
N SER A 324 27.49 -46.24 -8.18
CA SER A 324 27.08 -47.13 -7.11
C SER A 324 27.85 -46.82 -5.83
N LYS A 325 29.14 -46.54 -5.93
CA LYS A 325 29.99 -46.20 -4.78
C LYS A 325 29.96 -44.72 -4.31
N ASP A 326 30.29 -44.48 -3.03
CA ASP A 326 30.41 -43.10 -2.49
C ASP A 326 31.56 -42.28 -3.13
N LEU A 327 31.48 -40.95 -3.08
CA LEU A 327 32.64 -40.08 -3.40
C LEU A 327 33.38 -39.66 -2.14
N ILE A 328 34.69 -39.63 -2.18
CA ILE A 328 35.39 -39.21 -0.97
C ILE A 328 36.41 -38.15 -1.32
N ALA A 329 36.35 -37.04 -0.59
CA ALA A 329 37.34 -36.01 -0.73
C ALA A 329 38.15 -35.95 0.57
N GLU A 330 39.45 -36.14 0.41
CA GLU A 330 40.41 -35.96 1.50
C GLU A 330 41.26 -34.72 1.24
N ILE A 331 41.53 -33.97 2.32
CA ILE A 331 42.28 -32.73 2.25
C ILE A 331 43.54 -32.81 3.14
N GLN A 332 44.62 -32.30 2.59
CA GLN A 332 45.89 -32.17 3.26
C GLN A 332 46.23 -30.70 3.38
N LYS A 333 46.76 -30.29 4.54
CA LYS A 333 47.28 -28.92 4.69
C LYS A 333 48.67 -28.86 4.13
N GLN A 334 48.93 -27.93 3.22
CA GLN A 334 50.26 -27.80 2.61
C GLN A 334 51.16 -26.70 3.14
N GLY A 335 50.67 -25.90 4.08
CA GLY A 335 51.49 -24.81 4.59
C GLY A 335 51.33 -23.55 3.77
N GLN A 336 51.52 -22.42 4.43
CA GLN A 336 51.34 -21.08 3.86
C GLN A 336 49.99 -20.99 3.17
N GLY A 337 48.91 -21.20 3.92
CA GLY A 337 47.55 -21.13 3.38
C GLY A 337 47.39 -21.88 2.07
N GLN A 338 48.03 -23.03 1.97
CA GLN A 338 47.94 -23.85 0.78
C GLN A 338 47.35 -25.20 1.11
N TRP A 339 46.39 -25.62 0.29
CA TRP A 339 45.62 -26.82 0.55
C TRP A 339 45.50 -27.70 -0.70
N THR A 340 45.67 -29.02 -0.55
CA THR A 340 45.44 -29.91 -1.68
C THR A 340 44.43 -30.94 -1.30
N TYR A 341 43.76 -31.48 -2.31
CA TYR A 341 42.75 -32.47 -2.05
C TYR A 341 42.66 -33.52 -3.14
N GLN A 342 42.17 -34.69 -2.75
CA GLN A 342 41.92 -35.75 -3.69
C GLN A 342 40.48 -36.20 -3.57
N ILE A 343 39.79 -36.35 -4.70
CA ILE A 343 38.45 -36.93 -4.68
C ILE A 343 38.60 -38.29 -5.33
N TYR A 344 38.17 -39.33 -4.63
CA TYR A 344 38.34 -40.70 -5.10
C TYR A 344 37.16 -41.57 -4.65
N GLN A 345 37.13 -42.84 -5.07
CA GLN A 345 36.07 -43.75 -4.61
C GLN A 345 36.59 -45.00 -3.95
N GLU A 346 37.41 -45.72 -4.71
CA GLU A 346 38.24 -46.83 -4.21
C GLU A 346 39.51 -46.16 -3.79
N PRO A 347 40.02 -46.51 -2.60
CA PRO A 347 41.25 -45.86 -2.11
C PRO A 347 42.31 -45.86 -3.20
N PHE A 348 43.04 -44.77 -3.29
CA PHE A 348 44.19 -44.66 -4.19
C PHE A 348 43.87 -44.59 -5.69
N LYS A 349 42.60 -44.72 -6.06
CA LYS A 349 42.36 -44.47 -7.47
C LYS A 349 41.55 -43.17 -7.54
N ASN A 350 42.27 -42.09 -7.90
CA ASN A 350 41.73 -40.74 -7.86
C ASN A 350 40.88 -40.47 -9.06
N LEU A 351 39.72 -39.85 -8.82
CA LEU A 351 38.96 -39.19 -9.89
C LEU A 351 39.63 -37.90 -10.36
N LYS A 352 39.92 -36.99 -9.44
CA LYS A 352 40.68 -35.78 -9.79
C LYS A 352 41.31 -35.26 -8.54
N THR A 353 42.26 -34.35 -8.70
CA THR A 353 42.85 -33.69 -7.55
C THR A 353 42.69 -32.21 -7.69
N GLY A 354 43.19 -31.45 -6.74
CA GLY A 354 43.06 -30.01 -6.84
C GLY A 354 43.62 -29.27 -5.66
N LYS A 355 43.63 -27.96 -5.77
CA LYS A 355 44.17 -27.17 -4.68
C LYS A 355 43.27 -25.94 -4.37
N TYR A 356 43.28 -25.54 -3.10
CA TYR A 356 42.67 -24.30 -2.65
C TYR A 356 43.79 -23.51 -1.98
N ALA A 357 44.25 -22.45 -2.63
CA ALA A 357 45.31 -21.59 -2.05
C ALA A 357 44.84 -20.22 -1.54
N ARG A 358 43.58 -19.88 -1.75
CA ARG A 358 43.11 -18.49 -1.60
C ARG A 358 43.26 -17.92 -0.19
N MET A 359 43.91 -16.77 -0.12
CA MET A 359 43.99 -16.00 1.12
C MET A 359 42.84 -14.99 1.23
N ARG A 360 41.97 -15.28 2.18
CA ARG A 360 40.75 -14.55 2.39
C ARG A 360 40.72 -13.89 3.77
N GLY A 361 40.76 -12.56 3.81
CA GLY A 361 40.84 -11.85 5.09
C GLY A 361 42.20 -11.30 5.45
N ALA A 362 42.23 -10.27 6.27
CA ALA A 362 43.51 -9.75 6.71
C ALA A 362 44.00 -10.65 7.81
N HIS A 363 43.06 -11.16 8.61
CA HIS A 363 43.42 -12.07 9.69
C HIS A 363 42.56 -13.31 9.57
N THR A 364 43.15 -14.49 9.71
CA THR A 364 42.40 -15.72 9.49
C THR A 364 42.99 -16.88 10.28
N ASN A 365 42.39 -18.06 10.19
CA ASN A 365 43.06 -19.23 10.73
C ASN A 365 42.89 -20.48 9.86
N ASP A 366 43.48 -21.60 10.26
CA ASP A 366 43.41 -22.81 9.43
C ASP A 366 42.01 -23.39 9.37
N VAL A 367 41.26 -23.37 10.48
CA VAL A 367 39.89 -23.85 10.49
C VAL A 367 39.04 -23.12 9.46
N LYS A 368 39.12 -21.79 9.42
CA LYS A 368 38.38 -21.09 8.39
C LYS A 368 38.84 -21.49 6.95
N GLN A 369 40.13 -21.56 6.73
CA GLN A 369 40.58 -21.88 5.38
C GLN A 369 40.22 -23.30 5.04
N LEU A 370 40.14 -24.18 6.04
CA LEU A 370 39.70 -25.56 5.79
C LEU A 370 38.24 -25.53 5.33
N THR A 371 37.38 -24.82 6.09
CA THR A 371 36.00 -24.61 5.72
C THR A 371 35.86 -24.04 4.32
N GLU A 372 36.65 -23.04 4.02
CA GLU A 372 36.69 -22.49 2.67
C GLU A 372 36.96 -23.57 1.62
N ALA A 373 37.96 -24.44 1.85
CA ALA A 373 38.28 -25.50 0.88
C ALA A 373 37.19 -26.54 0.76
N VAL A 374 36.62 -26.93 1.90
CA VAL A 374 35.50 -27.85 1.87
C VAL A 374 34.37 -27.28 1.00
N GLN A 375 34.10 -25.99 1.08
CA GLN A 375 33.06 -25.44 0.23
C GLN A 375 33.51 -25.41 -1.20
N LYS A 376 34.74 -24.97 -1.47
CA LYS A 376 35.24 -25.02 -2.85
C LYS A 376 35.06 -26.42 -3.43
N ILE A 377 35.45 -27.42 -2.64
CA ILE A 377 35.35 -28.81 -3.11
C ILE A 377 33.91 -29.28 -3.28
N THR A 378 32.98 -28.86 -2.42
CA THR A 378 31.59 -29.21 -2.61
C THR A 378 30.94 -28.71 -3.91
N THR A 379 31.02 -27.43 -4.18
CA THR A 379 30.44 -26.91 -5.38
C THR A 379 31.00 -27.63 -6.60
N GLU A 380 32.31 -27.87 -6.57
CA GLU A 380 32.98 -28.53 -7.68
C GLU A 380 32.37 -29.88 -7.89
N SER A 381 32.27 -30.65 -6.81
CA SER A 381 31.63 -31.95 -6.86
C SER A 381 30.24 -31.86 -7.41
N ILE A 382 29.44 -30.94 -6.88
CA ILE A 382 28.05 -30.85 -7.34
C ILE A 382 27.95 -30.56 -8.84
N VAL A 383 28.87 -29.76 -9.36
CA VAL A 383 28.88 -29.56 -10.79
C VAL A 383 29.15 -30.85 -11.54
N ILE A 384 30.19 -31.55 -11.14
CA ILE A 384 30.63 -32.70 -11.92
C ILE A 384 29.83 -34.00 -11.73
N TRP A 385 29.62 -34.41 -10.49
CA TRP A 385 28.87 -35.62 -10.18
C TRP A 385 27.49 -35.29 -9.68
N GLY A 386 27.18 -34.03 -9.49
CA GLY A 386 25.88 -33.70 -8.91
C GLY A 386 25.60 -34.06 -7.47
N LYS A 387 26.62 -34.44 -6.72
CA LYS A 387 26.44 -34.82 -5.32
C LYS A 387 27.67 -34.38 -4.52
N THR A 388 27.53 -34.33 -3.20
CA THR A 388 28.62 -33.92 -2.31
C THR A 388 29.42 -35.14 -1.83
N PRO A 389 30.74 -35.08 -1.93
CA PRO A 389 31.56 -36.16 -1.35
C PRO A 389 31.48 -36.23 0.13
N LYS A 390 31.69 -37.42 0.63
CA LYS A 390 31.92 -37.65 2.04
C LYS A 390 33.37 -37.18 2.27
N PHE A 391 33.63 -36.49 3.39
CA PHE A 391 34.92 -35.79 3.56
C PHE A 391 35.80 -36.47 4.59
N LYS A 392 37.07 -36.56 4.22
CA LYS A 392 38.08 -36.98 5.18
C LYS A 392 39.07 -35.83 5.49
N LEU A 393 39.08 -35.35 6.73
CA LEU A 393 39.72 -34.06 7.12
C LEU A 393 40.78 -34.16 8.25
N PRO A 394 41.90 -33.47 8.12
CA PRO A 394 42.92 -33.56 9.16
C PRO A 394 42.65 -32.65 10.34
N ILE A 395 41.45 -32.70 10.87
CA ILE A 395 41.09 -31.92 12.01
C ILE A 395 40.31 -32.78 13.01
N GLN A 396 40.74 -32.76 14.25
CA GLN A 396 40.05 -33.55 15.24
C GLN A 396 38.55 -33.13 15.30
N LYS A 397 37.73 -34.09 15.63
CA LYS A 397 36.31 -33.88 15.65
C LYS A 397 35.95 -32.92 16.74
N GLU A 398 36.72 -32.94 17.82
CA GLU A 398 36.51 -32.01 18.92
C GLU A 398 37.03 -30.64 18.63
N THR A 399 38.12 -30.56 17.84
CA THR A 399 38.65 -29.27 17.44
C THR A 399 37.50 -28.55 16.78
N TRP A 400 36.94 -29.21 15.78
CA TRP A 400 35.84 -28.65 15.02
C TRP A 400 34.60 -28.29 15.85
N GLU A 401 34.17 -29.17 16.72
CA GLU A 401 33.00 -28.90 17.56
C GLU A 401 33.28 -27.63 18.38
N THR A 402 34.50 -27.51 18.91
CA THR A 402 34.84 -26.30 19.68
C THR A 402 34.77 -25.04 18.81
N TRP A 403 35.39 -25.07 17.64
CA TRP A 403 35.30 -23.89 16.80
C TRP A 403 33.86 -23.47 16.44
N TRP A 404 33.06 -24.33 15.81
CA TRP A 404 31.75 -23.93 15.26
C TRP A 404 30.77 -23.56 16.36
N THR A 405 30.79 -24.28 17.47
CA THR A 405 29.82 -23.94 18.52
C THR A 405 30.10 -22.58 19.07
N GLU A 406 31.35 -22.26 19.22
CA GLU A 406 31.76 -21.02 19.85
C GLU A 406 31.72 -19.80 18.92
N TYR A 407 32.06 -19.95 17.65
CA TYR A 407 32.06 -18.86 16.65
C TYR A 407 30.74 -18.09 16.58
N TRP A 408 30.78 -16.78 16.34
CA TRP A 408 29.53 -16.01 16.33
C TRP A 408 28.82 -16.10 15.00
N GLN A 409 29.49 -16.66 14.01
CA GLN A 409 28.90 -16.84 12.71
C GLN A 409 28.41 -18.26 12.47
N ALA A 410 27.34 -18.38 11.69
CA ALA A 410 26.80 -19.66 11.25
C ALA A 410 27.89 -20.35 10.46
N THR A 411 28.24 -21.57 10.86
CA THR A 411 29.24 -22.31 10.11
C THR A 411 28.97 -23.82 10.08
N TRP A 412 29.32 -24.44 8.98
CA TRP A 412 29.05 -25.84 8.83
C TRP A 412 29.96 -26.53 7.87
N ILE A 413 30.20 -27.80 8.19
CA ILE A 413 30.85 -28.72 7.28
C ILE A 413 29.91 -29.92 7.07
N PRO A 414 29.77 -30.40 5.82
CA PRO A 414 28.88 -31.56 5.56
C PRO A 414 29.42 -32.86 6.12
N GLU A 415 28.71 -33.97 5.97
CA GLU A 415 29.14 -35.22 6.62
C GLU A 415 30.61 -35.52 6.30
N TRP A 416 31.40 -35.75 7.36
CA TRP A 416 32.86 -35.85 7.25
C TRP A 416 33.42 -36.67 8.37
N GLU A 417 34.63 -37.19 8.17
CA GLU A 417 35.28 -37.92 9.26
C GLU A 417 36.77 -37.55 9.44
N PHE A 418 37.29 -37.83 10.64
CA PHE A 418 38.66 -37.49 10.96
C PHE A 418 39.69 -38.37 10.29
N VAL A 419 40.70 -37.78 9.67
CA VAL A 419 41.86 -38.55 9.22
C VAL A 419 43.16 -38.10 9.93
N ASN A 420 43.97 -39.03 10.44
CA ASN A 420 45.07 -38.65 11.33
C ASN A 420 46.34 -38.26 10.57
N THR A 421 46.26 -38.02 9.28
CA THR A 421 47.42 -37.48 8.56
C THR A 421 47.90 -36.08 8.97
N PRO A 422 49.09 -35.97 9.59
CA PRO A 422 49.56 -34.60 9.91
C PRO A 422 50.02 -33.81 8.70
N PRO A 423 50.16 -32.48 8.82
CA PRO A 423 49.86 -31.68 10.02
C PRO A 423 48.36 -31.55 10.33
N LEU A 424 47.97 -31.74 11.58
CA LEU A 424 46.56 -31.65 11.93
C LEU A 424 46.20 -30.19 12.05
N VAL A 425 44.96 -29.83 11.71
CA VAL A 425 44.46 -28.48 11.93
C VAL A 425 43.97 -28.26 13.35
N LYS A 426 44.51 -27.24 14.03
CA LYS A 426 44.03 -26.93 15.40
C LYS A 426 43.73 -25.47 15.68
N LEU A 427 43.14 -25.24 16.82
CA LEU A 427 43.10 -23.88 17.33
C LEU A 427 44.29 -23.66 18.28
N TRP A 428 45.04 -22.60 18.00
CA TRP A 428 46.28 -22.42 18.69
C TRP A 428 46.12 -21.76 20.03
N TYR A 429 44.99 -21.10 20.25
CA TYR A 429 44.72 -20.60 21.58
C TYR A 429 43.23 -20.48 21.80
N GLN A 430 42.83 -20.33 23.06
CA GLN A 430 41.43 -20.19 23.41
C GLN A 430 41.20 -19.13 24.50
N LEU A 431 40.34 -18.14 24.24
CA LEU A 431 40.02 -17.19 25.31
C LEU A 431 39.09 -17.78 26.37
N GLU A 432 39.37 -17.55 27.66
CA GLU A 432 38.45 -18.02 28.71
C GLU A 432 37.10 -17.33 28.53
N LYS A 433 36.05 -17.99 28.99
CA LYS A 433 34.70 -17.43 28.97
C LYS A 433 34.43 -16.62 30.22
N GLU A 434 35.27 -16.76 31.23
CA GLU A 434 35.06 -16.03 32.48
C GLU A 434 36.37 -15.44 33.02
N PRO A 435 36.31 -14.27 33.66
CA PRO A 435 37.54 -13.67 34.18
C PRO A 435 38.27 -14.61 35.10
N ILE A 436 39.60 -14.56 35.05
CA ILE A 436 40.45 -15.51 35.75
C ILE A 436 40.75 -15.05 37.15
N VAL A 437 40.39 -15.85 38.15
CA VAL A 437 40.65 -15.48 39.55
C VAL A 437 42.16 -15.55 39.80
N GLY A 438 42.67 -14.54 40.50
CA GLY A 438 44.08 -14.56 40.83
C GLY A 438 45.02 -14.12 39.70
N ALA A 439 44.48 -13.79 38.53
CA ALA A 439 45.29 -13.27 37.46
C ALA A 439 45.30 -11.74 37.47
N GLU A 440 46.44 -11.17 37.12
CA GLU A 440 46.53 -9.73 37.12
C GLU A 440 45.58 -9.19 36.03
N THR A 441 44.91 -8.09 36.32
CA THR A 441 43.98 -7.50 35.39
C THR A 441 44.64 -6.27 34.80
N PHE A 442 44.90 -6.26 33.50
CA PHE A 442 45.48 -5.12 32.80
C PHE A 442 44.43 -4.28 32.07
N TYR A 443 44.17 -3.07 32.47
CA TYR A 443 43.38 -2.19 31.61
C TYR A 443 44.23 -1.50 30.55
N VAL A 444 43.91 -1.67 29.26
CA VAL A 444 44.78 -1.19 28.19
C VAL A 444 44.05 -0.16 27.38
N ASP A 445 44.78 0.82 26.86
CA ASP A 445 44.24 1.74 25.89
C ASP A 445 45.38 2.26 25.06
N GLY A 446 45.03 2.92 23.97
CA GLY A 446 45.98 3.70 23.22
C GLY A 446 45.26 4.75 22.44
N ALA A 447 45.93 5.84 22.19
CA ALA A 447 45.33 6.87 21.38
C ALA A 447 46.40 7.39 20.46
N ALA A 448 46.00 8.09 19.41
CA ALA A 448 46.97 8.63 18.49
C ALA A 448 46.32 9.83 17.89
N ASN A 449 47.18 10.75 17.45
CA ASN A 449 46.75 12.04 16.93
C ASN A 449 46.68 11.93 15.43
N ARG A 450 45.49 12.20 14.89
CA ARG A 450 45.25 12.10 13.47
C ARG A 450 46.22 12.91 12.62
N GLU A 451 46.58 14.11 13.10
CA GLU A 451 47.53 14.95 12.39
C GLU A 451 49.00 14.60 12.59
N THR A 452 49.45 14.41 13.83
CA THR A 452 50.86 14.09 14.02
C THR A 452 51.13 12.71 13.55
N LYS A 453 50.10 11.86 13.72
CA LYS A 453 50.23 10.43 13.54
C LYS A 453 51.16 9.88 14.63
N LEU A 454 51.16 10.60 15.74
CA LEU A 454 51.96 10.20 16.89
C LEU A 454 50.99 9.69 17.95
N GLY A 455 51.45 8.80 18.80
CA GLY A 455 50.54 8.19 19.76
C GLY A 455 51.21 7.50 20.92
N LYS A 456 50.37 7.01 21.83
CA LYS A 456 50.78 6.29 23.03
C LYS A 456 49.97 5.01 23.16
N ALA A 457 50.58 4.00 23.75
CA ALA A 457 49.90 2.75 24.07
C ALA A 457 50.31 2.33 25.43
N GLY A 458 49.38 2.04 26.32
CA GLY A 458 49.82 1.73 27.67
C GLY A 458 48.85 0.95 28.49
N TYR A 459 49.11 0.79 29.76
CA TYR A 459 48.21 -0.02 30.54
C TYR A 459 48.33 0.36 31.96
N VAL A 460 47.31 0.00 32.72
CA VAL A 460 47.34 0.20 34.16
C VAL A 460 46.86 -1.08 34.77
N THR A 461 47.25 -1.39 35.98
CA THR A 461 46.84 -2.66 36.57
C THR A 461 46.38 -2.59 38.00
N ASN A 462 45.66 -3.60 38.49
CA ASN A 462 45.13 -3.62 39.86
C ASN A 462 46.26 -3.73 40.89
N LYS A 463 47.41 -4.22 40.43
CA LYS A 463 48.55 -4.51 41.29
C LYS A 463 49.48 -3.32 41.36
N GLY A 464 49.11 -2.26 40.65
CA GLY A 464 49.86 -1.04 40.67
C GLY A 464 50.75 -0.91 39.44
N ARG A 465 51.02 -2.02 38.75
CA ARG A 465 51.92 -2.02 37.58
C ARG A 465 51.42 -1.08 36.55
N GLN A 466 52.30 -0.48 35.77
CA GLN A 466 51.87 0.49 34.79
C GLN A 466 52.90 0.61 33.65
N LYS A 467 52.46 1.15 32.51
CA LYS A 467 53.38 1.52 31.45
C LYS A 467 52.71 2.43 30.46
N VAL A 468 53.51 3.29 29.80
CA VAL A 468 53.06 4.06 28.66
C VAL A 468 54.22 4.09 27.70
N VAL A 469 53.96 3.86 26.43
CA VAL A 469 55.00 3.77 25.44
C VAL A 469 54.65 4.76 24.34
N PRO A 470 55.60 5.62 23.92
CA PRO A 470 55.31 6.56 22.82
C PRO A 470 55.47 5.90 21.46
N LEU A 471 54.67 6.27 20.46
CA LEU A 471 54.72 5.58 19.16
C LEU A 471 54.58 6.59 18.04
N THR A 472 55.11 6.25 16.86
CA THR A 472 55.39 7.19 15.77
C THR A 472 54.75 6.74 14.47
N ASN A 473 54.07 7.65 13.78
CA ASN A 473 53.53 7.35 12.45
C ASN A 473 52.61 6.14 12.59
N THR A 474 51.61 6.31 13.46
CA THR A 474 50.67 5.28 13.86
C THR A 474 49.21 5.72 13.69
N THR A 475 48.28 4.86 14.13
CA THR A 475 46.87 5.17 14.06
C THR A 475 46.19 4.76 15.34
N ASN A 476 44.98 5.22 15.52
CA ASN A 476 44.26 4.87 16.73
C ASN A 476 44.09 3.36 16.88
N GLN A 477 43.66 2.71 15.80
CA GLN A 477 43.55 1.27 15.81
C GLN A 477 44.87 0.62 16.22
N LYS A 478 45.98 0.98 15.58
CA LYS A 478 47.28 0.33 15.87
C LYS A 478 47.67 0.51 17.35
N THR A 479 47.32 1.63 17.94
CA THR A 479 47.78 1.87 19.28
C THR A 479 46.95 1.00 20.19
N GLU A 480 45.72 0.74 19.82
CA GLU A 480 44.89 -0.14 20.64
C GLU A 480 45.43 -1.57 20.54
N LEU A 481 45.83 -2.00 19.35
CA LEU A 481 46.40 -3.32 19.24
C LEU A 481 47.63 -3.39 20.10
N GLN A 482 48.43 -2.34 19.96
CA GLN A 482 49.67 -2.18 20.71
C GLN A 482 49.47 -2.28 22.23
N ALA A 483 48.53 -1.53 22.80
CA ALA A 483 48.23 -1.68 24.23
C ALA A 483 47.98 -3.13 24.67
N ILE A 484 47.24 -3.91 23.87
CA ILE A 484 46.99 -5.31 24.22
C ILE A 484 48.28 -6.11 24.17
N TYR A 485 49.06 -5.91 23.10
CA TYR A 485 50.37 -6.55 23.00
C TYR A 485 51.23 -6.29 24.25
N LEU A 486 51.22 -5.05 24.74
CA LEU A 486 52.01 -4.73 25.90
C LEU A 486 51.45 -5.54 27.05
N ALA A 487 50.14 -5.52 27.25
CA ALA A 487 49.59 -6.28 28.37
C ALA A 487 49.96 -7.75 28.30
N LEU A 488 49.98 -8.31 27.08
CA LEU A 488 50.40 -9.70 26.94
C LEU A 488 51.85 -9.85 27.30
N GLN A 489 52.71 -9.04 26.71
CA GLN A 489 54.14 -9.07 27.05
C GLN A 489 54.47 -8.93 28.53
N ASP A 490 53.86 -7.99 29.23
CA ASP A 490 54.34 -7.74 30.56
C ASP A 490 53.65 -8.60 31.62
N SER A 491 52.86 -9.56 31.20
CA SER A 491 52.00 -10.27 32.14
C SER A 491 52.41 -11.75 32.28
N GLY A 492 51.95 -12.36 33.34
CA GLY A 492 52.17 -13.78 33.57
C GLY A 492 51.41 -14.75 32.66
N LEU A 493 51.49 -16.03 32.98
CA LEU A 493 50.84 -17.05 32.16
C LEU A 493 49.31 -16.98 32.18
N GLU A 494 48.71 -16.28 33.13
CA GLU A 494 47.29 -16.06 33.12
C GLU A 494 46.99 -14.60 33.24
N VAL A 495 46.08 -14.05 32.47
CA VAL A 495 45.92 -12.61 32.48
C VAL A 495 44.48 -12.19 32.10
N ASN A 496 43.96 -11.18 32.77
CA ASN A 496 42.72 -10.55 32.38
C ASN A 496 43.07 -9.26 31.72
N ILE A 497 42.57 -9.06 30.53
CA ILE A 497 42.80 -7.81 29.84
C ILE A 497 41.49 -7.09 29.56
N VAL A 498 41.35 -5.82 29.97
CA VAL A 498 40.16 -5.05 29.64
C VAL A 498 40.49 -3.94 28.65
N THR A 499 39.92 -4.01 27.44
CA THR A 499 40.07 -2.99 26.39
C THR A 499 38.77 -2.28 26.11
N ASN A 500 38.81 -1.05 25.60
CA ASN A 500 37.58 -0.51 25.06
C ASN A 500 37.53 -0.55 23.56
N SER A 501 38.55 -1.16 22.94
CA SER A 501 38.61 -1.24 21.49
C SER A 501 37.76 -2.35 20.84
N GLN A 502 36.76 -1.99 20.05
CA GLN A 502 35.93 -2.97 19.32
C GLN A 502 36.74 -3.65 18.24
N TYR A 503 37.43 -2.83 17.47
CA TYR A 503 38.30 -3.32 16.43
C TYR A 503 39.27 -4.42 16.88
N ALA A 504 40.04 -4.15 17.94
CA ALA A 504 41.04 -5.09 18.44
C ALA A 504 40.34 -6.37 18.93
N LEU A 505 39.30 -6.19 19.74
CA LEU A 505 38.57 -7.30 20.32
C LEU A 505 37.95 -8.25 19.27
N GLY A 506 37.41 -7.72 18.20
CA GLY A 506 36.84 -8.55 17.18
C GLY A 506 37.88 -9.36 16.45
N ILE A 507 39.02 -8.76 16.13
CA ILE A 507 40.11 -9.50 15.54
C ILE A 507 40.52 -10.69 16.39
N ILE A 508 40.72 -10.46 17.69
CA ILE A 508 41.33 -11.49 18.50
C ILE A 508 40.32 -12.58 18.85
N GLN A 509 39.04 -12.21 18.94
CA GLN A 509 38.04 -13.18 19.34
C GLN A 509 37.80 -14.26 18.30
N ALA A 510 38.16 -13.97 17.07
CA ALA A 510 37.97 -14.90 16.00
C ALA A 510 39.13 -15.82 15.90
N GLN A 511 39.97 -15.79 16.93
CA GLN A 511 41.11 -16.71 17.08
C GLN A 511 41.94 -16.88 15.82
N PRO A 512 42.48 -15.77 15.25
CA PRO A 512 43.35 -15.86 14.07
C PRO A 512 44.65 -16.58 14.40
N ASP A 513 45.14 -17.44 13.51
CA ASP A 513 46.51 -17.94 13.65
C ASP A 513 47.48 -17.30 12.68
N LYS A 514 47.01 -16.43 11.80
CA LYS A 514 47.88 -15.85 10.77
C LYS A 514 47.34 -14.46 10.43
N SER A 515 48.23 -13.50 10.17
CA SER A 515 47.77 -12.16 9.85
C SER A 515 48.69 -11.51 8.82
N GLU A 516 48.10 -10.62 8.05
CA GLU A 516 48.87 -9.76 7.16
C GLU A 516 49.66 -8.77 8.01
N SER A 517 49.08 -8.38 9.14
CA SER A 517 49.63 -7.39 10.05
C SER A 517 50.68 -8.02 10.92
N GLU A 518 51.88 -7.44 10.96
CA GLU A 518 52.95 -8.00 11.77
C GLU A 518 52.63 -7.88 13.24
N LEU A 519 51.94 -6.80 13.58
CA LEU A 519 51.56 -6.57 14.97
C LEU A 519 50.59 -7.62 15.48
N VAL A 520 49.65 -8.00 14.63
CA VAL A 520 48.71 -9.05 15.01
C VAL A 520 49.42 -10.37 15.20
N ASN A 521 50.34 -10.68 14.29
CA ASN A 521 51.17 -11.87 14.47
C ASN A 521 51.90 -11.98 15.77
N GLN A 522 52.45 -10.88 16.29
CA GLN A 522 53.15 -10.94 17.56
C GLN A 522 52.15 -11.16 18.69
N ILE A 523 50.98 -10.53 18.56
CA ILE A 523 49.92 -10.72 19.54
C ILE A 523 49.56 -12.19 19.53
N ILE A 524 49.34 -12.75 18.33
CA ILE A 524 49.06 -14.17 18.19
C ILE A 524 50.13 -15.00 18.89
N GLU A 525 51.36 -14.70 18.53
CA GLU A 525 52.54 -15.34 19.09
C GLU A 525 52.53 -15.33 20.60
N GLN A 526 52.07 -14.25 21.21
CA GLN A 526 52.00 -14.18 22.68
C GLN A 526 50.84 -14.99 23.27
N LEU A 527 49.67 -14.85 22.62
CA LEU A 527 48.48 -15.59 22.98
C LEU A 527 48.76 -17.10 23.08
N ILE A 528 49.47 -17.64 22.09
CA ILE A 528 49.81 -19.03 22.15
C ILE A 528 50.65 -19.41 23.39
N LYS A 529 51.44 -18.50 23.93
CA LYS A 529 52.27 -18.88 25.07
C LYS A 529 51.49 -18.82 26.37
N LYS A 530 50.40 -18.08 26.42
CA LYS A 530 49.68 -18.00 27.69
C LYS A 530 48.89 -19.28 28.01
N GLU A 531 48.69 -19.53 29.28
CA GLU A 531 47.77 -20.57 29.72
C GLU A 531 46.33 -20.10 29.71
N LYS A 532 46.08 -18.91 30.20
CA LYS A 532 44.74 -18.37 30.21
C LYS A 532 44.66 -16.88 29.88
N VAL A 533 43.90 -16.51 28.88
CA VAL A 533 43.67 -15.09 28.62
C VAL A 533 42.17 -14.79 28.66
N TYR A 534 41.74 -13.85 29.47
CA TYR A 534 40.37 -13.35 29.40
C TYR A 534 40.34 -11.91 28.93
N LEU A 535 39.74 -11.69 27.78
CA LEU A 535 39.53 -10.39 27.18
C LEU A 535 38.12 -9.87 27.40
N ALA A 536 37.99 -8.66 27.90
CA ALA A 536 36.68 -8.06 28.16
C ALA A 536 36.68 -6.67 27.57
N TRP A 537 35.50 -6.19 27.20
CA TRP A 537 35.30 -4.90 26.55
C TRP A 537 34.44 -4.00 27.46
N VAL A 538 34.79 -2.72 27.56
CA VAL A 538 33.97 -1.76 28.30
C VAL A 538 33.83 -0.60 27.33
N PRO A 539 32.77 0.20 27.49
CA PRO A 539 32.68 1.33 26.57
C PRO A 539 33.64 2.45 27.00
N ALA A 540 34.19 3.17 26.03
CA ALA A 540 35.12 4.23 26.36
C ALA A 540 34.39 5.42 26.98
N HIS A 541 35.09 6.21 27.80
CA HIS A 541 34.53 7.49 28.25
C HIS A 541 33.29 7.36 29.09
N LYS A 542 33.11 6.24 29.78
CA LYS A 542 32.00 6.17 30.72
C LYS A 542 32.47 6.36 32.13
N GLY A 543 33.76 6.68 32.28
CA GLY A 543 34.31 6.86 33.60
C GLY A 543 34.29 5.53 34.33
N ILE A 544 34.66 4.49 33.59
CA ILE A 544 34.71 3.15 34.13
C ILE A 544 36.09 2.88 34.66
N GLY A 545 36.16 2.57 35.95
CA GLY A 545 37.24 1.77 36.47
C GLY A 545 38.65 2.12 36.05
N GLY A 546 39.39 1.11 35.64
CA GLY A 546 40.76 1.33 35.25
C GLY A 546 40.77 1.97 33.87
N ASN A 547 39.68 1.78 33.14
CA ASN A 547 39.59 2.30 31.79
C ASN A 547 39.74 3.81 31.68
N GLU A 548 39.14 4.52 32.64
CA GLU A 548 39.25 5.96 32.71
C GLU A 548 40.74 6.38 32.91
N GLN A 549 41.41 5.74 33.86
CA GLN A 549 42.80 6.06 34.20
C GLN A 549 43.80 5.88 33.07
N VAL A 550 43.72 4.78 32.35
CA VAL A 550 44.66 4.53 31.26
C VAL A 550 44.27 5.33 30.02
N ASP A 551 42.99 5.75 29.95
CA ASP A 551 42.57 6.67 28.87
C ASP A 551 43.25 8.03 28.99
N LYS A 552 43.29 8.56 30.23
CA LYS A 552 44.07 9.74 30.58
C LYS A 552 45.54 9.60 30.16
N LEU A 553 46.21 8.62 30.74
CA LEU A 553 47.62 8.34 30.51
C LEU A 553 48.03 8.36 29.02
N VAL A 554 47.22 7.78 28.16
CA VAL A 554 47.61 7.63 26.76
C VAL A 554 47.16 8.79 25.86
N SER A 555 46.30 9.67 26.37
CA SER A 555 46.12 11.00 25.75
C SER A 555 47.27 12.01 25.97
N ALA A 556 47.69 12.20 27.22
CA ALA A 556 48.73 13.18 27.61
C ALA A 556 49.84 13.43 26.56
N PRO B 3 -44.28 37.82 -38.09
CA PRO B 3 -43.07 37.15 -38.57
C PRO B 3 -43.12 35.64 -38.47
N ILE B 4 -41.98 35.05 -38.12
CA ILE B 4 -41.86 33.59 -38.08
C ILE B 4 -41.46 33.06 -36.69
N SER B 5 -41.48 31.75 -36.49
CA SER B 5 -41.23 31.15 -35.17
C SER B 5 -40.06 30.14 -35.13
N PRO B 6 -38.96 30.42 -34.38
CA PRO B 6 -37.84 29.46 -34.47
C PRO B 6 -37.93 28.09 -33.75
N ILE B 7 -38.24 28.15 -32.46
CA ILE B 7 -38.13 27.02 -31.50
C ILE B 7 -39.02 27.26 -30.29
N GLU B 8 -39.38 26.18 -29.59
CA GLU B 8 -40.37 26.27 -28.50
C GLU B 8 -40.07 27.35 -27.46
N THR B 9 -41.09 28.09 -27.07
CA THR B 9 -40.93 29.23 -26.20
C THR B 9 -41.34 28.79 -24.79
N VAL B 10 -40.72 29.37 -23.77
CA VAL B 10 -41.00 28.92 -22.43
C VAL B 10 -41.88 29.96 -21.72
N PRO B 11 -43.12 29.55 -21.41
CA PRO B 11 -44.14 30.37 -20.79
C PRO B 11 -43.64 31.09 -19.56
N VAL B 12 -44.08 32.31 -19.31
CA VAL B 12 -43.56 33.08 -18.18
C VAL B 12 -44.67 34.01 -17.69
N LYS B 13 -44.69 34.28 -16.39
CA LYS B 13 -45.66 35.21 -15.79
C LYS B 13 -44.90 36.22 -14.96
N LEU B 14 -45.61 37.06 -14.23
CA LEU B 14 -44.95 37.78 -13.15
C LEU B 14 -45.62 37.37 -11.86
N LYS B 15 -45.11 37.86 -10.74
CA LYS B 15 -45.68 37.50 -9.46
C LYS B 15 -47.09 38.07 -9.46
N PRO B 16 -48.11 37.18 -9.38
CA PRO B 16 -49.49 37.52 -9.79
C PRO B 16 -49.94 38.81 -9.13
N GLY B 17 -50.78 39.58 -9.81
CA GLY B 17 -51.17 40.88 -9.27
C GLY B 17 -49.98 41.82 -9.07
N MET B 18 -49.21 42.00 -10.16
CA MET B 18 -48.08 42.92 -10.18
C MET B 18 -47.77 43.31 -11.62
N ASP B 19 -47.02 44.39 -11.78
CA ASP B 19 -46.86 44.99 -13.10
C ASP B 19 -45.43 45.47 -13.30
N GLY B 20 -45.10 45.79 -14.54
CA GLY B 20 -43.71 46.00 -14.93
C GLY B 20 -43.04 47.22 -14.37
N PRO B 21 -41.80 47.48 -14.84
CA PRO B 21 -40.88 48.47 -14.27
C PRO B 21 -41.15 49.88 -14.81
N LYS B 22 -40.83 50.89 -14.02
CA LYS B 22 -40.90 52.27 -14.47
C LYS B 22 -39.68 52.98 -13.87
N VAL B 23 -38.67 53.22 -14.71
CA VAL B 23 -37.48 54.00 -14.35
C VAL B 23 -36.83 54.61 -15.60
N LYS B 24 -36.13 55.72 -15.45
CA LYS B 24 -35.61 56.39 -16.64
C LYS B 24 -34.11 56.15 -16.88
N GLN B 25 -33.64 56.68 -18.01
CA GLN B 25 -32.32 56.38 -18.54
C GLN B 25 -31.21 56.88 -17.64
N TRP B 26 -30.08 56.17 -17.63
CA TRP B 26 -28.88 56.73 -17.02
C TRP B 26 -28.42 57.91 -17.86
N PRO B 27 -27.70 58.86 -17.23
CA PRO B 27 -27.03 59.91 -18.01
C PRO B 27 -25.80 59.28 -18.66
N LEU B 28 -26.02 58.53 -19.75
CA LEU B 28 -24.95 57.78 -20.38
C LEU B 28 -24.01 58.59 -21.29
N THR B 29 -22.77 58.09 -21.38
CA THR B 29 -21.68 58.75 -22.11
C THR B 29 -22.07 58.99 -23.55
N GLU B 30 -21.58 60.09 -24.13
CA GLU B 30 -21.88 60.38 -25.52
C GLU B 30 -21.39 59.23 -26.41
N GLU B 31 -20.28 58.59 -26.04
CA GLU B 31 -19.77 57.45 -26.82
C GLU B 31 -20.58 56.19 -26.55
N LYS B 32 -20.97 55.98 -25.29
CA LYS B 32 -21.88 54.90 -24.92
C LYS B 32 -23.15 54.96 -25.78
N ILE B 33 -23.80 56.12 -25.77
CA ILE B 33 -25.07 56.33 -26.47
C ILE B 33 -25.01 55.94 -27.94
N LYS B 34 -24.02 56.47 -28.66
CA LYS B 34 -23.82 56.16 -30.07
C LYS B 34 -23.35 54.71 -30.25
N ALA B 35 -22.72 54.16 -29.21
CA ALA B 35 -22.33 52.75 -29.21
C ALA B 35 -23.56 51.83 -29.14
N LEU B 36 -24.55 52.20 -28.34
CA LEU B 36 -25.76 51.39 -28.23
C LEU B 36 -26.60 51.49 -29.49
N VAL B 37 -26.77 52.71 -29.99
CA VAL B 37 -27.54 52.97 -31.21
C VAL B 37 -27.01 52.10 -32.35
N GLU B 38 -25.69 51.88 -32.32
CA GLU B 38 -25.00 51.04 -33.29
C GLU B 38 -25.57 49.63 -33.34
N ILE B 39 -25.57 48.95 -32.20
CA ILE B 39 -26.04 47.57 -32.09
C ILE B 39 -27.57 47.43 -32.08
N CYS B 40 -28.26 48.36 -31.41
CA CYS B 40 -29.72 48.35 -31.35
C CYS B 40 -30.37 48.35 -32.73
N THR B 41 -29.96 49.30 -33.56
CA THR B 41 -30.45 49.39 -34.94
C THR B 41 -30.18 48.09 -35.69
N GLU B 42 -29.03 47.46 -35.39
CA GLU B 42 -28.70 46.16 -35.97
C GLU B 42 -29.79 45.18 -35.58
N MET B 43 -30.08 45.14 -34.28
CA MET B 43 -30.98 44.15 -33.70
C MET B 43 -32.30 44.10 -34.47
N GLU B 44 -32.99 45.24 -34.56
CA GLU B 44 -34.33 45.27 -35.17
C GLU B 44 -34.35 44.64 -36.55
N LYS B 45 -33.25 44.82 -37.29
CA LYS B 45 -33.12 44.25 -38.62
C LYS B 45 -33.27 42.73 -38.56
N GLU B 46 -32.85 42.16 -37.44
CA GLU B 46 -32.86 40.71 -37.24
C GLU B 46 -34.06 40.16 -36.43
N GLY B 47 -34.89 41.06 -35.91
CA GLY B 47 -36.07 40.68 -35.14
C GLY B 47 -35.76 40.49 -33.66
N LYS B 48 -34.59 40.95 -33.27
CA LYS B 48 -34.13 40.87 -31.90
C LYS B 48 -34.78 41.97 -31.07
N ILE B 49 -34.77 43.19 -31.58
CA ILE B 49 -35.35 44.30 -30.83
C ILE B 49 -36.60 44.76 -31.60
N SER B 50 -37.39 45.68 -31.05
CA SER B 50 -38.59 46.17 -31.73
C SER B 50 -38.98 47.58 -31.29
N LYS B 51 -39.55 48.35 -32.22
CA LYS B 51 -40.04 49.70 -31.92
C LYS B 51 -41.36 49.60 -31.16
N ILE B 52 -41.76 50.68 -30.49
CA ILE B 52 -43.03 50.65 -29.75
C ILE B 52 -43.71 52.02 -29.67
N GLY B 53 -45.04 52.00 -29.72
CA GLY B 53 -45.86 53.17 -29.54
C GLY B 53 -45.80 53.69 -28.11
N PRO B 54 -46.49 54.81 -27.83
CA PRO B 54 -46.69 55.32 -26.46
C PRO B 54 -47.43 54.32 -25.57
N GLU B 55 -47.97 53.27 -26.20
CA GLU B 55 -48.76 52.21 -25.55
C GLU B 55 -48.01 51.37 -24.52
N ASN B 56 -46.73 51.64 -24.35
CA ASN B 56 -45.84 50.80 -23.56
C ASN B 56 -45.30 51.49 -22.31
N PRO B 57 -46.08 51.49 -21.21
CA PRO B 57 -45.76 52.32 -20.04
C PRO B 57 -44.67 51.72 -19.13
N TYR B 58 -43.57 51.23 -19.70
CA TYR B 58 -42.49 50.61 -18.93
C TYR B 58 -41.12 51.06 -19.41
N ASN B 59 -40.28 51.49 -18.50
CA ASN B 59 -38.91 51.81 -18.88
C ASN B 59 -37.95 51.21 -17.87
N THR B 60 -36.84 50.70 -18.42
CA THR B 60 -35.72 50.20 -17.64
C THR B 60 -34.41 50.67 -18.31
N PRO B 61 -33.39 51.03 -17.51
CA PRO B 61 -32.12 51.58 -17.98
C PRO B 61 -31.37 50.66 -18.93
N VAL B 62 -30.16 51.05 -19.30
CA VAL B 62 -29.33 50.24 -20.20
C VAL B 62 -27.95 50.88 -20.39
N PHE B 63 -26.97 50.06 -20.78
CA PHE B 63 -25.56 50.45 -20.88
C PHE B 63 -24.79 49.36 -21.63
N ALA B 64 -23.46 49.44 -21.61
CA ALA B 64 -22.62 48.39 -22.17
C ALA B 64 -21.23 48.38 -21.56
N ILE B 65 -20.54 47.25 -21.70
CA ILE B 65 -19.14 47.11 -21.32
C ILE B 65 -18.39 46.30 -22.38
N LYS B 66 -17.10 46.60 -22.58
CA LYS B 66 -16.30 45.87 -23.56
C LYS B 66 -16.23 44.37 -23.25
N LYS B 67 -16.58 43.53 -24.23
CA LYS B 67 -16.35 42.10 -24.12
C LYS B 67 -14.87 41.89 -23.85
N LYS B 68 -14.53 41.20 -22.76
CA LYS B 68 -13.12 41.12 -22.34
C LYS B 68 -12.26 40.65 -23.53
N ASP B 69 -11.12 41.31 -23.71
CA ASP B 69 -10.20 41.05 -24.80
C ASP B 69 -10.96 41.09 -26.14
N SER B 70 -11.74 42.14 -26.36
CA SER B 70 -12.37 42.33 -27.67
C SER B 70 -12.71 43.77 -28.01
N THR B 71 -12.67 44.08 -29.29
CA THR B 71 -13.06 45.39 -29.78
C THR B 71 -14.58 45.61 -29.72
N LYS B 72 -15.36 44.53 -29.82
CA LYS B 72 -16.83 44.68 -29.81
C LYS B 72 -17.35 44.99 -28.42
N TRP B 73 -18.66 45.22 -28.33
CA TRP B 73 -19.31 45.54 -27.06
C TRP B 73 -20.50 44.60 -26.86
N ARG B 74 -20.85 44.36 -25.61
CA ARG B 74 -22.03 43.56 -25.28
C ARG B 74 -22.99 44.42 -24.47
N LYS B 75 -24.26 44.35 -24.85
CA LYS B 75 -25.27 45.20 -24.27
C LYS B 75 -25.89 44.58 -23.02
N LEU B 76 -25.98 45.37 -21.96
CA LEU B 76 -26.52 44.88 -20.69
C LEU B 76 -27.57 45.84 -20.18
N VAL B 77 -28.75 45.28 -19.88
CA VAL B 77 -29.89 46.00 -19.35
C VAL B 77 -30.18 45.74 -17.87
N ASP B 78 -29.95 46.72 -17.00
CA ASP B 78 -30.22 46.49 -15.59
C ASP B 78 -31.73 46.36 -15.42
N PHE B 79 -32.16 45.15 -15.09
CA PHE B 79 -33.56 44.84 -14.90
C PHE B 79 -34.04 44.75 -13.45
N ARG B 80 -33.18 45.13 -12.50
CA ARG B 80 -33.35 44.78 -11.09
C ARG B 80 -34.78 44.89 -10.61
N GLU B 81 -35.49 45.90 -11.11
CA GLU B 81 -36.91 46.07 -10.82
C GLU B 81 -37.84 45.08 -11.52
N LEU B 82 -37.63 44.78 -12.80
CA LEU B 82 -38.50 43.81 -13.45
C LEU B 82 -38.29 42.46 -12.79
N ASN B 83 -37.03 42.21 -12.46
CA ASN B 83 -36.62 40.96 -11.87
C ASN B 83 -37.44 40.68 -10.61
N LYS B 84 -37.45 41.65 -9.70
CA LYS B 84 -38.21 41.57 -8.45
C LYS B 84 -39.65 41.15 -8.70
N ARG B 85 -40.23 41.66 -9.79
CA ARG B 85 -41.66 41.48 -10.02
C ARG B 85 -41.97 40.25 -10.90
N THR B 86 -40.93 39.67 -11.49
CA THR B 86 -41.03 38.48 -12.33
C THR B 86 -41.10 37.20 -11.51
N GLN B 87 -41.67 36.13 -12.07
CA GLN B 87 -41.81 34.86 -11.34
C GLN B 87 -40.45 34.23 -10.97
N ASP B 88 -40.47 33.36 -9.98
CA ASP B 88 -39.26 32.63 -9.57
C ASP B 88 -39.11 31.41 -10.47
N PHE B 89 -37.88 31.13 -10.92
CA PHE B 89 -37.59 29.90 -11.63
C PHE B 89 -36.86 28.87 -10.79
N TRP B 90 -36.68 27.68 -11.35
CA TRP B 90 -35.78 26.74 -10.72
C TRP B 90 -34.55 26.60 -11.58
N GLU B 91 -33.41 27.09 -11.08
CA GLU B 91 -32.14 27.06 -11.82
C GLU B 91 -31.82 25.63 -12.18
N VAL B 92 -31.40 25.41 -13.41
CA VAL B 92 -30.98 24.09 -13.84
C VAL B 92 -29.49 23.83 -13.82
N GLN B 93 -28.70 24.85 -13.49
CA GLN B 93 -27.26 24.68 -13.40
C GLN B 93 -26.94 24.27 -11.97
N LEU B 94 -26.59 23.00 -11.81
CA LEU B 94 -26.47 22.43 -10.50
C LEU B 94 -25.03 22.52 -9.98
N GLY B 95 -24.11 22.93 -10.85
CA GLY B 95 -22.71 23.07 -10.49
C GLY B 95 -21.80 23.25 -11.68
N ILE B 96 -20.50 23.14 -11.47
CA ILE B 96 -19.56 23.34 -12.56
C ILE B 96 -18.70 22.12 -12.90
N PRO B 97 -18.44 21.89 -14.21
CA PRO B 97 -17.64 20.70 -14.54
C PRO B 97 -16.14 20.90 -14.29
N HIS B 98 -15.49 19.83 -13.83
CA HIS B 98 -14.06 19.88 -13.60
C HIS B 98 -13.25 19.11 -14.64
N PRO B 99 -12.19 19.74 -15.17
CA PRO B 99 -11.32 19.04 -16.12
C PRO B 99 -10.92 17.66 -15.56
N ALA B 100 -10.69 17.60 -14.24
CA ALA B 100 -10.27 16.36 -13.58
C ALA B 100 -11.33 15.25 -13.66
N GLY B 101 -12.52 15.65 -14.07
CA GLY B 101 -13.62 14.73 -14.20
C GLY B 101 -13.74 14.16 -15.58
N LEU B 102 -13.04 14.75 -16.54
CA LEU B 102 -13.03 14.36 -17.96
C LEU B 102 -12.23 13.10 -18.19
N LYS B 103 -12.76 12.21 -19.02
CA LYS B 103 -11.98 11.06 -19.50
C LYS B 103 -10.99 11.45 -20.58
N LYS B 104 -10.00 10.60 -20.77
CA LYS B 104 -9.06 10.75 -21.87
C LYS B 104 -9.79 10.44 -23.15
N LYS B 105 -9.73 11.37 -24.11
CA LYS B 105 -10.42 11.20 -25.40
C LYS B 105 -9.47 11.27 -26.60
N LYS B 106 -9.66 10.36 -27.57
CA LYS B 106 -8.80 10.29 -28.76
C LYS B 106 -8.84 11.59 -29.60
N SER B 107 -10.06 12.10 -29.80
CA SER B 107 -10.32 13.32 -30.58
C SER B 107 -11.17 14.38 -29.80
N VAL B 108 -10.77 15.65 -29.85
CA VAL B 108 -11.41 16.69 -29.01
C VAL B 108 -11.66 18.07 -29.66
N THR B 109 -12.89 18.58 -29.55
CA THR B 109 -13.26 19.90 -30.11
C THR B 109 -13.97 20.83 -29.09
N VAL B 110 -13.71 22.13 -29.19
CA VAL B 110 -14.36 23.12 -28.34
C VAL B 110 -14.99 24.24 -29.14
N LEU B 111 -16.32 24.34 -29.18
CA LEU B 111 -16.95 25.40 -29.99
C LEU B 111 -17.96 26.29 -29.20
N ASP B 112 -18.08 27.58 -29.54
CA ASP B 112 -18.88 28.50 -28.72
C ASP B 112 -20.04 28.99 -29.60
N VAL B 113 -21.16 29.42 -29.02
CA VAL B 113 -22.30 29.84 -29.82
C VAL B 113 -22.31 31.37 -29.98
N GLY B 114 -22.53 31.78 -31.24
CA GLY B 114 -22.53 33.18 -31.61
C GLY B 114 -23.88 33.77 -31.23
N ASP B 115 -23.82 34.86 -30.47
CA ASP B 115 -25.02 35.50 -29.92
C ASP B 115 -26.04 34.51 -29.39
N ALA B 116 -25.67 33.81 -28.34
CA ALA B 116 -26.43 32.65 -27.87
C ALA B 116 -27.84 33.03 -27.42
N TYR B 117 -27.94 33.92 -26.43
CA TYR B 117 -29.23 34.36 -25.89
C TYR B 117 -30.16 34.91 -26.95
N PHE B 118 -29.60 35.76 -27.81
CA PHE B 118 -30.34 36.44 -28.86
C PHE B 118 -30.94 35.48 -29.89
N SER B 119 -30.45 34.23 -29.91
CA SER B 119 -30.96 33.20 -30.81
C SER B 119 -32.12 32.43 -30.17
N VAL B 120 -32.51 32.82 -28.97
CA VAL B 120 -33.63 32.18 -28.25
C VAL B 120 -34.86 33.06 -28.09
N PRO B 121 -36.03 32.58 -28.55
CA PRO B 121 -37.29 33.33 -28.51
C PRO B 121 -37.76 33.67 -27.11
N LEU B 122 -38.11 34.93 -26.82
CA LEU B 122 -38.67 35.22 -25.50
C LEU B 122 -40.15 34.75 -25.54
N ASP B 123 -40.91 34.94 -24.47
CA ASP B 123 -42.32 34.54 -24.50
C ASP B 123 -43.18 35.66 -25.05
N GLU B 124 -44.16 35.31 -25.90
CA GLU B 124 -45.08 36.29 -26.47
C GLU B 124 -45.57 37.29 -25.41
N ASP B 125 -46.43 36.81 -24.51
CA ASP B 125 -47.18 37.68 -23.60
C ASP B 125 -46.31 38.37 -22.57
N PHE B 126 -45.09 37.88 -22.38
CA PHE B 126 -44.20 38.52 -21.45
C PHE B 126 -43.48 39.70 -22.09
N ARG B 127 -43.25 39.61 -23.40
CA ARG B 127 -42.30 40.47 -24.13
C ARG B 127 -42.46 41.96 -23.77
N LYS B 128 -43.71 42.36 -23.60
CA LYS B 128 -44.08 43.75 -23.34
C LYS B 128 -43.35 44.44 -22.18
N TYR B 129 -43.01 43.71 -21.12
CA TYR B 129 -42.43 44.32 -19.91
C TYR B 129 -40.94 44.68 -20.05
N THR B 130 -40.36 44.29 -21.18
CA THR B 130 -38.94 44.47 -21.46
C THR B 130 -38.52 45.89 -21.84
N ALA B 131 -39.50 46.77 -22.05
CA ALA B 131 -39.26 48.07 -22.69
C ALA B 131 -38.15 48.92 -22.09
N PHE B 132 -37.30 49.46 -22.97
CA PHE B 132 -36.28 50.42 -22.58
C PHE B 132 -36.14 51.51 -23.65
N THR B 133 -35.44 52.58 -23.30
CA THR B 133 -35.18 53.68 -24.23
C THR B 133 -33.70 53.98 -24.53
N ILE B 134 -33.42 54.49 -25.73
CA ILE B 134 -32.06 54.80 -26.15
C ILE B 134 -31.99 56.26 -26.62
N PRO B 135 -31.55 57.17 -25.72
CA PRO B 135 -31.37 58.59 -26.06
C PRO B 135 -30.39 58.83 -27.21
N SER B 136 -30.41 60.03 -27.80
CA SER B 136 -29.40 60.35 -28.80
C SER B 136 -28.43 61.28 -28.10
N ILE B 137 -27.22 61.44 -28.63
CA ILE B 137 -26.22 62.30 -27.98
C ILE B 137 -26.84 63.68 -27.71
N ASN B 138 -26.56 64.27 -26.55
CA ASN B 138 -27.00 65.64 -26.23
C ASN B 138 -28.52 65.86 -26.16
N ASN B 139 -29.28 64.79 -25.95
CA ASN B 139 -30.69 64.84 -25.52
C ASN B 139 -31.70 65.34 -26.59
N GLU B 140 -31.20 65.64 -27.79
CA GLU B 140 -32.01 66.18 -28.89
C GLU B 140 -33.29 65.41 -29.27
N THR B 141 -33.08 64.14 -29.59
CA THR B 141 -34.13 63.23 -30.07
C THR B 141 -34.99 62.71 -28.93
N PRO B 142 -36.31 62.58 -29.17
CA PRO B 142 -37.21 62.04 -28.14
C PRO B 142 -36.73 60.68 -27.66
N GLY B 143 -35.91 60.02 -28.47
CA GLY B 143 -35.37 58.73 -28.15
C GLY B 143 -36.26 57.68 -28.76
N ILE B 144 -35.68 56.50 -29.00
CA ILE B 144 -36.43 55.39 -29.58
C ILE B 144 -36.60 54.28 -28.55
N ARG B 145 -37.85 53.90 -28.32
CA ARG B 145 -38.19 52.97 -27.27
C ARG B 145 -38.38 51.58 -27.85
N TYR B 146 -37.73 50.62 -27.19
CA TYR B 146 -37.61 49.26 -27.73
C TYR B 146 -38.10 48.19 -26.75
N GLN B 147 -38.34 47.00 -27.30
CA GLN B 147 -38.69 45.80 -26.55
C GLN B 147 -38.00 44.54 -27.13
N TYR B 148 -37.56 43.62 -26.27
CA TYR B 148 -36.89 42.39 -26.72
C TYR B 148 -37.88 41.33 -27.19
N ASN B 149 -37.55 40.70 -28.31
CA ASN B 149 -38.24 39.49 -28.76
C ASN B 149 -37.43 38.23 -28.43
N VAL B 150 -36.29 38.44 -27.77
CA VAL B 150 -35.43 37.33 -27.38
C VAL B 150 -34.96 37.51 -25.93
N LEU B 151 -34.08 36.62 -25.47
CA LEU B 151 -33.62 36.66 -24.09
C LEU B 151 -32.56 37.73 -23.90
N PRO B 152 -32.87 38.74 -23.09
CA PRO B 152 -31.99 39.89 -22.79
C PRO B 152 -30.87 39.55 -21.82
N GLN B 153 -29.68 40.09 -22.06
CA GLN B 153 -28.60 39.90 -21.11
C GLN B 153 -28.92 40.80 -19.92
N GLY B 154 -28.99 40.20 -18.73
CA GLY B 154 -29.36 40.92 -17.53
C GLY B 154 -30.70 40.58 -16.89
N TRP B 155 -31.54 39.80 -17.58
CA TRP B 155 -32.78 39.37 -16.95
C TRP B 155 -32.39 38.27 -15.95
N LYS B 156 -33.31 37.80 -15.11
CA LYS B 156 -32.97 36.76 -14.14
C LYS B 156 -33.40 35.38 -14.57
N GLY B 157 -34.13 35.32 -15.67
CA GLY B 157 -34.61 34.04 -16.15
C GLY B 157 -33.92 33.66 -17.43
N SER B 158 -33.04 34.52 -17.92
CA SER B 158 -32.42 34.26 -19.21
C SER B 158 -31.55 33.01 -19.13
N PRO B 159 -30.66 32.94 -18.11
CA PRO B 159 -29.72 31.83 -18.11
C PRO B 159 -30.43 30.49 -17.93
N ALA B 160 -31.41 30.46 -17.02
CA ALA B 160 -32.12 29.20 -16.80
C ALA B 160 -32.81 28.75 -18.10
N ILE B 161 -33.45 29.67 -18.81
CA ILE B 161 -34.21 29.27 -20.01
C ILE B 161 -33.26 28.91 -21.14
N PHE B 162 -32.16 29.65 -21.28
CA PHE B 162 -31.21 29.29 -22.34
C PHE B 162 -30.62 27.88 -22.14
N GLN B 163 -30.16 27.58 -20.93
CA GLN B 163 -29.53 26.30 -20.60
C GLN B 163 -30.53 25.20 -20.85
N SER B 164 -31.75 25.48 -20.40
CA SER B 164 -32.87 24.58 -20.51
C SER B 164 -33.16 24.27 -21.96
N SER B 165 -33.32 25.32 -22.75
CA SER B 165 -33.63 25.20 -24.16
C SER B 165 -32.57 24.40 -24.93
N MET B 166 -31.32 24.74 -24.65
CA MET B 166 -30.16 24.11 -25.27
C MET B 166 -30.09 22.61 -25.10
N THR B 167 -30.33 22.16 -23.87
CA THR B 167 -30.34 20.74 -23.55
C THR B 167 -31.40 20.03 -24.39
N LYS B 168 -32.60 20.61 -24.45
CA LYS B 168 -33.74 20.01 -25.18
C LYS B 168 -33.34 19.79 -26.63
N ILE B 169 -32.65 20.77 -27.19
CA ILE B 169 -32.11 20.69 -28.55
C ILE B 169 -31.02 19.66 -28.76
N LEU B 170 -30.02 19.62 -27.88
CA LEU B 170 -28.87 18.72 -28.04
C LEU B 170 -29.19 17.23 -27.91
N GLU B 171 -30.28 16.91 -27.20
CA GLU B 171 -30.67 15.53 -26.88
C GLU B 171 -30.77 14.60 -28.10
N PRO B 172 -31.51 14.99 -29.14
CA PRO B 172 -31.58 14.10 -30.30
C PRO B 172 -30.21 13.72 -30.87
N PHE B 173 -29.27 14.66 -30.94
CA PHE B 173 -27.96 14.32 -31.45
C PHE B 173 -27.36 13.29 -30.50
N LYS B 174 -27.38 13.64 -29.22
CA LYS B 174 -26.81 12.81 -28.18
C LYS B 174 -27.44 11.41 -28.15
N LYS B 175 -28.68 11.28 -28.64
CA LYS B 175 -29.34 9.97 -28.64
C LYS B 175 -28.81 9.13 -29.78
N GLN B 176 -28.57 9.78 -30.91
CA GLN B 176 -28.03 9.13 -32.10
C GLN B 176 -26.52 8.87 -31.99
N ASN B 177 -25.87 9.52 -31.03
CA ASN B 177 -24.41 9.39 -30.83
C ASN B 177 -24.00 9.10 -29.38
N PRO B 178 -24.33 7.90 -28.87
CA PRO B 178 -23.98 7.57 -27.48
C PRO B 178 -22.50 7.72 -27.14
N ASP B 179 -21.61 7.52 -28.10
CA ASP B 179 -20.19 7.46 -27.79
C ASP B 179 -19.47 8.78 -27.98
N ILE B 180 -20.22 9.83 -28.26
CA ILE B 180 -19.67 11.17 -28.21
C ILE B 180 -19.97 11.77 -26.84
N VAL B 181 -19.03 12.55 -26.33
CA VAL B 181 -19.25 13.27 -25.09
C VAL B 181 -19.46 14.75 -25.36
N ILE B 182 -20.60 15.28 -24.90
CA ILE B 182 -20.81 16.71 -25.01
C ILE B 182 -21.02 17.35 -23.64
N TYR B 183 -20.06 18.17 -23.24
CA TYR B 183 -20.19 18.96 -22.04
C TYR B 183 -20.82 20.28 -22.39
N GLN B 184 -22.00 20.51 -21.84
CA GLN B 184 -22.71 21.74 -22.13
C GLN B 184 -22.77 22.69 -20.95
N TYR B 185 -22.02 23.77 -21.02
CA TYR B 185 -22.13 24.77 -19.99
C TYR B 185 -22.54 26.08 -20.61
N MET B 186 -23.76 26.53 -20.32
CA MET B 186 -24.30 27.68 -21.03
C MET B 186 -24.32 27.38 -22.52
N ASP B 187 -23.65 28.25 -23.29
CA ASP B 187 -23.43 28.07 -24.72
C ASP B 187 -22.07 27.52 -25.14
N ASP B 188 -21.22 27.25 -24.15
CA ASP B 188 -19.89 26.68 -24.35
C ASP B 188 -19.98 25.15 -24.52
N LEU B 189 -19.43 24.60 -25.59
CA LEU B 189 -19.56 23.16 -25.83
C LEU B 189 -18.25 22.37 -25.92
N TYR B 190 -18.08 21.37 -25.07
CA TYR B 190 -16.93 20.48 -25.19
C TYR B 190 -17.38 19.16 -25.85
N VAL B 191 -16.93 18.92 -27.07
CA VAL B 191 -17.21 17.66 -27.74
C VAL B 191 -15.99 16.76 -27.80
N GLY B 192 -16.15 15.48 -27.48
CA GLY B 192 -15.04 14.56 -27.59
C GLY B 192 -15.40 13.14 -27.89
N SER B 193 -14.47 12.41 -28.52
CA SER B 193 -14.76 11.06 -28.96
C SER B 193 -13.49 10.26 -29.15
N ASP B 194 -13.66 8.95 -29.25
CA ASP B 194 -12.56 8.06 -29.59
C ASP B 194 -12.49 7.69 -31.09
N LEU B 195 -13.34 8.30 -31.92
CA LEU B 195 -13.23 8.18 -33.38
C LEU B 195 -11.88 8.75 -33.85
N GLU B 196 -11.36 8.25 -34.97
CA GLU B 196 -10.12 8.80 -35.53
C GLU B 196 -10.32 10.26 -35.98
N ILE B 197 -9.28 11.06 -35.94
CA ILE B 197 -9.40 12.51 -36.12
C ILE B 197 -10.20 12.92 -37.37
N GLY B 198 -10.23 12.06 -38.37
CA GLY B 198 -11.04 12.31 -39.56
C GLY B 198 -12.52 12.05 -39.37
N GLN B 199 -12.88 10.86 -38.87
CA GLN B 199 -14.28 10.47 -38.70
C GLN B 199 -14.93 11.39 -37.68
N HIS B 200 -14.06 12.04 -36.89
CA HIS B 200 -14.45 12.99 -35.88
C HIS B 200 -14.98 14.30 -36.52
N ARG B 201 -14.15 15.04 -37.24
CA ARG B 201 -14.60 16.29 -37.86
C ARG B 201 -15.86 16.15 -38.72
N THR B 202 -16.04 14.96 -39.28
CA THR B 202 -17.32 14.58 -39.87
C THR B 202 -18.44 14.76 -38.82
N LYS B 203 -18.37 14.00 -37.72
CA LYS B 203 -19.35 14.08 -36.62
C LYS B 203 -19.55 15.47 -36.00
N ILE B 204 -18.51 16.30 -36.01
CA ILE B 204 -18.60 17.65 -35.44
C ILE B 204 -19.48 18.51 -36.32
N GLU B 205 -19.26 18.41 -37.63
CA GLU B 205 -20.07 19.15 -38.57
C GLU B 205 -21.51 18.61 -38.60
N GLU B 206 -21.69 17.29 -38.55
CA GLU B 206 -23.05 16.74 -38.50
C GLU B 206 -23.85 17.34 -37.37
N LEU B 207 -23.17 17.60 -36.26
CA LEU B 207 -23.76 18.31 -35.13
C LEU B 207 -23.96 19.81 -35.41
N ARG B 208 -22.93 20.45 -35.97
CA ARG B 208 -22.96 21.88 -36.30
C ARG B 208 -24.21 22.21 -37.13
N GLN B 209 -24.50 21.30 -38.07
CA GLN B 209 -25.69 21.33 -38.91
C GLN B 209 -26.92 21.30 -38.03
N HIS B 210 -26.95 20.29 -37.17
CA HIS B 210 -28.02 20.09 -36.24
C HIS B 210 -28.28 21.38 -35.44
N LEU B 211 -27.22 22.03 -34.98
CA LEU B 211 -27.36 23.30 -34.27
C LEU B 211 -27.87 24.41 -35.18
N LEU B 212 -27.62 24.27 -36.48
CA LEU B 212 -28.14 25.25 -37.43
C LEU B 212 -29.69 25.19 -37.51
N ARG B 213 -30.23 23.97 -37.69
CA ARG B 213 -31.67 23.74 -37.84
C ARG B 213 -32.54 24.44 -36.79
N TRP B 214 -31.98 24.69 -35.61
CA TRP B 214 -32.68 25.44 -34.55
C TRP B 214 -32.27 26.92 -34.52
N GLY B 215 -31.46 27.33 -35.49
CA GLY B 215 -31.05 28.71 -35.59
C GLY B 215 -29.94 29.09 -34.64
N LEU B 216 -29.05 28.14 -34.41
CA LEU B 216 -27.93 28.38 -33.52
C LEU B 216 -26.62 28.52 -34.24
N THR B 217 -26.10 29.74 -34.22
CA THR B 217 -24.83 30.04 -34.87
C THR B 217 -23.72 29.31 -34.12
N THR B 218 -22.76 28.74 -34.86
CA THR B 218 -21.53 28.19 -34.30
C THR B 218 -20.37 28.72 -35.12
N PRO B 219 -19.94 29.98 -34.88
CA PRO B 219 -18.93 30.50 -35.82
C PRO B 219 -17.60 29.73 -35.92
N ASP B 220 -16.65 30.23 -36.71
CA ASP B 220 -15.31 29.64 -36.78
C ASP B 220 -14.36 29.89 -35.61
N LYS B 221 -14.80 30.66 -34.61
CA LYS B 221 -13.95 30.90 -33.45
C LYS B 221 -14.25 29.77 -32.48
N LYS B 222 -13.81 28.60 -32.93
CA LYS B 222 -13.86 27.31 -32.26
C LYS B 222 -12.44 26.71 -32.33
N HIS B 223 -11.93 26.17 -31.22
CA HIS B 223 -10.70 25.39 -31.27
C HIS B 223 -11.01 23.99 -31.77
N GLN B 224 -10.32 23.61 -32.83
CA GLN B 224 -10.61 22.34 -33.49
C GLN B 224 -9.58 21.26 -33.21
N LYS B 225 -8.46 21.35 -33.91
CA LYS B 225 -7.32 20.44 -33.74
C LYS B 225 -6.29 21.05 -32.82
N GLU B 226 -6.66 22.13 -32.14
CA GLU B 226 -5.68 23.03 -31.60
C GLU B 226 -5.58 23.01 -30.06
N PRO B 227 -4.99 21.94 -29.49
CA PRO B 227 -4.56 22.06 -28.10
C PRO B 227 -3.56 23.20 -27.98
N PRO B 228 -3.47 23.83 -26.80
CA PRO B 228 -4.36 23.54 -25.68
C PRO B 228 -5.76 24.12 -25.94
N PHE B 229 -6.82 23.41 -25.57
CA PHE B 229 -8.14 24.02 -25.71
C PHE B 229 -8.39 24.88 -24.49
N LEU B 230 -8.96 26.05 -24.71
CA LEU B 230 -9.33 26.91 -23.60
C LEU B 230 -10.73 26.53 -23.24
N TRP B 231 -10.86 25.97 -22.05
CA TRP B 231 -12.16 25.54 -21.55
C TRP B 231 -12.34 25.86 -20.08
N MET B 232 -13.34 26.67 -19.75
CA MET B 232 -13.69 26.97 -18.34
C MET B 232 -12.56 27.58 -17.51
N GLY B 233 -11.59 28.21 -18.15
CA GLY B 233 -10.49 28.81 -17.42
C GLY B 233 -9.35 27.80 -17.34
N TYR B 234 -9.45 26.72 -18.13
CA TYR B 234 -8.40 25.72 -18.21
C TYR B 234 -7.87 25.58 -19.63
N GLU B 235 -6.68 25.03 -19.75
CA GLU B 235 -6.10 24.66 -21.02
C GLU B 235 -6.07 23.16 -21.08
N LEU B 236 -6.67 22.55 -22.09
CA LEU B 236 -6.62 21.09 -22.13
C LEU B 236 -5.59 20.57 -23.13
N HIS B 237 -4.59 19.84 -22.65
CA HIS B 237 -3.63 19.20 -23.56
C HIS B 237 -4.09 17.76 -23.68
N PRO B 238 -3.42 16.93 -24.51
CA PRO B 238 -3.97 15.57 -24.65
C PRO B 238 -3.91 14.68 -23.43
N ASP B 239 -2.76 14.64 -22.76
CA ASP B 239 -2.57 13.82 -21.54
C ASP B 239 -2.56 14.59 -20.21
N LYS B 240 -2.66 15.92 -20.26
CA LYS B 240 -2.57 16.74 -19.07
C LYS B 240 -3.41 18.00 -19.26
N TRP B 241 -3.69 18.69 -18.17
CA TRP B 241 -4.50 19.93 -18.16
C TRP B 241 -3.92 20.90 -17.19
N THR B 242 -4.23 22.18 -17.35
CA THR B 242 -3.73 23.14 -16.40
C THR B 242 -4.66 24.33 -16.27
N VAL B 243 -4.54 25.04 -15.16
CA VAL B 243 -5.23 26.30 -14.98
C VAL B 243 -4.61 27.41 -15.84
N GLN B 244 -5.43 28.29 -16.41
CA GLN B 244 -4.95 29.46 -17.14
C GLN B 244 -4.22 30.42 -16.18
N PRO B 245 -3.27 31.22 -16.69
CA PRO B 245 -2.33 31.95 -15.83
C PRO B 245 -2.98 32.81 -14.74
N ILE B 246 -2.53 32.62 -13.51
CA ILE B 246 -3.00 33.41 -12.37
C ILE B 246 -2.14 34.63 -12.01
N VAL B 247 -2.69 35.82 -12.20
CA VAL B 247 -2.01 37.05 -11.79
C VAL B 247 -2.34 37.38 -10.35
N LEU B 248 -1.33 37.50 -9.48
CA LEU B 248 -1.61 37.90 -8.10
C LEU B 248 -1.32 39.38 -7.99
N PRO B 249 -2.28 40.15 -7.44
CA PRO B 249 -2.13 41.61 -7.33
C PRO B 249 -0.84 42.10 -6.67
N GLU B 250 -0.19 43.06 -7.33
CA GLU B 250 1.06 43.64 -6.85
C GLU B 250 0.80 44.99 -6.15
N LYS B 251 0.48 45.00 -4.87
CA LYS B 251 0.10 46.26 -4.22
C LYS B 251 0.97 46.56 -2.99
N ASP B 252 1.38 47.82 -2.85
CA ASP B 252 2.22 48.26 -1.74
C ASP B 252 1.37 48.52 -0.51
N SER B 253 0.47 49.49 -0.64
CA SER B 253 -0.59 49.68 0.34
C SER B 253 -1.71 48.71 0.03
N TRP B 254 -2.02 47.83 0.98
CA TRP B 254 -3.05 46.84 0.75
C TRP B 254 -4.33 47.32 1.39
N THR B 255 -5.45 47.17 0.70
CA THR B 255 -6.72 47.50 1.33
C THR B 255 -7.46 46.17 1.46
N VAL B 256 -8.63 46.20 2.08
CA VAL B 256 -9.44 45.00 2.28
C VAL B 256 -9.77 44.38 0.90
N ASN B 257 -10.27 45.21 -0.02
CA ASN B 257 -10.60 44.78 -1.38
C ASN B 257 -9.39 44.26 -2.14
N ASP B 258 -8.21 44.82 -1.87
CA ASP B 258 -6.98 44.27 -2.44
C ASP B 258 -6.80 42.82 -1.96
N ILE B 259 -6.90 42.63 -0.65
CA ILE B 259 -6.78 41.31 -0.03
C ILE B 259 -7.84 40.31 -0.49
N CYS B 260 -9.06 40.80 -0.68
CA CYS B 260 -10.14 39.99 -1.23
C CYS B 260 -9.81 39.40 -2.56
N LYS B 261 -9.52 40.29 -3.52
CA LYS B 261 -9.19 39.86 -4.87
C LYS B 261 -8.08 38.83 -4.74
N LEU B 262 -7.06 39.16 -3.94
CA LEU B 262 -5.94 38.28 -3.65
C LEU B 262 -6.34 36.87 -3.18
N VAL B 263 -7.00 36.79 -2.01
CA VAL B 263 -7.47 35.51 -1.45
C VAL B 263 -8.29 34.66 -2.42
N GLY B 264 -9.26 35.27 -3.09
CA GLY B 264 -10.10 34.59 -4.06
C GLY B 264 -9.27 33.92 -5.13
N LYS B 265 -8.25 34.63 -5.62
CA LYS B 265 -7.33 34.07 -6.59
C LYS B 265 -6.63 32.84 -6.00
N LEU B 266 -6.22 32.91 -4.74
CA LEU B 266 -5.54 31.80 -4.08
C LEU B 266 -6.46 30.60 -3.87
N ASN B 267 -7.71 30.85 -3.52
CA ASN B 267 -8.71 29.79 -3.43
C ASN B 267 -8.97 29.13 -4.78
N TRP B 268 -8.91 29.92 -5.85
CA TRP B 268 -9.01 29.40 -7.21
C TRP B 268 -7.80 28.52 -7.53
N ALA B 269 -6.61 29.01 -7.15
CA ALA B 269 -5.35 28.31 -7.36
C ALA B 269 -5.28 26.94 -6.64
N SER B 270 -5.88 26.86 -5.46
CA SER B 270 -5.67 25.72 -4.58
C SER B 270 -6.22 24.40 -5.14
N GLN B 271 -6.90 24.45 -6.28
CA GLN B 271 -7.50 23.25 -6.85
C GLN B 271 -6.49 22.36 -7.59
N ILE B 272 -5.51 22.99 -8.26
CA ILE B 272 -4.36 22.29 -8.79
C ILE B 272 -3.01 22.54 -8.07
N TYR B 273 -2.89 23.63 -7.33
CA TYR B 273 -1.60 24.00 -6.72
C TYR B 273 -1.56 23.52 -5.28
N PRO B 274 -0.76 22.49 -5.01
CA PRO B 274 -0.81 21.90 -3.67
C PRO B 274 -0.29 22.82 -2.58
N GLY B 275 -0.83 22.64 -1.38
CA GLY B 275 -0.31 23.26 -0.18
C GLY B 275 -0.66 24.70 0.16
N ILE B 276 -1.43 25.36 -0.70
CA ILE B 276 -1.87 26.73 -0.43
C ILE B 276 -2.71 26.89 0.86
N LYS B 277 -2.38 27.95 1.61
CA LYS B 277 -3.03 28.34 2.86
C LYS B 277 -3.53 29.80 2.84
N VAL B 278 -4.80 30.00 3.13
CA VAL B 278 -5.35 31.35 3.28
C VAL B 278 -5.65 31.80 4.74
N ARG B 279 -5.46 30.91 5.72
CA ARG B 279 -5.92 31.16 7.12
C ARG B 279 -5.54 32.52 7.71
N GLN B 280 -4.25 32.89 7.67
CA GLN B 280 -3.75 34.12 8.32
C GLN B 280 -4.08 35.44 7.55
N LEU B 281 -4.09 35.38 6.23
CA LEU B 281 -4.54 36.48 5.38
C LEU B 281 -6.01 36.80 5.56
N SER B 282 -6.77 35.82 6.02
CA SER B 282 -8.20 35.98 6.30
C SER B 282 -8.47 36.65 7.65
N LYS B 283 -7.63 36.38 8.65
CA LYS B 283 -7.73 37.09 9.92
C LYS B 283 -7.69 38.61 9.67
N LEU B 284 -6.96 39.02 8.62
CA LEU B 284 -6.82 40.43 8.27
C LEU B 284 -8.18 41.05 7.97
N LEU B 285 -9.13 40.21 7.60
CA LEU B 285 -10.42 40.66 7.12
C LEU B 285 -11.47 40.75 8.21
N ARG B 286 -11.15 40.26 9.41
CA ARG B 286 -12.20 40.06 10.40
C ARG B 286 -12.70 41.37 11.00
N GLY B 287 -14.00 41.61 10.86
CA GLY B 287 -14.70 42.73 11.45
C GLY B 287 -14.66 44.09 10.76
N THR B 288 -13.85 44.21 9.71
CA THR B 288 -13.69 45.49 9.01
C THR B 288 -14.98 45.99 8.37
N LYS B 289 -15.15 47.31 8.34
CA LYS B 289 -16.30 47.94 7.71
C LYS B 289 -16.11 48.07 6.20
N ALA B 290 -15.17 48.93 5.80
CA ALA B 290 -14.95 49.34 4.42
C ALA B 290 -14.16 48.38 3.58
N LEU B 291 -14.64 48.13 2.37
CA LEU B 291 -13.89 47.35 1.40
C LEU B 291 -12.70 48.18 0.97
N THR B 292 -12.89 49.50 1.00
CA THR B 292 -11.86 50.44 0.56
C THR B 292 -10.81 50.78 1.61
N GLU B 293 -11.13 50.54 2.88
CA GLU B 293 -10.23 50.89 3.99
C GLU B 293 -8.86 50.23 3.82
N VAL B 294 -7.80 50.96 4.18
CA VAL B 294 -6.44 50.40 4.13
C VAL B 294 -6.14 49.68 5.44
N ILE B 295 -5.39 48.59 5.32
CA ILE B 295 -5.06 47.76 6.47
C ILE B 295 -3.61 47.26 6.33
N PRO B 296 -2.87 47.17 7.46
CA PRO B 296 -1.44 46.88 7.36
C PRO B 296 -1.10 45.40 7.12
N LEU B 297 0.08 45.14 6.56
CA LEU B 297 0.54 43.76 6.41
C LEU B 297 0.99 43.25 7.77
N THR B 298 0.34 42.19 8.24
CA THR B 298 0.78 41.52 9.47
C THR B 298 2.02 40.67 9.18
N GLU B 299 2.76 40.31 10.23
CA GLU B 299 3.91 39.41 10.08
C GLU B 299 3.42 37.99 9.83
N GLU B 300 2.23 37.70 10.36
CA GLU B 300 1.58 36.41 10.14
C GLU B 300 1.24 36.17 8.67
N ALA B 301 0.48 37.09 8.08
CA ALA B 301 0.06 36.93 6.69
C ALA B 301 1.23 37.19 5.73
N GLU B 302 2.32 37.74 6.25
CA GLU B 302 3.50 38.01 5.43
C GLU B 302 4.16 36.70 5.01
N LEU B 303 4.35 35.82 6.00
CA LEU B 303 4.94 34.50 5.79
C LEU B 303 4.08 33.65 4.87
N GLU B 304 2.78 33.66 5.14
CA GLU B 304 1.78 32.95 4.36
C GLU B 304 1.88 33.34 2.90
N LEU B 305 1.58 34.62 2.64
CA LEU B 305 1.64 35.20 1.30
C LEU B 305 2.98 34.90 0.61
N ALA B 306 4.08 35.07 1.35
CA ALA B 306 5.41 34.83 0.79
C ALA B 306 5.53 33.41 0.23
N GLU B 307 5.27 32.41 1.07
CA GLU B 307 5.44 31.00 0.66
C GLU B 307 4.33 30.54 -0.31
N ASN B 308 3.13 31.13 -0.22
CA ASN B 308 2.09 30.91 -1.24
C ASN B 308 2.51 31.38 -2.63
N ARG B 309 3.18 32.52 -2.70
CA ARG B 309 3.77 33.03 -3.94
C ARG B 309 4.81 32.08 -4.50
N GLU B 310 5.65 31.55 -3.61
CA GLU B 310 6.68 30.59 -3.99
C GLU B 310 6.12 29.30 -4.63
N ILE B 311 4.91 28.92 -4.23
CA ILE B 311 4.22 27.74 -4.80
C ILE B 311 3.76 28.04 -6.21
N LEU B 312 3.17 29.22 -6.39
CA LEU B 312 2.63 29.63 -7.69
C LEU B 312 3.68 29.88 -8.77
N LYS B 313 4.91 30.19 -8.35
CA LYS B 313 6.02 30.39 -9.28
C LYS B 313 6.13 29.27 -10.30
N GLU B 314 6.39 28.06 -9.81
CA GLU B 314 6.59 26.88 -10.63
C GLU B 314 5.26 26.33 -11.16
N PRO B 315 5.11 26.24 -12.49
CA PRO B 315 3.85 25.77 -13.10
C PRO B 315 3.59 24.28 -12.83
N VAL B 316 2.33 23.92 -12.65
CA VAL B 316 1.95 22.53 -12.40
C VAL B 316 0.68 22.10 -13.12
N HIS B 317 0.42 20.81 -13.13
CA HIS B 317 -0.71 20.33 -13.91
C HIS B 317 -1.46 19.14 -13.33
N GLY B 318 -2.68 18.93 -13.83
CA GLY B 318 -3.48 17.77 -13.48
C GLY B 318 -3.55 16.75 -14.60
N VAL B 319 -4.07 15.57 -14.29
CA VAL B 319 -4.23 14.51 -15.25
C VAL B 319 -5.72 14.25 -15.36
N TYR B 320 -6.12 13.24 -16.11
CA TYR B 320 -7.54 13.03 -16.34
C TYR B 320 -7.99 11.77 -15.65
N TYR B 321 -9.28 11.49 -15.72
CA TYR B 321 -9.86 10.47 -14.90
C TYR B 321 -9.91 9.16 -15.65
N ASP B 322 -9.46 8.11 -15.00
CA ASP B 322 -9.41 6.79 -15.60
C ASP B 322 -10.30 5.81 -14.84
N PRO B 323 -11.57 5.70 -15.27
CA PRO B 323 -12.61 4.90 -14.62
C PRO B 323 -12.21 3.47 -14.31
N SER B 324 -11.20 2.94 -14.99
CA SER B 324 -10.74 1.62 -14.64
C SER B 324 -10.07 1.60 -13.26
N LYS B 325 -9.09 2.48 -13.05
CA LYS B 325 -8.32 2.50 -11.81
C LYS B 325 -9.06 3.15 -10.63
N ASP B 326 -8.47 3.03 -9.45
CA ASP B 326 -9.07 3.57 -8.24
C ASP B 326 -8.87 5.08 -8.02
N LEU B 327 -9.75 5.67 -7.19
CA LEU B 327 -9.57 7.05 -6.72
C LEU B 327 -8.92 7.12 -5.35
N ILE B 328 -7.81 7.84 -5.24
CA ILE B 328 -7.12 7.96 -3.96
C ILE B 328 -7.09 9.42 -3.52
N ALA B 329 -7.57 9.66 -2.31
CA ALA B 329 -7.47 10.97 -1.64
C ALA B 329 -6.52 10.89 -0.44
N GLU B 330 -5.45 11.67 -0.47
CA GLU B 330 -4.51 11.75 0.66
C GLU B 330 -4.56 13.09 1.39
N ILE B 331 -4.52 13.08 2.71
CA ILE B 331 -4.64 14.34 3.46
C ILE B 331 -3.41 14.62 4.35
N GLN B 332 -2.92 15.85 4.34
CA GLN B 332 -1.89 16.25 5.28
C GLN B 332 -2.48 17.28 6.19
N LYS B 333 -2.12 17.23 7.47
CA LYS B 333 -2.48 18.26 8.42
C LYS B 333 -1.49 19.39 8.34
N GLN B 334 -1.94 20.61 8.07
CA GLN B 334 -1.01 21.72 7.95
C GLN B 334 -0.91 22.62 9.20
N GLY B 335 -1.67 22.32 10.23
CA GLY B 335 -1.61 23.08 11.47
C GLY B 335 -2.57 24.24 11.56
N GLN B 336 -3.00 24.55 12.79
CA GLN B 336 -3.93 25.65 13.06
C GLN B 336 -5.19 25.36 12.27
N GLY B 337 -5.65 24.13 12.43
CA GLY B 337 -6.81 23.63 11.73
C GLY B 337 -6.79 23.88 10.23
N GLN B 338 -5.65 23.62 9.61
CA GLN B 338 -5.60 23.72 8.16
C GLN B 338 -5.19 22.39 7.58
N TRP B 339 -5.78 22.05 6.45
CA TRP B 339 -5.59 20.76 5.82
C TRP B 339 -5.53 20.96 4.33
N THR B 340 -4.61 20.27 3.68
CA THR B 340 -4.56 20.21 2.23
C THR B 340 -4.78 18.77 1.86
N TYR B 341 -5.16 18.55 0.62
CA TYR B 341 -5.40 17.20 0.14
C TYR B 341 -5.10 17.11 -1.33
N GLN B 342 -4.68 15.93 -1.74
CA GLN B 342 -4.46 15.60 -3.14
C GLN B 342 -5.34 14.43 -3.49
N ILE B 343 -5.96 14.45 -4.68
CA ILE B 343 -6.70 13.29 -5.20
C ILE B 343 -6.01 12.77 -6.48
N TYR B 344 -5.65 11.49 -6.49
CA TYR B 344 -4.87 10.95 -7.61
C TYR B 344 -5.21 9.51 -7.89
N GLN B 345 -4.62 8.93 -8.94
CA GLN B 345 -4.84 7.52 -9.26
C GLN B 345 -3.52 6.74 -9.36
N GLU B 346 -2.63 7.19 -10.24
CA GLU B 346 -1.25 6.73 -10.21
C GLU B 346 -0.54 7.79 -9.38
N PRO B 347 0.27 7.36 -8.39
CA PRO B 347 0.92 8.24 -7.42
C PRO B 347 1.68 9.37 -8.08
N PHE B 348 1.77 10.54 -7.45
CA PHE B 348 2.57 11.65 -7.96
C PHE B 348 1.91 12.33 -9.19
N LYS B 349 0.85 11.74 -9.73
CA LYS B 349 0.10 12.41 -10.77
C LYS B 349 -1.30 12.74 -10.29
N ASN B 350 -1.50 14.03 -9.97
CA ASN B 350 -2.74 14.50 -9.36
C ASN B 350 -3.88 14.78 -10.31
N LEU B 351 -5.08 14.28 -9.98
CA LEU B 351 -6.31 14.76 -10.57
C LEU B 351 -6.65 16.21 -10.15
N LYS B 352 -6.65 16.46 -8.84
CA LYS B 352 -6.80 17.83 -8.33
C LYS B 352 -6.29 17.92 -6.92
N THR B 353 -6.29 19.12 -6.36
CA THR B 353 -5.85 19.31 -4.98
C THR B 353 -6.88 20.19 -4.28
N GLY B 354 -6.66 20.49 -2.99
CA GLY B 354 -7.59 21.32 -2.25
C GLY B 354 -7.22 21.50 -0.80
N LYS B 355 -7.87 22.44 -0.14
CA LYS B 355 -7.64 22.76 1.28
C LYS B 355 -8.95 22.68 2.07
N TYR B 356 -8.89 22.27 3.32
CA TYR B 356 -10.04 22.43 4.21
C TYR B 356 -9.62 23.29 5.38
N ALA B 357 -10.06 24.54 5.45
CA ALA B 357 -9.65 25.37 6.58
C ALA B 357 -10.70 25.59 7.68
N ARG B 358 -11.92 25.12 7.44
CA ARG B 358 -13.04 25.58 8.27
C ARG B 358 -13.01 25.12 9.75
N MET B 359 -13.16 26.07 10.65
CA MET B 359 -13.25 25.82 12.08
C MET B 359 -14.72 25.76 12.52
N ARG B 360 -15.15 24.58 12.96
CA ARG B 360 -16.55 24.36 13.32
C ARG B 360 -16.72 23.95 14.78
N GLY B 361 -17.34 24.82 15.58
CA GLY B 361 -17.42 24.62 17.02
C GLY B 361 -16.59 25.61 17.83
N ALA B 362 -16.97 25.78 19.08
CA ALA B 362 -16.15 26.57 19.99
C ALA B 362 -14.95 25.75 20.47
N HIS B 363 -15.18 24.45 20.65
CA HIS B 363 -14.16 23.51 21.04
C HIS B 363 -14.15 22.33 20.11
N THR B 364 -12.98 21.82 19.76
CA THR B 364 -12.90 20.80 18.74
C THR B 364 -11.57 20.07 18.91
N ASN B 365 -11.38 18.95 18.21
CA ASN B 365 -10.04 18.38 18.12
C ASN B 365 -9.67 18.04 16.71
N ASP B 366 -8.47 17.51 16.49
CA ASP B 366 -8.05 17.18 15.13
C ASP B 366 -8.83 15.99 14.54
N VAL B 367 -9.24 15.02 15.38
CA VAL B 367 -9.98 13.90 14.86
C VAL B 367 -11.31 14.39 14.25
N LYS B 368 -12.00 15.26 14.98
CA LYS B 368 -13.21 15.84 14.43
C LYS B 368 -12.89 16.61 13.14
N GLN B 369 -11.85 17.43 13.14
CA GLN B 369 -11.62 18.20 11.92
C GLN B 369 -11.22 17.33 10.76
N LEU B 370 -10.57 16.21 11.02
CA LEU B 370 -10.22 15.29 9.94
C LEU B 370 -11.49 14.65 9.39
N THR B 371 -12.37 14.17 10.27
CA THR B 371 -13.66 13.60 9.85
C THR B 371 -14.39 14.58 8.95
N GLU B 372 -14.40 15.84 9.33
CA GLU B 372 -15.00 16.86 8.50
C GLU B 372 -14.34 16.97 7.12
N ALA B 373 -13.02 16.97 7.08
CA ALA B 373 -12.34 17.05 5.78
C ALA B 373 -12.65 15.83 4.92
N VAL B 374 -12.66 14.66 5.54
CA VAL B 374 -13.04 13.45 4.83
C VAL B 374 -14.42 13.59 4.24
N GLN B 375 -15.35 14.16 5.01
CA GLN B 375 -16.68 14.36 4.46
C GLN B 375 -16.70 15.37 3.31
N LYS B 376 -15.99 16.49 3.44
CA LYS B 376 -15.94 17.47 2.36
C LYS B 376 -15.46 16.84 1.08
N ILE B 377 -14.28 16.23 1.15
CA ILE B 377 -13.65 15.55 0.02
C ILE B 377 -14.51 14.43 -0.59
N THR B 378 -15.24 13.70 0.24
CA THR B 378 -16.11 12.69 -0.31
C THR B 378 -17.15 13.28 -1.23
N THR B 379 -17.96 14.20 -0.71
CA THR B 379 -19.00 14.86 -1.50
C THR B 379 -18.47 15.48 -2.80
N GLU B 380 -17.31 16.14 -2.71
CA GLU B 380 -16.71 16.74 -3.88
C GLU B 380 -16.43 15.62 -4.90
N SER B 381 -15.91 14.50 -4.42
CA SER B 381 -15.62 13.35 -5.29
C SER B 381 -16.87 12.79 -5.90
N ILE B 382 -17.94 12.72 -5.12
CA ILE B 382 -19.18 12.19 -5.68
C ILE B 382 -19.69 13.14 -6.80
N VAL B 383 -19.65 14.45 -6.57
CA VAL B 383 -20.01 15.38 -7.61
C VAL B 383 -19.21 15.18 -8.90
N ILE B 384 -17.88 15.13 -8.80
CA ILE B 384 -17.05 15.06 -10.02
C ILE B 384 -16.95 13.67 -10.70
N TRP B 385 -16.62 12.63 -9.94
CA TRP B 385 -16.48 11.27 -10.46
C TRP B 385 -17.60 10.28 -10.14
N GLY B 386 -18.56 10.67 -9.31
CA GLY B 386 -19.63 9.74 -8.96
C GLY B 386 -19.32 8.58 -8.01
N LYS B 387 -18.08 8.51 -7.53
CA LYS B 387 -17.73 7.48 -6.54
C LYS B 387 -16.96 8.15 -5.39
N THR B 388 -16.81 7.41 -4.28
CA THR B 388 -16.03 7.85 -3.11
C THR B 388 -14.58 7.40 -3.22
N PRO B 389 -13.63 8.28 -2.94
CA PRO B 389 -12.24 7.82 -2.99
C PRO B 389 -11.87 6.92 -1.81
N LYS B 390 -10.82 6.16 -2.04
CA LYS B 390 -10.17 5.45 -0.97
C LYS B 390 -9.27 6.47 -0.31
N PHE B 391 -9.22 6.48 1.03
CA PHE B 391 -8.52 7.56 1.70
C PHE B 391 -7.16 7.21 2.30
N LYS B 392 -6.19 8.10 2.17
CA LYS B 392 -4.96 7.92 2.92
C LYS B 392 -4.82 9.04 3.96
N LEU B 393 -4.89 8.66 5.24
CA LEU B 393 -5.03 9.63 6.30
C LEU B 393 -3.90 9.55 7.32
N PRO B 394 -3.38 10.69 7.76
CA PRO B 394 -2.30 10.66 8.75
C PRO B 394 -2.83 10.38 10.12
N ILE B 395 -3.66 9.37 10.30
CA ILE B 395 -4.09 9.02 11.65
C ILE B 395 -3.90 7.52 11.85
N GLN B 396 -3.29 7.14 12.95
CA GLN B 396 -3.10 5.74 13.26
C GLN B 396 -4.45 5.07 13.43
N LYS B 397 -4.55 3.84 12.97
CA LYS B 397 -5.78 3.08 12.95
C LYS B 397 -6.29 2.87 14.38
N GLU B 398 -5.34 2.88 15.32
CA GLU B 398 -5.65 2.57 16.71
C GLU B 398 -6.17 3.82 17.38
N THR B 399 -5.69 4.99 16.93
CA THR B 399 -6.26 6.24 17.37
C THR B 399 -7.71 6.29 17.02
N TRP B 400 -7.99 6.17 15.73
CA TRP B 400 -9.35 6.27 15.24
C TRP B 400 -10.24 5.28 15.94
N GLU B 401 -9.81 4.04 16.10
CA GLU B 401 -10.60 3.03 16.82
C GLU B 401 -11.00 3.50 18.19
N THR B 402 -10.03 3.99 18.93
CA THR B 402 -10.32 4.54 20.25
C THR B 402 -11.33 5.65 20.21
N TRP B 403 -11.19 6.55 19.25
CA TRP B 403 -12.10 7.66 19.21
C TRP B 403 -13.53 7.21 18.92
N TRP B 404 -13.75 6.52 17.81
CA TRP B 404 -15.10 6.26 17.38
C TRP B 404 -15.81 5.37 18.38
N THR B 405 -15.15 4.39 18.94
CA THR B 405 -15.85 3.61 19.94
C THR B 405 -16.19 4.39 21.22
N GLU B 406 -15.31 5.24 21.74
CA GLU B 406 -15.66 5.99 22.96
C GLU B 406 -16.68 7.11 22.81
N TYR B 407 -16.58 7.85 21.73
CA TYR B 407 -17.37 9.06 21.52
C TYR B 407 -18.84 8.71 21.51
N TRP B 408 -19.68 9.53 22.14
CA TRP B 408 -21.10 9.17 22.27
C TRP B 408 -21.89 9.38 21.02
N GLN B 409 -21.29 9.98 20.02
CA GLN B 409 -21.97 10.22 18.77
C GLN B 409 -21.60 9.25 17.66
N ALA B 410 -22.57 8.99 16.79
CA ALA B 410 -22.32 8.16 15.62
C ALA B 410 -21.26 8.79 14.77
N THR B 411 -20.25 8.03 14.38
CA THR B 411 -19.23 8.61 13.51
C THR B 411 -18.60 7.55 12.66
N TRP B 412 -18.23 7.90 11.45
CA TRP B 412 -17.70 6.89 10.56
C TRP B 412 -16.82 7.52 9.53
N ILE B 413 -15.88 6.74 9.04
CA ILE B 413 -15.05 7.13 7.92
C ILE B 413 -15.04 6.00 6.94
N PRO B 414 -15.16 6.31 5.63
CA PRO B 414 -15.15 5.26 4.60
C PRO B 414 -13.74 4.64 4.54
N GLU B 415 -13.58 3.68 3.66
CA GLU B 415 -12.37 2.86 3.60
C GLU B 415 -11.07 3.69 3.50
N TRP B 416 -10.13 3.45 4.42
CA TRP B 416 -8.91 4.26 4.45
C TRP B 416 -7.71 3.48 4.97
N GLU B 417 -6.53 4.01 4.70
CA GLU B 417 -5.35 3.38 5.21
C GLU B 417 -4.50 4.46 5.91
N PHE B 418 -3.70 4.06 6.90
CA PHE B 418 -2.77 4.95 7.56
C PHE B 418 -1.68 5.36 6.60
N VAL B 419 -1.35 6.64 6.60
CA VAL B 419 -0.17 7.15 5.92
C VAL B 419 0.70 7.92 6.92
N ASN B 420 1.99 7.73 6.87
CA ASN B 420 2.87 8.19 7.94
C ASN B 420 3.25 9.63 7.75
N THR B 421 2.53 10.42 6.95
CA THR B 421 2.90 11.84 6.90
C THR B 421 2.78 12.63 8.21
N PRO B 422 3.90 13.03 8.87
CA PRO B 422 3.70 13.79 10.10
C PRO B 422 3.44 15.27 9.83
N PRO B 423 2.83 16.00 10.77
CA PRO B 423 2.37 15.55 12.08
C PRO B 423 1.14 14.65 12.00
N LEU B 424 1.11 13.63 12.84
CA LEU B 424 0.00 12.70 12.91
C LEU B 424 -1.05 13.28 13.79
N VAL B 425 -2.29 12.94 13.44
CA VAL B 425 -3.45 13.29 14.21
C VAL B 425 -3.46 12.37 15.42
N LYS B 426 -3.54 12.94 16.61
CA LYS B 426 -3.59 12.10 17.79
C LYS B 426 -4.61 12.64 18.78
N LEU B 427 -4.89 11.87 19.82
CA LEU B 427 -5.70 12.40 20.91
C LEU B 427 -4.72 12.84 22.03
N TRP B 428 -4.87 14.05 22.54
CA TRP B 428 -3.81 14.63 23.37
C TRP B 428 -3.97 14.26 24.83
N TYR B 429 -5.13 13.76 25.21
CA TYR B 429 -5.31 13.21 26.55
C TYR B 429 -6.47 12.20 26.58
N GLN B 430 -6.55 11.42 27.65
CA GLN B 430 -7.61 10.43 27.79
C GLN B 430 -8.19 10.49 29.20
N LEU B 431 -9.50 10.44 29.32
CA LEU B 431 -10.12 10.39 30.64
C LEU B 431 -10.24 8.96 31.19
N GLU B 432 -9.85 8.81 32.43
CA GLU B 432 -9.97 7.52 33.08
C GLU B 432 -11.41 7.13 33.09
N LYS B 433 -11.64 5.82 33.00
CA LYS B 433 -12.97 5.27 33.10
C LYS B 433 -13.40 5.05 34.52
N GLU B 434 -12.44 4.85 35.40
CA GLU B 434 -12.70 4.61 36.82
C GLU B 434 -11.87 5.56 37.69
N PRO B 435 -12.33 5.86 38.90
CA PRO B 435 -11.58 6.66 39.86
C PRO B 435 -10.19 6.12 40.11
N ILE B 436 -9.23 7.03 40.35
CA ILE B 436 -7.82 6.70 40.58
C ILE B 436 -7.59 6.51 42.05
N VAL B 437 -7.24 5.29 42.43
CA VAL B 437 -6.97 5.02 43.84
C VAL B 437 -5.73 5.75 44.28
N GLY B 438 -5.82 6.43 45.42
CA GLY B 438 -4.65 7.10 45.93
C GLY B 438 -4.50 8.54 45.43
N ALA B 439 -5.29 8.97 44.46
CA ALA B 439 -5.19 10.33 43.99
C ALA B 439 -6.18 11.23 44.75
N GLU B 440 -5.75 12.48 45.00
CA GLU B 440 -6.54 13.42 45.76
C GLU B 440 -7.81 13.70 45.02
N THR B 441 -8.89 13.92 45.76
CA THR B 441 -10.19 14.13 45.15
C THR B 441 -10.68 15.55 45.31
N PHE B 442 -10.80 16.28 44.21
CA PHE B 442 -11.23 17.66 44.30
C PHE B 442 -12.71 17.83 43.99
N TYR B 443 -13.52 18.21 44.97
CA TYR B 443 -14.88 18.59 44.64
C TYR B 443 -14.87 20.07 44.27
N VAL B 444 -15.22 20.40 43.03
CA VAL B 444 -15.14 21.77 42.52
C VAL B 444 -16.53 22.30 42.31
N ASP B 445 -16.72 23.60 42.42
CA ASP B 445 -17.96 24.24 41.97
C ASP B 445 -17.67 25.72 41.69
N GLY B 446 -18.67 26.42 41.16
CA GLY B 446 -18.55 27.83 40.82
C GLY B 446 -19.92 28.47 40.72
N ALA B 447 -20.00 29.78 40.94
CA ALA B 447 -21.26 30.47 40.83
C ALA B 447 -21.04 31.92 40.47
N ALA B 448 -21.95 32.52 39.71
CA ALA B 448 -21.86 33.95 39.41
C ALA B 448 -23.19 34.67 39.66
N ASN B 449 -23.13 35.99 39.72
CA ASN B 449 -24.32 36.80 39.90
C ASN B 449 -24.85 37.31 38.59
N ARG B 450 -26.09 37.00 38.27
CA ARG B 450 -26.63 37.35 36.96
C ARG B 450 -26.65 38.87 36.78
N GLU B 451 -26.72 39.60 37.90
CA GLU B 451 -26.72 41.05 37.87
C GLU B 451 -25.32 41.65 38.05
N THR B 452 -24.70 41.37 39.20
CA THR B 452 -23.35 41.81 39.49
C THR B 452 -22.34 41.43 38.41
N LYS B 453 -22.55 40.25 37.81
CA LYS B 453 -21.57 39.63 36.91
C LYS B 453 -20.30 39.26 37.66
N LEU B 454 -20.41 39.12 38.97
CA LEU B 454 -19.29 38.70 39.82
C LEU B 454 -19.48 37.29 40.33
N GLY B 455 -18.38 36.57 40.54
CA GLY B 455 -18.50 35.22 41.02
C GLY B 455 -17.32 34.63 41.77
N LYS B 456 -17.46 33.38 42.18
CA LYS B 456 -16.37 32.66 42.83
C LYS B 456 -16.29 31.26 42.21
N ALA B 457 -15.08 30.73 42.15
CA ALA B 457 -14.83 29.39 41.69
C ALA B 457 -13.94 28.71 42.72
N GLY B 458 -14.49 27.73 43.44
CA GLY B 458 -13.74 27.02 44.45
C GLY B 458 -13.49 25.52 44.31
N TYR B 459 -12.78 24.94 45.26
CA TYR B 459 -12.77 23.50 45.41
C TYR B 459 -12.50 23.13 46.87
N VAL B 460 -12.90 21.92 47.28
CA VAL B 460 -12.51 21.33 48.57
C VAL B 460 -11.92 19.96 48.29
N THR B 461 -11.02 19.43 49.10
CA THR B 461 -10.59 18.08 48.83
C THR B 461 -10.65 17.17 50.04
N ASN B 462 -10.56 15.87 49.80
CA ASN B 462 -10.61 14.91 50.88
C ASN B 462 -9.41 15.10 51.82
N LYS B 463 -8.40 15.81 51.36
CA LYS B 463 -7.16 15.94 52.12
C LYS B 463 -7.19 17.20 52.97
N GLY B 464 -8.29 17.95 52.90
CA GLY B 464 -8.52 19.16 53.68
C GLY B 464 -8.21 20.49 53.03
N ARG B 465 -7.47 20.40 51.92
CA ARG B 465 -7.13 21.53 51.07
C ARG B 465 -8.41 22.18 50.57
N GLN B 466 -8.43 23.48 50.31
CA GLN B 466 -9.66 24.25 49.98
C GLN B 466 -9.15 25.46 49.22
N LYS B 467 -9.99 26.03 48.37
CA LYS B 467 -9.73 27.30 47.74
C LYS B 467 -11.00 27.95 47.28
N VAL B 468 -11.04 29.27 47.26
CA VAL B 468 -12.13 30.00 46.62
C VAL B 468 -11.49 31.19 46.00
N VAL B 469 -11.88 31.56 44.79
CA VAL B 469 -11.27 32.70 44.13
C VAL B 469 -12.33 33.69 43.68
N PRO B 470 -12.13 34.98 43.97
CA PRO B 470 -13.17 35.90 43.51
C PRO B 470 -12.92 36.21 42.06
N LEU B 471 -14.00 36.35 41.29
CA LEU B 471 -13.86 36.59 39.87
C LEU B 471 -14.75 37.72 39.44
N THR B 472 -14.21 38.45 38.48
CA THR B 472 -14.77 39.65 37.90
C THR B 472 -15.44 39.30 36.61
N ASN B 473 -16.60 39.88 36.34
CA ASN B 473 -17.04 39.93 34.97
C ASN B 473 -17.13 38.55 34.37
N THR B 474 -18.10 37.76 34.81
CA THR B 474 -18.09 36.34 34.45
C THR B 474 -19.52 35.81 34.36
N THR B 475 -19.67 34.52 34.09
CA THR B 475 -21.00 33.88 33.99
C THR B 475 -20.90 32.63 34.83
N ASN B 476 -22.04 31.97 35.09
CA ASN B 476 -21.98 30.70 35.82
C ASN B 476 -21.13 29.65 35.09
N GLN B 477 -21.39 29.50 33.80
CA GLN B 477 -20.66 28.55 32.99
C GLN B 477 -19.18 28.79 33.14
N LYS B 478 -18.73 30.03 32.97
CA LYS B 478 -17.31 30.34 33.04
C LYS B 478 -16.76 29.98 34.42
N THR B 479 -17.56 30.15 35.47
CA THR B 479 -17.01 29.88 36.82
C THR B 479 -16.84 28.38 37.02
N GLU B 480 -17.74 27.59 36.42
CA GLU B 480 -17.67 26.14 36.52
C GLU B 480 -16.41 25.61 35.81
N LEU B 481 -16.15 26.14 34.63
CA LEU B 481 -14.90 25.87 33.92
C LEU B 481 -13.73 26.26 34.79
N GLN B 482 -13.83 27.46 35.33
CA GLN B 482 -12.81 28.04 36.18
C GLN B 482 -12.51 27.13 37.38
N ALA B 483 -13.54 26.69 38.08
CA ALA B 483 -13.34 25.74 39.17
C ALA B 483 -12.52 24.47 38.81
N ILE B 484 -12.82 23.87 37.68
CA ILE B 484 -12.06 22.71 37.26
C ILE B 484 -10.62 23.11 37.01
N TYR B 485 -10.46 24.22 36.31
CA TYR B 485 -9.11 24.74 36.09
C TYR B 485 -8.28 24.83 37.33
N LEU B 486 -8.88 25.33 38.43
CA LEU B 486 -8.12 25.42 39.65
C LEU B 486 -7.73 24.04 40.12
N ALA B 487 -8.70 23.12 40.20
CA ALA B 487 -8.42 21.72 40.53
C ALA B 487 -7.29 21.11 39.69
N LEU B 488 -7.24 21.39 38.39
CA LEU B 488 -6.11 20.90 37.59
C LEU B 488 -4.80 21.56 38.05
N GLN B 489 -4.78 22.89 38.22
CA GLN B 489 -3.52 23.57 38.60
C GLN B 489 -2.94 23.10 39.94
N ASP B 490 -3.79 22.89 40.93
CA ASP B 490 -3.33 22.66 42.30
C ASP B 490 -3.17 21.18 42.63
N SER B 491 -3.22 20.31 41.64
CA SER B 491 -3.26 18.88 41.92
C SER B 491 -2.03 18.20 41.36
N GLY B 492 -1.75 17.00 41.84
CA GLY B 492 -0.60 16.25 41.36
C GLY B 492 -0.79 15.72 39.96
N LEU B 493 0.10 14.82 39.55
CA LEU B 493 0.00 14.27 38.22
C LEU B 493 -1.22 13.33 38.06
N GLU B 494 -1.86 12.96 39.17
CA GLU B 494 -3.11 12.23 39.12
C GLU B 494 -4.19 12.93 39.95
N VAL B 495 -5.37 13.10 39.41
CA VAL B 495 -6.42 13.75 40.19
C VAL B 495 -7.82 13.18 39.84
N ASN B 496 -8.69 13.13 40.86
CA ASN B 496 -10.11 12.94 40.65
C ASN B 496 -10.77 14.30 40.81
N ILE B 497 -11.58 14.72 39.84
CA ILE B 497 -12.36 15.95 39.96
C ILE B 497 -13.85 15.62 39.88
N VAL B 498 -14.63 16.12 40.83
CA VAL B 498 -16.06 15.98 40.84
C VAL B 498 -16.72 17.31 40.58
N THR B 499 -17.43 17.41 39.48
CA THR B 499 -18.11 18.63 39.16
C THR B 499 -19.55 18.34 39.16
N ASN B 500 -20.36 19.35 39.38
CA ASN B 500 -21.77 19.22 39.11
C ASN B 500 -22.19 19.92 37.76
N SER B 501 -21.21 20.32 36.96
CA SER B 501 -21.48 21.04 35.72
C SER B 501 -21.64 20.18 34.46
N GLN B 502 -22.88 20.02 33.99
CA GLN B 502 -23.09 19.27 32.78
C GLN B 502 -22.34 19.99 31.69
N TYR B 503 -22.49 21.31 31.66
CA TYR B 503 -21.75 22.13 30.73
C TYR B 503 -20.25 21.87 30.70
N ALA B 504 -19.55 21.94 31.83
CA ALA B 504 -18.09 21.81 31.76
C ALA B 504 -17.67 20.40 31.35
N LEU B 505 -18.39 19.45 31.92
CA LEU B 505 -18.17 18.05 31.71
C LEU B 505 -18.45 17.72 30.23
N GLY B 506 -19.46 18.34 29.67
CA GLY B 506 -19.67 18.10 28.26
C GLY B 506 -18.52 18.55 27.39
N ILE B 507 -17.95 19.73 27.66
CA ILE B 507 -16.84 20.21 26.86
C ILE B 507 -15.63 19.27 26.92
N ILE B 508 -15.25 18.89 28.14
CA ILE B 508 -14.01 18.15 28.36
C ILE B 508 -14.11 16.70 27.88
N GLN B 509 -15.30 16.11 27.94
CA GLN B 509 -15.45 14.68 27.64
C GLN B 509 -15.23 14.41 26.16
N ALA B 510 -15.52 15.41 25.33
CA ALA B 510 -15.30 15.29 23.89
C ALA B 510 -13.84 15.53 23.52
N GLN B 511 -12.97 15.63 24.53
CA GLN B 511 -11.53 15.68 24.30
C GLN B 511 -11.09 16.74 23.34
N PRO B 512 -11.38 18.00 23.61
CA PRO B 512 -10.98 19.00 22.61
C PRO B 512 -9.50 19.19 22.64
N ASP B 513 -8.84 19.43 21.50
CA ASP B 513 -7.47 19.91 21.58
C ASP B 513 -7.34 21.40 21.31
N LYS B 514 -8.43 22.07 20.97
CA LYS B 514 -8.36 23.51 20.72
C LYS B 514 -9.71 24.21 20.97
N SER B 515 -9.69 25.47 21.40
CA SER B 515 -10.93 26.18 21.74
C SER B 515 -10.94 27.63 21.23
N GLU B 516 -12.14 28.19 21.09
CA GLU B 516 -12.24 29.61 20.85
C GLU B 516 -12.17 30.34 22.18
N SER B 517 -11.95 29.60 23.25
CA SER B 517 -12.01 30.16 24.58
C SER B 517 -10.68 29.99 25.27
N GLU B 518 -10.00 31.07 25.64
CA GLU B 518 -8.68 30.95 26.23
C GLU B 518 -8.73 30.09 27.50
N LEU B 519 -9.81 30.22 28.26
CA LEU B 519 -9.97 29.42 29.48
C LEU B 519 -9.96 27.91 29.18
N VAL B 520 -10.74 27.49 28.18
CA VAL B 520 -10.81 26.08 27.83
C VAL B 520 -9.46 25.65 27.37
N ASN B 521 -8.81 26.47 26.57
CA ASN B 521 -7.44 26.19 26.16
C ASN B 521 -6.44 25.98 27.31
N GLN B 522 -6.58 26.74 28.38
CA GLN B 522 -5.70 26.54 29.53
C GLN B 522 -5.98 25.18 30.15
N ILE B 523 -7.26 24.83 30.25
CA ILE B 523 -7.70 23.57 30.82
C ILE B 523 -7.11 22.44 29.99
N ILE B 524 -7.26 22.56 28.67
CA ILE B 524 -6.66 21.60 27.76
C ILE B 524 -5.16 21.42 28.05
N GLU B 525 -4.47 22.54 28.23
CA GLU B 525 -3.05 22.46 28.49
C GLU B 525 -2.77 21.73 29.82
N GLN B 526 -3.56 22.01 30.85
CA GLN B 526 -3.44 21.28 32.10
C GLN B 526 -3.71 19.78 31.92
N LEU B 527 -4.72 19.42 31.11
CA LEU B 527 -5.11 18.02 30.97
C LEU B 527 -4.01 17.23 30.25
N ILE B 528 -3.41 17.82 29.23
CA ILE B 528 -2.33 17.15 28.52
C ILE B 528 -1.14 16.95 29.46
N LYS B 529 -1.04 17.80 30.48
CA LYS B 529 0.03 17.65 31.46
C LYS B 529 -0.14 16.47 32.42
N LYS B 530 -1.37 16.10 32.76
CA LYS B 530 -1.57 15.10 33.80
C LYS B 530 -1.22 13.69 33.32
N GLU B 531 -0.92 12.82 34.26
CA GLU B 531 -0.85 11.41 33.96
C GLU B 531 -2.21 10.72 34.00
N LYS B 532 -3.04 11.04 34.99
CA LYS B 532 -4.33 10.43 35.04
C LYS B 532 -5.38 11.46 35.49
N VAL B 533 -6.46 11.61 34.72
CA VAL B 533 -7.55 12.47 35.17
C VAL B 533 -8.83 11.71 35.14
N TYR B 534 -9.44 11.54 36.29
CA TYR B 534 -10.79 11.08 36.36
C TYR B 534 -11.73 12.24 36.63
N LEU B 535 -12.73 12.44 35.75
CA LEU B 535 -13.68 13.54 35.87
C LEU B 535 -15.09 12.97 36.00
N ALA B 536 -15.78 13.31 37.08
CA ALA B 536 -17.07 12.73 37.43
C ALA B 536 -18.19 13.76 37.68
N TRP B 537 -19.45 13.42 37.42
CA TRP B 537 -20.56 14.36 37.59
C TRP B 537 -21.45 14.00 38.76
N VAL B 538 -22.00 14.94 39.50
CA VAL B 538 -23.04 14.62 40.48
C VAL B 538 -24.08 15.68 40.30
N PRO B 539 -25.32 15.43 40.76
CA PRO B 539 -26.33 16.49 40.64
C PRO B 539 -26.18 17.51 41.75
N ALA B 540 -26.50 18.76 41.45
CA ALA B 540 -26.43 19.80 42.46
C ALA B 540 -27.56 19.72 43.50
N HIS B 541 -27.27 20.14 44.73
CA HIS B 541 -28.26 20.27 45.82
C HIS B 541 -28.97 18.98 46.24
N LYS B 542 -28.27 17.87 46.14
CA LYS B 542 -28.77 16.61 46.69
C LYS B 542 -28.09 16.26 47.99
N GLY B 543 -27.25 17.16 48.48
CA GLY B 543 -26.60 16.88 49.74
C GLY B 543 -25.51 15.85 49.56
N ILE B 544 -24.84 15.91 48.42
CA ILE B 544 -23.80 14.97 48.14
C ILE B 544 -22.54 15.58 48.73
N GLY B 545 -21.79 14.78 49.48
CA GLY B 545 -20.85 15.31 50.45
C GLY B 545 -19.88 16.42 50.08
N GLY B 546 -19.00 16.23 49.10
CA GLY B 546 -18.01 17.28 48.83
C GLY B 546 -18.68 18.42 48.09
N ASN B 547 -19.50 18.08 47.12
CA ASN B 547 -20.21 19.08 46.35
C ASN B 547 -20.97 20.10 47.21
N GLU B 548 -21.62 19.66 48.28
CA GLU B 548 -22.42 20.54 49.14
C GLU B 548 -21.54 21.61 49.77
N GLN B 549 -20.43 21.17 50.34
CA GLN B 549 -19.42 22.05 50.95
C GLN B 549 -18.98 23.22 50.09
N VAL B 550 -18.47 22.91 48.91
CA VAL B 550 -17.90 23.91 48.04
C VAL B 550 -18.96 24.80 47.41
N ASP B 551 -20.17 24.26 47.29
CA ASP B 551 -21.25 25.04 46.71
C ASP B 551 -21.52 26.22 47.60
N LYS B 552 -21.51 26.01 48.91
CA LYS B 552 -21.77 27.08 49.85
C LYS B 552 -20.71 28.15 49.70
N LEU B 553 -19.46 27.74 49.60
CA LEU B 553 -18.38 28.69 49.52
C LEU B 553 -18.54 29.53 48.26
N VAL B 554 -18.86 28.86 47.16
CA VAL B 554 -19.01 29.57 45.89
C VAL B 554 -20.17 30.55 45.91
N SER B 555 -21.27 30.13 46.54
CA SER B 555 -22.44 31.00 46.68
C SER B 555 -22.12 32.23 47.51
N ALA B 556 -21.31 32.03 48.55
CA ALA B 556 -20.94 33.09 49.48
C ALA B 556 -20.63 34.39 48.75
N PRO C 4 -8.43 -17.96 -24.60
CA PRO C 4 -9.47 -18.33 -23.64
C PRO C 4 -9.78 -17.21 -22.63
N ILE C 5 -8.77 -16.42 -22.26
CA ILE C 5 -8.97 -15.29 -21.36
C ILE C 5 -8.19 -14.08 -21.90
N GLU C 6 -8.50 -12.91 -21.35
CA GLU C 6 -7.88 -11.65 -21.76
C GLU C 6 -6.57 -11.42 -21.01
N THR C 7 -5.44 -11.38 -21.72
CA THR C 7 -4.19 -11.27 -21.00
C THR C 7 -3.93 -9.83 -20.57
N VAL C 8 -3.85 -9.63 -19.25
CA VAL C 8 -3.56 -8.32 -18.67
C VAL C 8 -2.12 -7.90 -18.99
N PRO C 9 -1.94 -6.73 -19.61
CA PRO C 9 -0.57 -6.32 -19.98
C PRO C 9 0.29 -6.02 -18.76
N VAL C 10 1.59 -6.15 -18.94
CA VAL C 10 2.51 -5.85 -17.87
C VAL C 10 3.77 -5.22 -18.42
N LYS C 11 4.23 -4.20 -17.71
CA LYS C 11 5.46 -3.57 -18.10
C LYS C 11 6.37 -3.58 -16.90
N LEU C 12 7.68 -3.53 -17.14
CA LEU C 12 8.64 -3.43 -16.07
C LEU C 12 8.58 -2.04 -15.53
N LYS C 13 9.08 -1.81 -14.31
CA LYS C 13 9.15 -0.46 -13.78
C LYS C 13 9.87 0.39 -14.82
N PRO C 14 9.51 1.67 -14.91
CA PRO C 14 10.14 2.61 -15.83
C PRO C 14 11.66 2.63 -15.77
N GLY C 15 12.29 2.61 -16.94
CA GLY C 15 13.73 2.66 -17.06
C GLY C 15 14.48 1.57 -16.32
N MET C 16 14.10 0.33 -16.64
CA MET C 16 14.63 -0.83 -15.96
C MET C 16 14.60 -1.95 -16.96
N ASP C 17 15.52 -2.89 -16.83
CA ASP C 17 15.62 -3.95 -17.80
C ASP C 17 15.39 -5.29 -17.13
N GLY C 18 15.04 -6.31 -17.91
CA GLY C 18 14.74 -7.63 -17.37
C GLY C 18 15.91 -8.26 -16.63
N PRO C 19 15.64 -9.30 -15.85
CA PRO C 19 16.65 -9.95 -15.02
C PRO C 19 17.70 -10.69 -15.83
N LYS C 20 18.98 -10.49 -15.54
CA LYS C 20 19.91 -11.44 -16.13
C LYS C 20 20.75 -12.07 -15.02
N VAL C 21 20.36 -13.28 -14.60
CA VAL C 21 21.01 -13.89 -13.46
C VAL C 21 21.44 -15.31 -13.78
N LYS C 22 22.74 -15.62 -13.64
CA LYS C 22 23.27 -16.96 -13.95
C LYS C 22 22.58 -18.08 -13.15
N GLN C 23 22.33 -19.23 -13.77
CA GLN C 23 21.83 -20.40 -13.04
C GLN C 23 22.95 -21.03 -12.24
N TRP C 24 22.67 -21.43 -11.00
CA TRP C 24 23.65 -22.08 -10.12
C TRP C 24 23.60 -23.58 -10.25
N PRO C 25 24.72 -24.25 -9.94
CA PRO C 25 24.79 -25.71 -9.99
C PRO C 25 23.65 -26.41 -9.27
N LEU C 26 23.10 -27.49 -9.83
CA LEU C 26 22.09 -28.19 -9.08
C LEU C 26 22.55 -29.61 -8.76
N THR C 27 22.09 -30.17 -7.65
CA THR C 27 22.38 -31.53 -7.26
C THR C 27 21.69 -32.42 -8.26
N GLU C 28 22.05 -33.70 -8.33
CA GLU C 28 21.42 -34.57 -9.31
C GLU C 28 19.93 -34.75 -9.05
N GLU C 29 19.53 -34.88 -7.80
CA GLU C 29 18.12 -35.10 -7.56
C GLU C 29 17.31 -33.90 -7.99
N LYS C 30 17.80 -32.69 -7.76
CA LYS C 30 17.02 -31.56 -8.21
C LYS C 30 16.94 -31.42 -9.74
N ILE C 31 18.02 -31.73 -10.45
CA ILE C 31 17.99 -31.68 -11.91
C ILE C 31 17.05 -32.71 -12.45
N LYS C 32 16.99 -33.88 -11.82
CA LYS C 32 16.05 -34.88 -12.29
C LYS C 32 14.65 -34.39 -12.07
N ALA C 33 14.34 -33.98 -10.84
CA ALA C 33 13.02 -33.48 -10.53
C ALA C 33 12.58 -32.36 -11.46
N LEU C 34 13.50 -31.45 -11.77
CA LEU C 34 13.18 -30.36 -12.66
C LEU C 34 12.99 -30.80 -14.09
N VAL C 35 13.88 -31.63 -14.61
CA VAL C 35 13.73 -32.16 -15.98
C VAL C 35 12.36 -32.80 -16.20
N GLU C 36 11.88 -33.54 -15.20
CA GLU C 36 10.58 -34.16 -15.27
C GLU C 36 9.40 -33.20 -15.16
N ILE C 37 9.40 -32.33 -14.14
CA ILE C 37 8.41 -31.26 -13.96
C ILE C 37 8.25 -30.41 -15.24
N CYS C 38 9.36 -30.07 -15.86
CA CYS C 38 9.33 -29.22 -17.04
C CYS C 38 8.80 -29.96 -18.27
N THR C 39 9.10 -31.25 -18.39
CA THR C 39 8.49 -32.03 -19.46
C THR C 39 6.95 -31.90 -19.38
N GLU C 40 6.35 -32.27 -18.25
CA GLU C 40 4.91 -32.21 -18.20
C GLU C 40 4.39 -30.78 -18.29
N MET C 41 5.22 -29.82 -17.94
CA MET C 41 4.79 -28.45 -18.07
C MET C 41 4.87 -28.01 -19.53
N GLU C 42 5.77 -28.61 -20.30
CA GLU C 42 5.82 -28.25 -21.72
C GLU C 42 4.61 -28.86 -22.39
N LYS C 43 4.44 -30.16 -22.20
CA LYS C 43 3.37 -30.82 -22.89
C LYS C 43 1.99 -30.30 -22.44
N GLU C 44 1.91 -29.55 -21.36
CA GLU C 44 0.67 -28.88 -20.95
C GLU C 44 0.62 -27.42 -21.41
N GLY C 45 1.61 -27.00 -22.17
CA GLY C 45 1.69 -25.67 -22.72
C GLY C 45 1.96 -24.56 -21.69
N LYS C 46 2.26 -24.92 -20.43
CA LYS C 46 2.56 -23.88 -19.42
C LYS C 46 3.89 -23.20 -19.67
N ILE C 47 4.86 -23.95 -20.21
CA ILE C 47 6.14 -23.34 -20.62
C ILE C 47 6.51 -23.95 -21.93
N SER C 48 7.44 -23.31 -22.64
CA SER C 48 7.90 -23.85 -23.92
C SER C 48 9.35 -23.44 -24.19
N LYS C 49 10.10 -24.33 -24.83
CA LYS C 49 11.53 -24.13 -24.99
C LYS C 49 11.81 -22.85 -25.78
N ILE C 50 13.02 -22.31 -25.62
CA ILE C 50 13.41 -21.06 -26.26
C ILE C 50 14.91 -21.10 -26.53
N GLY C 51 15.50 -19.97 -26.89
CA GLY C 51 16.88 -20.00 -27.31
C GLY C 51 17.62 -18.78 -26.87
N PRO C 52 18.93 -18.75 -27.13
CA PRO C 52 19.89 -17.71 -26.71
C PRO C 52 19.53 -16.28 -27.17
N GLU C 53 18.61 -16.18 -28.13
CA GLU C 53 18.09 -14.90 -28.60
C GLU C 53 17.55 -14.11 -27.39
N ASN C 54 16.80 -14.78 -26.50
CA ASN C 54 16.31 -14.15 -25.27
C ASN C 54 17.45 -13.93 -24.21
N PRO C 55 17.83 -12.65 -23.98
CA PRO C 55 18.97 -12.27 -23.15
C PRO C 55 18.76 -12.46 -21.64
N TYR C 56 17.50 -12.69 -21.25
CA TYR C 56 17.09 -12.67 -19.85
C TYR C 56 17.12 -14.06 -19.23
N ASN C 57 17.51 -14.14 -17.96
CA ASN C 57 17.48 -15.39 -17.21
C ASN C 57 17.25 -15.24 -15.69
N THR C 58 16.47 -16.17 -15.16
CA THR C 58 16.20 -16.27 -13.73
C THR C 58 16.63 -17.64 -13.18
N PRO C 59 17.16 -17.69 -11.96
CA PRO C 59 17.58 -18.98 -11.44
C PRO C 59 16.45 -19.87 -11.05
N VAL C 60 16.61 -21.17 -11.19
CA VAL C 60 15.52 -22.13 -10.89
C VAL C 60 16.14 -23.25 -10.06
N PHE C 61 15.34 -23.86 -9.21
CA PHE C 61 15.83 -25.00 -8.46
C PHE C 61 14.60 -25.65 -7.88
N ALA C 62 14.73 -26.67 -7.06
CA ALA C 62 13.52 -27.33 -6.57
C ALA C 62 13.58 -27.56 -5.08
N ILE C 63 12.40 -27.72 -4.46
CA ILE C 63 12.39 -27.89 -3.03
C ILE C 63 11.33 -28.86 -2.61
N LYS C 64 11.40 -29.34 -1.38
CA LYS C 64 10.32 -30.13 -0.81
C LYS C 64 9.80 -29.38 0.40
N LYS C 65 8.51 -29.11 0.41
CA LYS C 65 7.86 -28.43 1.50
C LYS C 65 7.99 -29.26 2.76
N LYS C 66 7.73 -28.64 3.89
CA LYS C 66 7.95 -29.30 5.17
C LYS C 66 7.07 -30.57 5.28
N ASP C 67 7.71 -31.74 5.41
CA ASP C 67 7.06 -33.07 5.55
C ASP C 67 6.58 -33.63 4.19
N SER C 68 6.75 -32.87 3.11
CA SER C 68 6.18 -33.19 1.80
C SER C 68 6.64 -34.45 1.06
N THR C 69 7.93 -34.60 0.79
CA THR C 69 8.40 -35.73 -0.08
C THR C 69 8.07 -35.61 -1.60
N LYS C 70 7.29 -34.60 -1.97
CA LYS C 70 7.10 -34.35 -3.40
C LYS C 70 7.84 -33.08 -3.77
N TRP C 71 8.54 -33.09 -4.91
CA TRP C 71 9.29 -31.93 -5.34
C TRP C 71 8.40 -30.83 -5.84
N ARG C 72 8.83 -29.60 -5.59
CA ARG C 72 8.13 -28.39 -6.05
C ARG C 72 9.13 -27.63 -6.87
N LYS C 73 8.74 -27.09 -8.01
CA LYS C 73 9.66 -26.24 -8.74
C LYS C 73 9.62 -24.90 -8.08
N LEU C 74 10.78 -24.27 -7.96
CA LEU C 74 10.88 -22.95 -7.34
C LEU C 74 11.74 -22.05 -8.16
N VAL C 75 11.16 -20.95 -8.60
CA VAL C 75 11.96 -20.00 -9.32
C VAL C 75 12.36 -18.84 -8.40
N ASP C 76 13.59 -18.37 -8.58
CA ASP C 76 14.02 -17.29 -7.74
C ASP C 76 13.80 -16.07 -8.57
N PHE C 77 12.63 -15.48 -8.33
CA PHE C 77 12.12 -14.42 -9.14
C PHE C 77 12.42 -13.09 -8.51
N ARG C 78 13.21 -13.09 -7.44
CA ARG C 78 13.48 -11.88 -6.67
C ARG C 78 13.89 -10.71 -7.56
N GLU C 79 14.74 -10.99 -8.53
CA GLU C 79 15.25 -9.96 -9.43
C GLU C 79 14.23 -9.47 -10.45
N LEU C 80 13.34 -10.34 -10.89
CA LEU C 80 12.27 -9.90 -11.79
C LEU C 80 11.31 -9.06 -10.97
N ASN C 81 10.83 -9.60 -9.85
CA ASN C 81 9.93 -8.86 -8.96
C ASN C 81 10.41 -7.46 -8.59
N LYS C 82 11.70 -7.29 -8.37
CA LYS C 82 12.19 -5.96 -8.11
C LYS C 82 11.91 -5.08 -9.33
N ARG C 83 11.85 -5.67 -10.52
CA ARG C 83 11.65 -4.86 -11.72
C ARG C 83 10.19 -4.81 -12.22
N THR C 84 9.30 -5.54 -11.57
CA THR C 84 7.84 -5.41 -11.75
C THR C 84 7.15 -4.66 -10.56
N GLN C 85 7.96 -4.23 -9.58
CA GLN C 85 7.55 -3.70 -8.22
C GLN C 85 6.39 -2.68 -8.23
N ASP C 86 6.47 -1.81 -9.23
CA ASP C 86 5.44 -0.87 -9.60
C ASP C 86 4.02 -1.50 -9.58
N PHE C 87 3.84 -2.48 -10.45
CA PHE C 87 2.62 -3.18 -10.70
C PHE C 87 1.83 -3.69 -9.49
N TRP C 88 2.44 -4.60 -8.71
CA TRP C 88 1.74 -5.28 -7.62
C TRP C 88 1.66 -4.52 -6.29
N GLU C 89 2.26 -3.32 -6.24
CA GLU C 89 1.99 -2.41 -5.13
C GLU C 89 0.98 -1.32 -5.57
N VAL C 90 1.35 -0.52 -6.57
CA VAL C 90 0.53 0.61 -7.04
C VAL C 90 -0.78 0.28 -7.80
N GLN C 91 -0.80 -0.69 -8.71
CA GLN C 91 -2.00 -0.81 -9.56
C GLN C 91 -3.05 -1.87 -9.13
N LEU C 92 -2.68 -3.14 -9.29
CA LEU C 92 -3.58 -4.28 -9.03
C LEU C 92 -3.41 -4.99 -7.65
N GLY C 93 -2.57 -4.43 -6.76
CA GLY C 93 -2.18 -5.07 -5.51
C GLY C 93 -3.24 -5.42 -4.47
N ILE C 94 -2.81 -6.03 -3.36
CA ILE C 94 -3.74 -6.60 -2.35
C ILE C 94 -3.64 -5.87 -1.01
N PRO C 95 -4.78 -5.65 -0.33
CA PRO C 95 -4.81 -5.00 1.00
C PRO C 95 -4.44 -5.93 2.16
N HIS C 96 -3.87 -5.42 3.26
CA HIS C 96 -3.45 -6.32 4.34
C HIS C 96 -4.31 -6.24 5.62
N PRO C 97 -4.87 -7.38 6.01
CA PRO C 97 -5.79 -7.67 7.11
C PRO C 97 -5.19 -7.63 8.51
N ALA C 98 -5.20 -6.49 9.16
CA ALA C 98 -4.57 -6.38 10.49
C ALA C 98 -5.14 -7.34 11.54
N GLY C 99 -6.21 -8.06 11.20
CA GLY C 99 -6.80 -8.98 12.14
C GLY C 99 -6.22 -10.38 12.03
N LEU C 100 -5.60 -10.68 10.91
CA LEU C 100 -5.02 -12.00 10.68
C LEU C 100 -4.18 -12.43 11.88
N LYS C 101 -3.32 -11.53 12.36
CA LYS C 101 -2.36 -11.81 13.44
C LYS C 101 -3.01 -12.12 14.78
N LYS C 102 -4.28 -11.74 14.94
CA LYS C 102 -4.99 -11.94 16.21
C LYS C 102 -5.66 -13.33 16.26
N LYS C 103 -5.81 -13.99 15.12
CA LYS C 103 -6.53 -15.26 15.09
C LYS C 103 -5.80 -16.40 15.81
N LYS C 104 -6.57 -17.28 16.44
CA LYS C 104 -5.99 -18.34 17.24
C LYS C 104 -5.39 -19.42 16.32
N SER C 105 -5.81 -19.44 15.06
CA SER C 105 -5.16 -20.32 14.09
C SER C 105 -5.15 -19.75 12.71
N VAL C 106 -4.07 -20.01 11.98
CA VAL C 106 -3.96 -19.57 10.60
C VAL C 106 -3.35 -20.70 9.82
N THR C 107 -4.02 -21.11 8.73
CA THR C 107 -3.46 -22.15 7.87
C THR C 107 -3.03 -21.54 6.58
N VAL C 108 -1.88 -22.01 6.09
CA VAL C 108 -1.35 -21.54 4.84
C VAL C 108 -1.53 -22.62 3.80
N LEU C 109 -2.16 -22.26 2.67
CA LEU C 109 -2.39 -23.21 1.60
C LEU C 109 -1.62 -22.78 0.37
N ASP C 110 -1.15 -23.76 -0.40
CA ASP C 110 -0.46 -23.46 -1.64
C ASP C 110 -1.49 -23.45 -2.77
N VAL C 111 -1.83 -22.26 -3.22
CA VAL C 111 -2.79 -22.11 -4.31
C VAL C 111 -2.09 -21.83 -5.63
N GLY C 112 -0.77 -21.86 -5.61
CA GLY C 112 0.01 -21.42 -6.76
C GLY C 112 -0.38 -22.09 -8.07
N ASP C 113 -0.89 -23.32 -7.97
CA ASP C 113 -1.26 -24.08 -9.16
C ASP C 113 -2.35 -23.37 -9.99
N ALA C 114 -3.25 -22.68 -9.28
CA ALA C 114 -4.28 -21.87 -9.89
C ALA C 114 -3.76 -20.90 -10.96
N TYR C 115 -2.60 -20.28 -10.72
CA TYR C 115 -2.08 -19.23 -11.59
C TYR C 115 -1.80 -19.77 -12.99
N PHE C 116 -1.67 -21.08 -13.10
CA PHE C 116 -1.37 -21.67 -14.39
C PHE C 116 -2.58 -21.51 -15.37
N SER C 117 -3.80 -21.46 -14.84
CA SER C 117 -5.00 -21.15 -15.62
C SER C 117 -4.83 -19.95 -16.53
N VAL C 118 -4.66 -18.77 -15.93
CA VAL C 118 -4.44 -17.55 -16.71
C VAL C 118 -3.20 -17.59 -17.62
N PRO C 119 -3.32 -17.04 -18.83
CA PRO C 119 -2.15 -16.84 -19.68
C PRO C 119 -1.46 -15.58 -19.29
N LEU C 120 -0.33 -15.31 -19.93
CA LEU C 120 0.56 -14.23 -19.55
C LEU C 120 0.71 -13.31 -20.73
N ASP C 121 0.82 -12.01 -20.48
CA ASP C 121 1.04 -11.07 -21.57
C ASP C 121 2.18 -11.63 -22.39
N GLU C 122 1.99 -11.67 -23.69
CA GLU C 122 2.97 -12.33 -24.53
C GLU C 122 4.24 -11.50 -24.53
N ASP C 123 4.09 -10.20 -24.37
CA ASP C 123 5.27 -9.35 -24.37
C ASP C 123 6.06 -9.54 -23.08
N PHE C 124 5.42 -10.12 -22.08
CA PHE C 124 6.13 -10.34 -20.81
C PHE C 124 7.01 -11.59 -20.73
N ARG C 125 6.55 -12.67 -21.33
CA ARG C 125 7.16 -13.98 -21.21
C ARG C 125 8.66 -14.01 -21.47
N LYS C 126 9.15 -13.09 -22.31
CA LYS C 126 10.58 -13.00 -22.55
C LYS C 126 11.36 -12.88 -21.24
N TYR C 127 10.69 -12.34 -20.22
CA TYR C 127 11.32 -12.09 -18.93
C TYR C 127 11.20 -13.24 -17.93
N THR C 128 10.41 -14.26 -18.23
CA THR C 128 10.31 -15.38 -17.31
C THR C 128 11.33 -16.46 -17.63
N ALA C 129 12.25 -16.16 -18.53
CA ALA C 129 13.26 -17.11 -19.00
C ALA C 129 14.06 -17.78 -17.90
N PHE C 130 14.17 -19.10 -17.96
CA PHE C 130 15.00 -19.82 -17.01
C PHE C 130 15.71 -21.04 -17.62
N THR C 131 16.99 -21.23 -17.31
CA THR C 131 17.78 -22.34 -17.86
C THR C 131 17.93 -23.57 -16.95
N ILE C 132 17.75 -24.77 -17.51
CA ILE C 132 18.04 -25.99 -16.74
C ILE C 132 19.46 -26.50 -17.02
N PRO C 133 20.27 -26.64 -15.96
CA PRO C 133 21.66 -27.05 -16.10
C PRO C 133 21.78 -28.55 -16.31
N SER C 134 22.91 -29.01 -16.84
CA SER C 134 23.12 -30.46 -16.88
C SER C 134 24.28 -30.88 -15.99
N ILE C 135 24.17 -32.08 -15.45
CA ILE C 135 25.24 -32.62 -14.66
C ILE C 135 26.49 -32.84 -15.47
N ASN C 136 27.60 -32.36 -14.97
CA ASN C 136 28.89 -32.41 -15.64
C ASN C 136 28.86 -31.72 -17.00
N ASN C 137 27.93 -30.80 -17.19
CA ASN C 137 27.82 -30.09 -18.46
C ASN C 137 27.76 -30.99 -19.65
N GLU C 138 27.07 -32.12 -19.50
CA GLU C 138 26.84 -33.03 -20.61
C GLU C 138 26.21 -32.25 -21.76
N THR C 139 25.13 -31.52 -21.47
CA THR C 139 24.40 -30.75 -22.47
C THR C 139 24.53 -29.29 -22.13
N PRO C 140 24.47 -28.39 -23.13
CA PRO C 140 24.26 -26.98 -22.78
C PRO C 140 22.91 -26.78 -22.10
N GLY C 141 22.65 -25.55 -21.68
CA GLY C 141 21.44 -25.34 -20.89
C GLY C 141 20.18 -25.51 -21.70
N ILE C 142 19.21 -26.20 -21.12
CA ILE C 142 17.94 -26.30 -21.81
C ILE C 142 17.06 -25.16 -21.29
N ARG C 143 16.88 -24.12 -22.12
CA ARG C 143 16.12 -22.91 -21.76
C ARG C 143 14.59 -22.94 -21.95
N TYR C 144 13.88 -22.22 -21.11
CA TYR C 144 12.44 -22.08 -21.26
C TYR C 144 11.95 -20.64 -21.02
N GLN C 145 10.65 -20.42 -21.22
CA GLN C 145 9.96 -19.22 -20.74
C GLN C 145 8.51 -19.55 -20.49
N TYR C 146 7.85 -18.72 -19.71
CA TYR C 146 6.51 -19.03 -19.24
C TYR C 146 5.38 -18.57 -20.15
N ASN C 147 4.44 -19.46 -20.41
CA ASN C 147 3.26 -19.07 -21.18
C ASN C 147 2.08 -18.69 -20.26
N VAL C 148 2.17 -19.02 -18.98
CA VAL C 148 1.07 -18.69 -18.08
C VAL C 148 1.57 -17.87 -16.88
N LEU C 149 0.71 -17.61 -15.91
CA LEU C 149 1.16 -16.92 -14.73
C LEU C 149 2.12 -17.83 -13.99
N PRO C 150 3.40 -17.40 -13.86
CA PRO C 150 4.39 -18.26 -13.20
C PRO C 150 4.15 -18.24 -11.68
N GLN C 151 4.47 -19.34 -11.01
CA GLN C 151 4.46 -19.39 -9.55
C GLN C 151 5.63 -18.57 -9.01
N GLY C 152 5.39 -17.85 -7.92
CA GLY C 152 6.44 -17.05 -7.33
C GLY C 152 6.85 -15.75 -8.01
N TRP C 153 6.06 -15.30 -8.99
CA TRP C 153 6.20 -13.94 -9.53
C TRP C 153 5.22 -13.13 -8.74
N LYS C 154 5.53 -11.88 -8.45
CA LYS C 154 4.65 -11.10 -7.60
C LYS C 154 3.48 -10.63 -8.44
N GLY C 155 3.65 -10.68 -9.76
CA GLY C 155 2.56 -10.34 -10.65
C GLY C 155 1.46 -11.41 -10.68
N SER C 156 1.79 -12.65 -10.35
CA SER C 156 0.78 -13.70 -10.48
C SER C 156 -0.40 -13.60 -9.55
N PRO C 157 -0.17 -13.47 -8.24
CA PRO C 157 -1.38 -13.40 -7.40
C PRO C 157 -2.22 -12.13 -7.63
N ALA C 158 -1.58 -11.08 -8.16
CA ALA C 158 -2.29 -9.84 -8.46
C ALA C 158 -3.22 -9.98 -9.66
N ILE C 159 -2.70 -10.48 -10.78
CA ILE C 159 -3.49 -10.61 -11.98
C ILE C 159 -4.65 -11.58 -11.72
N PHE C 160 -4.42 -12.56 -10.88
CA PHE C 160 -5.43 -13.58 -10.61
C PHE C 160 -6.34 -13.16 -9.43
N GLN C 161 -6.13 -11.95 -8.90
CA GLN C 161 -6.89 -11.51 -7.72
C GLN C 161 -8.40 -11.50 -7.95
N SER C 162 -8.80 -11.02 -9.13
CA SER C 162 -10.20 -10.95 -9.54
C SER C 162 -10.80 -12.35 -9.62
N SER C 163 -10.09 -13.24 -10.27
CA SER C 163 -10.48 -14.63 -10.35
C SER C 163 -10.62 -15.19 -8.93
N MET C 164 -9.60 -14.97 -8.13
CA MET C 164 -9.56 -15.46 -6.75
C MET C 164 -10.78 -15.02 -5.93
N THR C 165 -10.98 -13.70 -5.84
CA THR C 165 -12.05 -13.15 -5.01
C THR C 165 -13.41 -13.79 -5.39
N LYS C 166 -13.60 -14.02 -6.69
CA LYS C 166 -14.82 -14.67 -7.17
C LYS C 166 -14.92 -16.09 -6.64
N ILE C 167 -13.84 -16.85 -6.75
CA ILE C 167 -13.85 -18.22 -6.26
C ILE C 167 -14.04 -18.24 -4.73
N LEU C 168 -13.55 -17.20 -4.08
CA LEU C 168 -13.60 -17.10 -2.63
C LEU C 168 -14.92 -16.58 -2.06
N GLU C 169 -15.48 -15.62 -2.78
CA GLU C 169 -16.65 -14.87 -2.31
C GLU C 169 -17.80 -15.68 -1.69
N PRO C 170 -18.17 -16.83 -2.28
CA PRO C 170 -19.18 -17.65 -1.61
C PRO C 170 -18.89 -18.02 -0.17
N PHE C 171 -17.65 -18.44 0.07
CA PHE C 171 -17.20 -18.86 1.38
C PHE C 171 -16.89 -17.72 2.36
N LYS C 172 -16.54 -16.56 1.85
CA LYS C 172 -16.39 -15.36 2.68
C LYS C 172 -17.76 -14.96 3.21
N LYS C 173 -18.81 -15.29 2.46
CA LYS C 173 -20.16 -14.95 2.86
C LYS C 173 -20.73 -16.02 3.78
N GLN C 174 -20.48 -17.27 3.47
CA GLN C 174 -20.97 -18.35 4.31
C GLN C 174 -20.26 -18.19 5.64
N ASN C 175 -18.96 -17.91 5.58
CA ASN C 175 -18.20 -17.64 6.80
C ASN C 175 -17.66 -16.21 6.89
N PRO C 176 -18.50 -15.29 7.34
CA PRO C 176 -18.33 -13.84 7.32
C PRO C 176 -17.07 -13.33 8.05
N ASP C 177 -16.71 -13.98 9.16
CA ASP C 177 -15.62 -13.55 10.06
C ASP C 177 -14.25 -14.26 9.94
N ILE C 178 -14.12 -15.23 9.05
CA ILE C 178 -12.86 -15.95 8.87
C ILE C 178 -11.92 -15.13 7.99
N VAL C 179 -10.73 -14.75 8.50
CA VAL C 179 -9.88 -13.86 7.72
C VAL C 179 -9.09 -14.62 6.68
N ILE C 180 -8.98 -14.05 5.49
CA ILE C 180 -8.29 -14.70 4.39
C ILE C 180 -7.33 -13.68 3.77
N TYR C 181 -6.08 -14.07 3.63
CA TYR C 181 -5.07 -13.21 3.05
C TYR C 181 -4.33 -13.95 1.94
N GLN C 182 -3.93 -13.20 0.93
CA GLN C 182 -3.15 -13.78 -0.13
C GLN C 182 -1.79 -13.10 -0.27
N TYR C 183 -0.74 -13.87 -0.03
CA TYR C 183 0.62 -13.44 -0.29
C TYR C 183 1.26 -14.43 -1.22
N MET C 184 1.53 -13.96 -2.44
CA MET C 184 2.09 -14.79 -3.51
C MET C 184 1.40 -16.14 -3.62
N ASP C 185 2.16 -17.22 -3.78
CA ASP C 185 1.59 -18.55 -4.00
C ASP C 185 0.79 -19.04 -2.79
N ASP C 186 0.75 -18.29 -1.70
CA ASP C 186 0.05 -18.76 -0.52
C ASP C 186 -1.28 -18.09 -0.20
N LEU C 187 -2.18 -18.88 0.39
CA LEU C 187 -3.40 -18.34 0.94
C LEU C 187 -3.36 -18.48 2.45
N TYR C 188 -3.42 -17.38 3.18
CA TYR C 188 -3.41 -17.44 4.64
C TYR C 188 -4.84 -17.36 5.12
N VAL C 189 -5.22 -18.28 5.98
CA VAL C 189 -6.61 -18.40 6.37
C VAL C 189 -6.72 -18.59 7.86
N GLY C 190 -7.48 -17.74 8.53
CA GLY C 190 -7.51 -17.84 9.97
C GLY C 190 -8.86 -17.55 10.61
N SER C 191 -8.99 -18.12 11.80
CA SER C 191 -10.27 -18.26 12.49
C SER C 191 -9.97 -18.37 13.97
N ASP C 192 -10.95 -18.02 14.80
CA ASP C 192 -10.87 -18.23 16.24
C ASP C 192 -11.61 -19.52 16.63
N LEU C 193 -12.04 -20.27 15.61
CA LEU C 193 -12.71 -21.55 15.81
C LEU C 193 -11.77 -22.48 16.51
N GLU C 194 -12.33 -23.50 17.17
CA GLU C 194 -11.49 -24.54 17.76
C GLU C 194 -10.81 -25.31 16.63
N ILE C 195 -9.77 -26.03 16.98
CA ILE C 195 -8.93 -26.75 16.04
C ILE C 195 -9.70 -27.62 15.02
N GLY C 196 -10.67 -28.39 15.49
CA GLY C 196 -11.46 -29.25 14.61
C GLY C 196 -12.34 -28.49 13.62
N GLN C 197 -13.11 -27.53 14.13
CA GLN C 197 -13.91 -26.63 13.29
C GLN C 197 -13.02 -25.99 12.25
N HIS C 198 -11.90 -25.44 12.70
CA HIS C 198 -10.95 -24.78 11.82
C HIS C 198 -10.50 -25.70 10.71
N ARG C 199 -9.89 -26.81 11.08
CA ARG C 199 -9.43 -27.77 10.08
C ARG C 199 -10.50 -28.18 9.07
N THR C 200 -11.69 -28.45 9.58
CA THR C 200 -12.86 -28.76 8.75
C THR C 200 -13.11 -27.68 7.72
N LYS C 201 -13.24 -26.44 8.20
CA LYS C 201 -13.54 -25.31 7.33
C LYS C 201 -12.47 -25.11 6.27
N ILE C 202 -11.23 -25.50 6.58
CA ILE C 202 -10.17 -25.43 5.58
C ILE C 202 -10.46 -26.38 4.42
N GLU C 203 -10.81 -27.62 4.77
CA GLU C 203 -11.23 -28.67 3.84
C GLU C 203 -12.37 -28.19 2.95
N GLU C 204 -13.31 -27.49 3.57
CA GLU C 204 -14.41 -26.87 2.85
C GLU C 204 -13.90 -25.86 1.81
N LEU C 205 -12.95 -25.00 2.20
CA LEU C 205 -12.31 -24.06 1.26
C LEU C 205 -11.56 -24.80 0.15
N ARG C 206 -11.15 -26.02 0.47
CA ARG C 206 -10.40 -26.85 -0.47
C ARG C 206 -11.33 -27.32 -1.57
N GLN C 207 -12.37 -28.06 -1.20
CA GLN C 207 -13.39 -28.50 -2.16
C GLN C 207 -13.80 -27.30 -2.98
N HIS C 208 -14.11 -26.23 -2.27
CA HIS C 208 -14.53 -24.97 -2.85
C HIS C 208 -13.53 -24.45 -3.89
N LEU C 209 -12.26 -24.76 -3.67
CA LEU C 209 -11.22 -24.42 -4.65
C LEU C 209 -11.13 -25.41 -5.78
N LEU C 210 -11.51 -26.65 -5.49
CA LEU C 210 -11.41 -27.74 -6.44
C LEU C 210 -12.37 -27.57 -7.62
N ARG C 211 -13.62 -27.27 -7.33
CA ARG C 211 -14.62 -27.14 -8.39
C ARG C 211 -14.44 -25.88 -9.26
N TRP C 212 -13.50 -25.02 -8.87
CA TRP C 212 -13.02 -23.96 -9.73
C TRP C 212 -11.75 -24.38 -10.47
N GLY C 213 -11.39 -25.66 -10.32
CA GLY C 213 -10.18 -26.22 -10.92
C GLY C 213 -8.81 -25.90 -10.30
N LEU C 214 -8.64 -26.16 -9.00
CA LEU C 214 -7.33 -26.02 -8.30
C LEU C 214 -7.07 -27.12 -7.21
N THR C 215 -5.79 -27.45 -6.95
CA THR C 215 -5.43 -28.38 -5.86
C THR C 215 -4.83 -27.73 -4.58
N THR C 216 -4.60 -28.55 -3.56
CA THR C 216 -3.99 -28.12 -2.28
C THR C 216 -3.13 -29.23 -1.64
N PRO C 217 -1.89 -29.41 -2.15
CA PRO C 217 -0.96 -30.51 -1.81
C PRO C 217 -1.02 -31.00 -0.35
N GLY C 231 -1.80 -28.58 4.56
CA GLY C 231 -1.67 -27.19 4.97
C GLY C 231 -1.01 -26.93 6.31
N TYR C 232 -0.11 -25.96 6.30
CA TYR C 232 0.68 -25.44 7.44
C TYR C 232 -0.18 -24.76 8.47
N GLU C 233 -0.07 -25.11 9.76
CA GLU C 233 -0.87 -24.40 10.76
C GLU C 233 -0.08 -23.49 11.70
N LEU C 234 -0.33 -22.17 11.62
CA LEU C 234 0.27 -21.21 12.56
C LEU C 234 -0.65 -20.79 13.69
N HIS C 235 -0.12 -20.07 14.70
CA HIS C 235 -0.95 -19.60 15.81
C HIS C 235 -0.45 -18.27 16.34
N PRO C 236 -0.68 -17.21 15.57
CA PRO C 236 -0.11 -15.88 15.85
C PRO C 236 -0.34 -15.34 17.26
N ASP C 237 -1.36 -15.82 17.96
CA ASP C 237 -1.59 -15.33 19.31
C ASP C 237 -0.73 -16.05 20.34
N LYS C 238 0.00 -17.07 19.89
CA LYS C 238 1.02 -17.74 20.72
C LYS C 238 2.40 -17.06 20.58
N TRP C 239 2.53 -16.19 19.59
CA TRP C 239 3.83 -15.62 19.22
C TRP C 239 4.28 -14.58 20.22
N THR C 240 5.46 -14.76 20.80
CA THR C 240 5.85 -13.91 21.90
C THR C 240 7.04 -13.02 21.54
N VAL C 241 7.35 -12.09 22.43
CA VAL C 241 8.51 -11.24 22.25
C VAL C 241 9.63 -11.62 23.23
N GLN C 242 10.78 -11.00 23.02
CA GLN C 242 11.98 -11.29 23.78
C GLN C 242 12.53 -9.97 24.28
N PRO C 243 12.14 -9.57 25.49
CA PRO C 243 12.52 -8.26 25.99
C PRO C 243 13.98 -8.35 26.44
N ILE C 244 14.63 -7.20 26.54
CA ILE C 244 15.97 -7.13 27.09
C ILE C 244 15.93 -7.36 28.61
N VAL C 245 16.77 -8.25 29.09
CA VAL C 245 16.73 -8.53 30.51
C VAL C 245 18.08 -8.40 31.19
N LEU C 246 18.07 -7.74 32.33
CA LEU C 246 19.26 -7.66 33.13
C LEU C 246 19.20 -8.84 34.08
N PRO C 247 20.38 -9.42 34.40
CA PRO C 247 20.57 -10.58 35.27
C PRO C 247 20.21 -10.39 36.74
N GLU C 248 20.12 -11.52 37.44
CA GLU C 248 19.77 -11.56 38.85
C GLU C 248 20.88 -12.29 39.55
N LYS C 249 21.57 -11.56 40.43
CA LYS C 249 22.71 -12.10 41.16
C LYS C 249 22.66 -11.70 42.64
N ASP C 250 23.16 -12.57 43.49
CA ASP C 250 23.26 -12.23 44.91
C ASP C 250 24.48 -11.39 45.26
N SER C 251 25.59 -11.70 44.59
CA SER C 251 26.81 -10.89 44.61
C SER C 251 27.25 -10.50 43.22
N TRP C 252 27.84 -9.31 43.09
CA TRP C 252 28.30 -8.83 41.79
C TRP C 252 29.81 -8.66 41.77
N THR C 253 30.49 -9.25 40.80
CA THR C 253 31.92 -8.96 40.69
C THR C 253 32.12 -7.75 39.84
N VAL C 254 33.36 -7.33 39.77
CA VAL C 254 33.69 -6.13 39.02
C VAL C 254 33.37 -6.41 37.57
N ASN C 255 33.78 -7.59 37.08
CA ASN C 255 33.43 -8.01 35.72
C ASN C 255 31.94 -7.89 35.44
N ASP C 256 31.13 -8.41 36.35
CA ASP C 256 29.68 -8.40 36.24
C ASP C 256 29.19 -7.00 36.05
N ILE C 257 29.69 -6.07 36.85
CA ILE C 257 29.22 -4.70 36.71
C ILE C 257 29.73 -4.00 35.43
N GLN C 258 30.88 -4.41 34.93
CA GLN C 258 31.37 -3.86 33.66
C GLN C 258 30.52 -4.38 32.54
N LYS C 259 30.23 -5.67 32.60
CA LYS C 259 29.38 -6.25 31.58
C LYS C 259 27.99 -5.60 31.63
N LEU C 260 27.50 -5.33 32.82
CA LEU C 260 26.18 -4.74 33.00
C LEU C 260 26.06 -3.33 32.49
N VAL C 261 27.08 -2.51 32.78
CA VAL C 261 27.10 -1.12 32.34
C VAL C 261 27.25 -1.04 30.85
N GLY C 262 27.96 -1.98 30.26
CA GLY C 262 28.12 -1.97 28.83
C GLY C 262 26.80 -2.19 28.12
N LYS C 263 26.08 -3.20 28.61
CA LYS C 263 24.76 -3.53 28.12
C LYS C 263 23.79 -2.36 28.24
N LEU C 264 23.62 -1.83 29.46
CA LEU C 264 22.75 -0.66 29.73
C LEU C 264 23.12 0.56 28.90
N ASN C 265 24.41 0.73 28.70
CA ASN C 265 24.91 1.82 27.90
C ASN C 265 24.43 1.63 26.48
N TRP C 266 24.45 0.39 26.00
CA TRP C 266 24.02 0.11 24.65
C TRP C 266 22.50 0.19 24.55
N ALA C 267 21.84 -0.32 25.59
CA ALA C 267 20.40 -0.27 25.68
C ALA C 267 19.86 1.14 25.68
N SER C 268 20.72 2.08 26.05
CA SER C 268 20.31 3.45 26.17
C SER C 268 20.08 4.07 24.81
N GLN C 269 20.48 3.41 23.72
CA GLN C 269 20.17 3.97 22.41
C GLN C 269 18.75 3.56 22.02
N ILE C 270 18.11 2.79 22.89
CA ILE C 270 16.75 2.34 22.63
C ILE C 270 15.80 2.98 23.61
N TYR C 271 15.99 2.65 24.89
CA TYR C 271 15.27 3.28 25.99
C TYR C 271 16.08 4.42 26.56
N PRO C 272 15.68 5.67 26.29
CA PRO C 272 16.54 6.78 26.73
C PRO C 272 16.55 6.95 28.25
N GLY C 273 15.55 6.44 28.95
CA GLY C 273 15.55 6.53 30.40
C GLY C 273 16.72 5.90 31.18
N ILE C 274 17.38 4.91 30.59
CA ILE C 274 18.44 4.15 31.26
C ILE C 274 19.56 5.03 31.83
N LYS C 275 19.92 4.77 33.08
CA LYS C 275 20.95 5.52 33.80
C LYS C 275 22.10 4.63 34.25
N VAL C 276 23.35 4.98 33.95
CA VAL C 276 24.48 4.22 34.50
C VAL C 276 25.28 4.82 35.69
N ARG C 277 25.01 6.06 36.11
CA ARG C 277 25.91 6.81 37.03
C ARG C 277 26.09 6.10 38.38
N GLN C 278 24.99 5.67 39.02
CA GLN C 278 25.05 4.95 40.29
C GLN C 278 25.72 3.59 40.15
N LEU C 279 25.55 2.94 39.00
CA LEU C 279 26.23 1.67 38.75
C LEU C 279 27.69 1.89 38.36
N SER C 280 27.95 2.88 37.52
CA SER C 280 29.32 3.32 37.21
C SER C 280 30.14 3.58 38.49
N LYS C 281 29.51 4.26 39.45
CA LYS C 281 30.15 4.59 40.72
C LYS C 281 30.86 3.37 41.30
N LEU C 282 30.21 2.21 41.33
CA LEU C 282 30.83 1.03 41.93
C LEU C 282 32.20 0.71 41.31
N LEU C 283 32.45 1.18 40.08
CA LEU C 283 33.64 0.78 39.33
C LEU C 283 34.84 1.71 39.51
N ARG C 284 34.74 2.68 40.40
CA ARG C 284 35.68 3.82 40.42
C ARG C 284 37.22 3.53 40.42
N GLY C 285 37.67 2.52 41.15
CA GLY C 285 39.11 2.26 41.22
C GLY C 285 39.74 1.62 39.99
N THR C 286 40.90 1.02 40.16
CA THR C 286 41.45 0.11 39.17
C THR C 286 41.47 -1.27 39.84
N LYS C 287 40.46 -2.10 39.59
CA LYS C 287 40.22 -3.26 40.47
C LYS C 287 40.32 -4.55 39.67
N ALA C 288 40.63 -5.65 40.37
CA ALA C 288 40.68 -6.94 39.70
C ALA C 288 39.28 -7.40 39.33
N LEU C 289 39.16 -8.00 38.15
CA LEU C 289 37.87 -8.37 37.59
C LEU C 289 37.02 -9.28 38.48
N THR C 290 37.66 -10.23 39.16
CA THR C 290 36.96 -11.24 39.95
C THR C 290 36.56 -10.74 41.33
N GLU C 291 37.03 -9.56 41.70
CA GLU C 291 36.74 -8.96 43.00
C GLU C 291 35.26 -8.60 43.21
N VAL C 292 34.71 -9.06 44.34
CA VAL C 292 33.31 -8.80 44.67
C VAL C 292 33.01 -7.36 45.12
N ILE C 293 31.99 -6.78 44.50
CA ILE C 293 31.51 -5.45 44.84
C ILE C 293 30.10 -5.49 45.39
N PRO C 294 29.91 -5.15 46.67
CA PRO C 294 28.52 -5.12 47.11
C PRO C 294 27.84 -3.87 46.57
N LEU C 295 26.52 -3.92 46.35
CA LEU C 295 25.85 -2.84 45.64
C LEU C 295 25.34 -1.73 46.56
N THR C 296 25.65 -0.48 46.22
CA THR C 296 25.16 0.65 47.01
C THR C 296 23.64 0.78 46.89
N GLU C 297 23.07 1.55 47.81
CA GLU C 297 21.64 1.85 47.81
C GLU C 297 21.18 2.39 46.47
N GLU C 298 21.84 3.45 46.05
CA GLU C 298 21.42 4.24 44.91
C GLU C 298 21.65 3.49 43.62
N ALA C 299 22.58 2.54 43.67
CA ALA C 299 22.79 1.64 42.57
C ALA C 299 21.73 0.54 42.55
N GLU C 300 21.33 0.03 43.72
CA GLU C 300 20.25 -0.95 43.76
C GLU C 300 18.95 -0.40 43.20
N LEU C 301 18.73 0.89 43.46
CA LEU C 301 17.55 1.57 42.96
C LEU C 301 17.66 1.88 41.48
N GLU C 302 18.80 2.45 41.07
CA GLU C 302 19.06 2.71 39.65
C GLU C 302 18.93 1.41 38.85
N LEU C 303 19.47 0.32 39.36
CA LEU C 303 19.33 -0.96 38.65
C LEU C 303 17.86 -1.37 38.55
N ALA C 304 17.10 -1.13 39.63
CA ALA C 304 15.66 -1.39 39.69
C ALA C 304 14.88 -0.56 38.67
N GLU C 305 15.10 0.76 38.72
CA GLU C 305 14.39 1.66 37.82
C GLU C 305 14.70 1.38 36.37
N ASN C 306 15.90 0.89 36.11
CA ASN C 306 16.28 0.39 34.79
C ASN C 306 15.50 -0.88 34.42
N ARG C 307 15.47 -1.86 35.33
CA ARG C 307 14.74 -3.09 35.07
C ARG C 307 13.31 -2.81 34.66
N GLU C 308 12.73 -1.78 35.29
CA GLU C 308 11.36 -1.37 35.00
C GLU C 308 11.23 -0.71 33.62
N ILE C 309 12.12 0.22 33.27
CA ILE C 309 12.10 0.82 31.94
C ILE C 309 12.18 -0.26 30.88
N LEU C 310 13.03 -1.27 31.08
CA LEU C 310 13.14 -2.33 30.07
C LEU C 310 11.85 -3.15 29.97
N LYS C 311 10.91 -2.93 30.90
CA LYS C 311 9.57 -3.52 30.83
C LYS C 311 8.65 -2.72 29.89
N GLU C 312 8.89 -1.41 29.83
CA GLU C 312 8.06 -0.49 29.03
C GLU C 312 8.09 -0.76 27.53
N PRO C 313 7.28 0.01 26.76
CA PRO C 313 7.46 0.11 25.31
C PRO C 313 8.51 1.12 24.97
N VAL C 314 9.09 1.03 23.79
CA VAL C 314 9.88 2.13 23.29
C VAL C 314 8.89 3.18 22.86
N HIS C 315 9.17 4.46 23.16
CA HIS C 315 8.25 5.51 22.75
C HIS C 315 8.29 5.66 21.22
N GLY C 316 7.10 5.77 20.64
CA GLY C 316 6.95 6.21 19.28
C GLY C 316 7.48 5.24 18.24
N VAL C 317 7.39 3.92 18.49
CA VAL C 317 7.66 2.98 17.41
C VAL C 317 6.35 2.46 16.85
N TYR C 318 6.14 2.70 15.57
CA TYR C 318 5.00 2.14 14.86
C TYR C 318 5.42 1.71 13.46
N TYR C 319 4.61 0.88 12.83
CA TYR C 319 4.95 0.40 11.50
C TYR C 319 4.52 1.42 10.44
N ASP C 320 5.43 1.83 9.56
CA ASP C 320 5.16 2.74 8.43
C ASP C 320 5.14 1.92 7.12
N PRO C 321 3.97 1.78 6.48
CA PRO C 321 3.90 0.88 5.32
C PRO C 321 4.81 1.27 4.14
N SER C 322 5.31 2.51 4.11
CA SER C 322 6.15 2.88 2.99
C SER C 322 7.59 2.37 3.14
N LYS C 323 7.97 1.86 4.31
CA LYS C 323 9.39 1.60 4.56
C LYS C 323 9.62 0.09 4.58
N ASP C 324 10.83 -0.32 4.24
CA ASP C 324 11.16 -1.73 4.24
C ASP C 324 11.38 -2.28 5.63
N LEU C 325 11.01 -3.53 5.84
CA LEU C 325 11.43 -4.22 7.04
C LEU C 325 12.86 -4.74 6.88
N ILE C 326 13.57 -4.75 8.00
CA ILE C 326 14.92 -5.22 8.07
C ILE C 326 14.95 -6.21 9.20
N ALA C 327 15.56 -7.37 9.00
CA ALA C 327 15.60 -8.36 10.09
C ALA C 327 17.05 -8.64 10.39
N GLU C 328 17.43 -8.58 11.66
CA GLU C 328 18.77 -9.01 12.02
C GLU C 328 18.64 -10.24 12.83
N ILE C 329 19.56 -11.17 12.61
CA ILE C 329 19.61 -12.41 13.38
C ILE C 329 20.93 -12.52 14.11
N GLN C 330 20.91 -12.96 15.36
CA GLN C 330 22.18 -13.29 16.03
C GLN C 330 22.28 -14.73 16.48
N LYS C 331 23.42 -15.36 16.22
CA LYS C 331 23.65 -16.69 16.75
C LYS C 331 24.10 -16.67 18.21
N GLN C 332 23.31 -17.24 19.11
CA GLN C 332 23.57 -17.20 20.55
C GLN C 332 24.23 -18.43 21.11
N GLY C 333 24.50 -19.42 20.28
CA GLY C 333 25.01 -20.73 20.69
C GLY C 333 23.95 -21.67 21.30
N GLN C 334 24.30 -22.94 21.46
CA GLN C 334 23.43 -23.91 22.10
C GLN C 334 22.05 -23.91 21.45
N GLY C 335 21.95 -23.71 20.14
CA GLY C 335 20.64 -23.78 19.54
C GLY C 335 19.90 -22.46 19.55
N GLN C 336 20.25 -21.54 20.42
CA GLN C 336 19.46 -20.33 20.48
C GLN C 336 19.74 -19.32 19.35
N TRP C 337 18.69 -18.69 18.81
CA TRP C 337 18.84 -17.62 17.83
C TRP C 337 17.90 -16.51 18.19
N THR C 338 18.43 -15.28 18.27
CA THR C 338 17.63 -14.10 18.60
C THR C 338 17.51 -13.30 17.34
N TYR C 339 16.42 -12.56 17.20
CA TYR C 339 16.24 -11.65 16.06
C TYR C 339 15.48 -10.37 16.40
N GLN C 340 15.58 -9.37 15.53
CA GLN C 340 14.81 -8.15 15.72
C GLN C 340 14.39 -7.66 14.36
N ILE C 341 13.11 -7.32 14.22
CA ILE C 341 12.58 -6.72 12.99
C ILE C 341 12.35 -5.27 13.28
N TYR C 342 12.78 -4.40 12.37
CA TYR C 342 12.75 -2.97 12.57
C TYR C 342 12.71 -2.28 11.23
N GLN C 343 12.38 -0.99 11.21
CA GLN C 343 12.34 -0.22 9.99
C GLN C 343 13.40 0.82 10.08
N GLU C 344 13.42 1.49 11.22
CA GLU C 344 14.45 2.47 11.56
C GLU C 344 15.29 1.90 12.68
N PRO C 345 16.60 2.19 12.69
CA PRO C 345 17.48 1.66 13.72
C PRO C 345 17.00 2.04 15.12
N PHE C 346 16.97 1.04 16.00
CA PHE C 346 16.68 1.19 17.42
C PHE C 346 15.20 1.30 17.69
N LYS C 347 14.40 1.49 16.64
CA LYS C 347 12.97 1.35 16.83
C LYS C 347 12.54 -0.01 16.29
N ASN C 348 12.33 -0.99 17.16
CA ASN C 348 12.14 -2.37 16.72
C ASN C 348 10.68 -2.65 16.77
N LEU C 349 10.12 -3.08 15.64
CA LEU C 349 8.71 -3.40 15.61
C LEU C 349 8.48 -4.76 16.25
N LYS C 350 9.54 -5.55 16.42
CA LYS C 350 9.43 -6.84 17.13
C LYS C 350 10.81 -7.45 17.33
N THR C 351 10.94 -8.24 18.40
CA THR C 351 12.19 -8.89 18.76
C THR C 351 11.82 -10.28 19.25
N GLY C 352 12.67 -11.27 18.99
CA GLY C 352 12.37 -12.63 19.35
C GLY C 352 13.55 -13.54 19.50
N LYS C 353 13.29 -14.73 20.04
CA LYS C 353 14.29 -15.79 20.15
C LYS C 353 13.71 -17.15 19.70
N TYR C 354 14.55 -17.96 19.06
CA TYR C 354 14.22 -19.32 18.68
C TYR C 354 15.20 -20.28 19.32
N ALA C 355 14.73 -21.49 19.68
CA ALA C 355 15.58 -22.52 20.27
C ALA C 355 15.16 -23.90 19.78
N ARG C 356 16.07 -24.86 19.76
CA ARG C 356 15.73 -26.21 19.34
C ARG C 356 14.94 -26.30 17.99
N MET C 357 15.34 -25.55 17.00
CA MET C 357 14.81 -25.81 15.68
C MET C 357 15.46 -27.06 15.03
N ARG C 358 15.01 -27.40 13.83
CA ARG C 358 15.63 -28.53 13.18
C ARG C 358 17.09 -28.16 12.89
N GLY C 359 17.98 -29.12 13.14
CA GLY C 359 19.41 -28.93 13.13
C GLY C 359 20.12 -28.37 14.37
N ALA C 360 19.34 -28.10 15.41
CA ALA C 360 19.90 -27.64 16.66
C ALA C 360 20.98 -28.61 17.03
N HIS C 361 22.08 -28.07 17.53
CA HIS C 361 23.23 -28.80 18.06
C HIS C 361 24.04 -29.57 17.05
N THR C 362 23.70 -29.41 15.78
CA THR C 362 24.44 -30.08 14.73
C THR C 362 24.75 -29.18 13.54
N ASN C 363 23.75 -28.46 13.04
CA ASN C 363 23.96 -27.70 11.84
C ASN C 363 23.42 -26.24 11.88
N ASP C 364 24.32 -25.24 11.90
CA ASP C 364 23.94 -23.81 11.96
C ASP C 364 23.22 -23.39 10.67
N VAL C 365 23.74 -23.81 9.52
CA VAL C 365 23.16 -23.35 8.27
C VAL C 365 21.69 -23.83 8.18
N LYS C 366 21.41 -25.03 8.64
CA LYS C 366 20.04 -25.48 8.62
C LYS C 366 19.22 -24.66 9.62
N GLN C 367 19.75 -24.44 10.81
CA GLN C 367 18.98 -23.62 11.74
C GLN C 367 18.75 -22.19 11.33
N LEU C 368 19.77 -21.61 10.73
CA LEU C 368 19.66 -20.27 10.24
C LEU C 368 18.61 -20.29 9.16
N THR C 369 18.66 -21.29 8.28
CA THR C 369 17.67 -21.41 7.24
C THR C 369 16.30 -21.51 7.85
N GLU C 370 16.16 -22.34 8.86
CA GLU C 370 14.84 -22.39 9.47
C GLU C 370 14.37 -21.09 10.06
N ALA C 371 15.26 -20.39 10.76
CA ALA C 371 14.94 -19.10 11.35
C ALA C 371 14.55 -18.06 10.29
N VAL C 372 15.30 -17.90 9.20
CA VAL C 372 14.88 -16.96 8.16
C VAL C 372 13.45 -17.24 7.63
N GLN C 373 13.09 -18.51 7.46
CA GLN C 373 11.70 -18.81 7.07
C GLN C 373 10.70 -18.49 8.17
N LYS C 374 10.90 -18.95 9.39
CA LYS C 374 9.97 -18.58 10.44
C LYS C 374 9.76 -17.04 10.56
N ILE C 375 10.84 -16.28 10.58
CA ILE C 375 10.78 -14.81 10.68
C ILE C 375 10.03 -14.20 9.51
N THR C 376 10.41 -14.55 8.27
CA THR C 376 9.69 -14.07 7.08
C THR C 376 8.20 -14.31 7.21
N THR C 377 7.84 -15.48 7.70
CA THR C 377 6.45 -15.87 7.79
C THR C 377 5.69 -14.98 8.75
N GLU C 378 6.25 -14.73 9.92
CA GLU C 378 5.62 -13.78 10.85
C GLU C 378 5.46 -12.39 10.22
N SER C 379 6.44 -11.94 9.45
CA SER C 379 6.31 -10.64 8.82
C SER C 379 5.18 -10.67 7.83
N ILE C 380 4.99 -11.78 7.12
CA ILE C 380 3.89 -11.88 6.15
C ILE C 380 2.54 -11.85 6.88
N VAL C 381 2.36 -12.68 7.90
CA VAL C 381 1.16 -12.58 8.73
C VAL C 381 0.90 -11.18 9.29
N ILE C 382 1.91 -10.55 9.89
CA ILE C 382 1.72 -9.27 10.60
C ILE C 382 1.64 -8.00 9.74
N TRP C 383 2.60 -7.81 8.86
CA TRP C 383 2.62 -6.68 7.99
C TRP C 383 2.34 -6.99 6.52
N GLY C 384 2.24 -8.26 6.16
CA GLY C 384 2.13 -8.64 4.76
C GLY C 384 3.33 -8.27 3.92
N LYS C 385 4.51 -8.27 4.54
CA LYS C 385 5.70 -8.02 3.76
C LYS C 385 6.78 -8.95 4.21
N THR C 386 7.75 -9.17 3.34
CA THR C 386 8.97 -9.84 3.75
C THR C 386 10.06 -8.84 4.11
N PRO C 387 10.82 -9.14 5.16
CA PRO C 387 11.98 -8.34 5.55
C PRO C 387 13.17 -8.60 4.68
N LYS C 388 14.11 -7.67 4.67
CA LYS C 388 15.42 -7.89 4.10
C LYS C 388 16.34 -8.34 5.24
N PHE C 389 16.89 -9.55 5.12
CA PHE C 389 17.64 -10.15 6.22
C PHE C 389 19.08 -9.70 6.21
N LYS C 390 19.61 -9.49 7.41
CA LYS C 390 21.02 -9.33 7.59
C LYS C 390 21.53 -10.60 8.27
N LEU C 391 22.22 -11.43 7.50
CA LEU C 391 22.55 -12.79 7.93
C LEU C 391 23.95 -12.96 8.50
N PRO C 392 24.05 -13.50 9.73
CA PRO C 392 25.33 -13.74 10.40
C PRO C 392 26.09 -14.95 9.84
N ILE C 393 26.57 -14.88 8.62
CA ILE C 393 27.15 -16.01 7.96
C ILE C 393 28.00 -15.48 6.80
N GLN C 394 28.91 -16.29 6.27
CA GLN C 394 29.77 -15.85 5.18
C GLN C 394 29.00 -16.15 3.96
N LYS C 395 29.08 -15.27 2.98
CA LYS C 395 28.26 -15.40 1.77
C LYS C 395 28.33 -16.79 1.15
N GLU C 396 29.56 -17.29 1.00
CA GLU C 396 29.82 -18.58 0.38
C GLU C 396 29.26 -19.72 1.24
N THR C 397 29.40 -19.62 2.54
CA THR C 397 28.87 -20.67 3.34
C THR C 397 27.38 -20.83 3.10
N TRP C 398 26.69 -19.70 3.05
CA TRP C 398 25.25 -19.70 2.85
C TRP C 398 24.88 -20.10 1.45
N GLU C 399 25.63 -19.59 0.48
CA GLU C 399 25.27 -19.81 -0.90
C GLU C 399 25.49 -21.25 -1.36
N THR C 400 26.40 -21.94 -0.69
CA THR C 400 26.63 -23.36 -0.89
C THR C 400 25.46 -24.23 -0.38
N TRP C 401 25.00 -24.02 0.84
CA TRP C 401 23.97 -24.89 1.41
C TRP C 401 22.50 -24.44 1.54
N TRP C 402 22.17 -23.17 1.32
CA TRP C 402 20.86 -22.73 1.80
C TRP C 402 19.72 -23.46 1.10
N THR C 403 19.83 -23.67 -0.21
CA THR C 403 18.78 -24.35 -0.98
C THR C 403 18.42 -25.73 -0.44
N GLU C 404 19.40 -26.44 0.10
CA GLU C 404 19.20 -27.75 0.68
C GLU C 404 18.21 -27.75 1.85
N TYR C 405 18.04 -26.62 2.53
CA TYR C 405 17.19 -26.60 3.73
C TYR C 405 15.93 -25.80 3.46
N TRP C 406 15.83 -25.24 2.27
CA TRP C 406 14.76 -24.29 1.98
C TRP C 406 13.49 -25.02 1.71
N GLN C 407 12.52 -24.78 2.57
CA GLN C 407 11.24 -25.43 2.49
C GLN C 407 10.09 -24.52 2.01
N ALA C 408 10.36 -23.29 1.57
CA ALA C 408 9.29 -22.29 1.34
C ALA C 408 9.18 -21.81 -0.11
N THR C 409 8.01 -21.31 -0.50
CA THR C 409 7.78 -21.02 -1.90
C THR C 409 8.18 -19.61 -2.27
N TRP C 410 8.42 -18.76 -1.26
CA TRP C 410 9.00 -17.43 -1.49
C TRP C 410 10.48 -17.36 -1.08
N ILE C 411 11.16 -16.27 -1.41
CA ILE C 411 12.58 -16.11 -1.09
C ILE C 411 12.96 -14.71 -0.66
N PRO C 412 13.15 -14.46 0.65
CA PRO C 412 13.34 -13.06 1.02
C PRO C 412 14.65 -12.49 0.53
N GLU C 413 14.85 -11.19 0.69
CA GLU C 413 16.11 -10.57 0.27
C GLU C 413 17.11 -10.66 1.40
N TRP C 414 18.40 -10.83 1.09
CA TRP C 414 19.37 -10.85 2.18
C TRP C 414 20.71 -10.22 1.85
N GLU C 415 21.47 -9.96 2.90
CA GLU C 415 22.83 -9.51 2.77
C GLU C 415 23.55 -10.11 3.93
N PHE C 416 24.90 -10.13 3.88
CA PHE C 416 25.70 -10.82 4.90
C PHE C 416 26.50 -9.91 5.80
N VAL C 417 26.50 -10.14 7.11
CA VAL C 417 27.21 -9.28 8.08
C VAL C 417 28.30 -10.01 8.86
N ASN C 418 29.38 -9.32 9.21
CA ASN C 418 30.27 -9.80 10.29
C ASN C 418 30.33 -8.84 11.50
N THR C 419 29.68 -9.23 12.60
CA THR C 419 29.52 -8.39 13.80
C THR C 419 29.81 -9.12 15.06
N PRO C 420 31.09 -9.20 15.43
CA PRO C 420 31.41 -9.84 16.71
C PRO C 420 30.61 -9.28 17.90
N PRO C 421 30.37 -10.15 18.89
CA PRO C 421 29.52 -9.88 20.05
C PRO C 421 30.31 -9.30 21.21
N LEU C 422 30.59 -8.00 21.13
CA LEU C 422 31.30 -7.32 22.22
C LEU C 422 30.38 -7.26 23.45
N VAL C 423 29.06 -7.27 23.20
CA VAL C 423 28.04 -7.31 24.26
C VAL C 423 26.97 -8.31 23.84
N LYS C 424 26.36 -8.95 24.84
CA LYS C 424 25.22 -9.80 24.59
C LYS C 424 24.01 -8.96 25.01
N LEU C 425 23.35 -8.29 24.06
CA LEU C 425 22.21 -7.44 24.40
C LEU C 425 20.94 -8.27 24.45
N TRP C 426 20.77 -9.13 23.47
CA TRP C 426 19.48 -9.76 23.24
C TRP C 426 19.26 -11.08 23.99
N TYR C 427 20.33 -11.69 24.48
CA TYR C 427 20.20 -12.95 25.22
C TYR C 427 21.27 -13.00 26.28
N GLN C 428 20.87 -13.30 27.52
CA GLN C 428 21.81 -13.48 28.62
C GLN C 428 22.95 -14.46 28.34
N PRO D 4 -57.76 7.96 -18.29
CA PRO D 4 -59.22 8.14 -18.40
C PRO D 4 -59.95 7.95 -17.07
N ILE D 5 -59.22 7.89 -15.96
CA ILE D 5 -59.86 7.78 -14.65
C ILE D 5 -60.01 9.18 -14.06
N GLU D 6 -61.07 9.43 -13.30
CA GLU D 6 -61.30 10.74 -12.71
C GLU D 6 -60.15 11.24 -11.80
N THR D 7 -59.83 12.54 -11.84
CA THR D 7 -58.74 13.06 -11.02
C THR D 7 -59.26 13.80 -9.80
N VAL D 8 -58.95 13.32 -8.59
CA VAL D 8 -59.32 14.06 -7.39
C VAL D 8 -58.60 15.41 -7.37
N PRO D 9 -59.33 16.53 -7.28
CA PRO D 9 -58.61 17.80 -7.15
C PRO D 9 -57.88 17.89 -5.81
N VAL D 10 -56.68 18.48 -5.76
CA VAL D 10 -55.90 18.53 -4.51
C VAL D 10 -55.31 19.91 -4.26
N LYS D 11 -55.23 20.30 -2.98
CA LYS D 11 -54.66 21.60 -2.65
C LYS D 11 -53.72 21.56 -1.43
N LEU D 12 -52.78 22.49 -1.41
CA LEU D 12 -51.89 22.71 -0.29
C LEU D 12 -52.67 23.37 0.81
N LYS D 13 -52.17 23.28 2.04
CA LYS D 13 -52.73 24.03 3.15
C LYS D 13 -52.59 25.51 2.81
N PRO D 14 -53.44 26.35 3.41
CA PRO D 14 -53.42 27.78 3.08
C PRO D 14 -52.17 28.55 3.49
N GLY D 15 -51.82 29.54 2.66
CA GLY D 15 -50.64 30.36 2.86
C GLY D 15 -49.35 29.55 2.82
N MET D 16 -49.38 28.47 2.07
CA MET D 16 -48.25 27.55 1.99
C MET D 16 -47.97 27.24 0.55
N ASP D 17 -46.69 27.25 0.17
CA ASP D 17 -46.31 27.12 -1.24
C ASP D 17 -45.57 25.81 -1.38
N GLY D 18 -45.49 25.34 -2.63
CA GLY D 18 -44.80 24.11 -2.97
C GLY D 18 -43.32 23.99 -2.62
N PRO D 19 -42.82 22.75 -2.61
CA PRO D 19 -41.43 22.47 -2.23
C PRO D 19 -40.38 23.02 -3.18
N LYS D 20 -39.43 23.77 -2.64
CA LYS D 20 -38.25 24.10 -3.39
C LYS D 20 -36.99 23.64 -2.63
N VAL D 21 -36.46 22.49 -3.03
CA VAL D 21 -35.42 21.80 -2.29
C VAL D 21 -34.35 21.29 -3.29
N LYS D 22 -33.12 21.78 -3.17
CA LYS D 22 -32.05 21.40 -4.10
C LYS D 22 -31.81 19.90 -4.14
N GLN D 23 -31.45 19.40 -5.32
CA GLN D 23 -31.05 18.02 -5.45
C GLN D 23 -29.64 17.85 -4.91
N TRP D 24 -29.49 16.80 -4.12
CA TRP D 24 -28.19 16.48 -3.56
C TRP D 24 -27.39 15.57 -4.50
N PRO D 25 -26.05 15.64 -4.43
CA PRO D 25 -25.23 14.87 -5.37
C PRO D 25 -25.51 13.39 -5.37
N LEU D 26 -25.52 12.75 -6.54
CA LEU D 26 -25.71 11.31 -6.58
C LEU D 26 -24.51 10.55 -7.16
N THR D 27 -24.34 9.33 -6.66
CA THR D 27 -23.33 8.38 -7.11
C THR D 27 -23.62 7.95 -8.53
N GLU D 28 -22.63 7.45 -9.26
CA GLU D 28 -22.85 7.03 -10.64
C GLU D 28 -23.86 5.89 -10.72
N GLU D 29 -23.75 4.92 -9.82
CA GLU D 29 -24.71 3.81 -9.84
C GLU D 29 -26.12 4.32 -9.62
N LYS D 30 -26.31 5.29 -8.75
CA LYS D 30 -27.62 5.86 -8.53
C LYS D 30 -28.12 6.74 -9.70
N ILE D 31 -27.21 7.40 -10.40
CA ILE D 31 -27.61 8.17 -11.58
C ILE D 31 -27.98 7.24 -12.74
N LYS D 32 -27.26 6.14 -12.87
CA LYS D 32 -27.59 5.20 -13.91
C LYS D 32 -28.94 4.57 -13.64
N ALA D 33 -29.17 4.16 -12.40
CA ALA D 33 -30.46 3.60 -12.03
C ALA D 33 -31.60 4.59 -12.21
N LEU D 34 -31.40 5.85 -11.81
CA LEU D 34 -32.47 6.81 -12.00
C LEU D 34 -32.80 7.18 -13.45
N VAL D 35 -31.78 7.30 -14.28
CA VAL D 35 -32.00 7.64 -15.67
C VAL D 35 -32.71 6.53 -16.42
N GLU D 36 -32.35 5.29 -16.12
CA GLU D 36 -33.08 4.17 -16.69
C GLU D 36 -34.53 4.18 -16.23
N ILE D 37 -34.75 4.15 -14.93
CA ILE D 37 -36.10 4.20 -14.35
C ILE D 37 -36.94 5.39 -14.85
N CYS D 38 -36.29 6.53 -15.05
CA CYS D 38 -36.98 7.77 -15.43
C CYS D 38 -37.33 7.81 -16.93
N THR D 39 -36.40 7.34 -17.74
CA THR D 39 -36.62 7.10 -19.16
C THR D 39 -37.88 6.28 -19.43
N GLU D 40 -37.98 5.12 -18.79
CA GLU D 40 -39.12 4.24 -18.99
C GLU D 40 -40.39 4.81 -18.38
N MET D 41 -40.28 5.66 -17.38
CA MET D 41 -41.46 6.30 -16.84
C MET D 41 -41.99 7.40 -17.76
N GLU D 42 -41.15 7.88 -18.66
CA GLU D 42 -41.63 8.87 -19.62
C GLU D 42 -42.37 8.19 -20.77
N LYS D 43 -41.80 7.09 -21.25
CA LYS D 43 -42.42 6.25 -22.27
C LYS D 43 -43.84 5.91 -21.90
N GLU D 44 -44.03 5.51 -20.66
CA GLU D 44 -45.34 5.17 -20.15
C GLU D 44 -46.11 6.37 -19.68
N GLY D 45 -45.52 7.55 -19.85
CA GLY D 45 -46.20 8.79 -19.56
C GLY D 45 -46.54 8.98 -18.09
N LYS D 46 -45.81 8.31 -17.19
CA LYS D 46 -46.02 8.54 -15.76
C LYS D 46 -45.39 9.84 -15.32
N ILE D 47 -44.35 10.24 -16.03
CA ILE D 47 -43.69 11.53 -15.81
C ILE D 47 -43.47 12.15 -17.18
N SER D 48 -43.25 13.46 -17.22
CA SER D 48 -42.89 14.10 -18.47
C SER D 48 -41.96 15.27 -18.20
N LYS D 49 -41.05 15.52 -19.14
CA LYS D 49 -40.02 16.53 -18.95
C LYS D 49 -40.61 17.91 -18.76
N ILE D 50 -39.87 18.82 -18.12
CA ILE D 50 -40.36 20.16 -17.86
C ILE D 50 -39.18 21.10 -17.87
N GLY D 51 -39.40 22.34 -17.47
CA GLY D 51 -38.42 23.40 -17.66
C GLY D 51 -38.40 24.40 -16.53
N PRO D 52 -37.46 25.35 -16.56
CA PRO D 52 -37.18 26.22 -15.41
C PRO D 52 -38.35 27.12 -14.98
N GLU D 53 -39.37 27.27 -15.83
CA GLU D 53 -40.60 28.01 -15.48
C GLU D 53 -41.20 27.47 -14.17
N ASN D 54 -41.25 26.15 -14.05
CA ASN D 54 -41.71 25.49 -12.83
C ASN D 54 -40.74 25.75 -11.69
N PRO D 55 -41.18 26.54 -10.70
CA PRO D 55 -40.38 27.05 -9.56
C PRO D 55 -40.02 26.02 -8.49
N TYR D 56 -40.67 24.86 -8.56
CA TYR D 56 -40.67 23.83 -7.54
C TYR D 56 -39.66 22.70 -7.79
N ASN D 57 -39.04 22.20 -6.71
CA ASN D 57 -38.20 21.00 -6.79
C ASN D 57 -38.17 20.15 -5.51
N THR D 58 -38.20 18.85 -5.70
CA THR D 58 -38.02 17.90 -4.61
C THR D 58 -36.79 17.00 -4.85
N PRO D 59 -36.08 16.63 -3.78
CA PRO D 59 -34.91 15.80 -4.02
C PRO D 59 -35.28 14.37 -4.37
N VAL D 60 -34.48 13.73 -5.21
CA VAL D 60 -34.78 12.36 -5.60
C VAL D 60 -33.52 11.49 -5.49
N PHE D 61 -33.69 10.18 -5.26
CA PHE D 61 -32.57 9.27 -5.36
C PHE D 61 -33.03 7.84 -5.54
N ALA D 62 -32.07 6.91 -5.53
CA ALA D 62 -32.39 5.49 -5.70
C ALA D 62 -31.85 4.62 -4.58
N ILE D 63 -32.52 3.51 -4.37
CA ILE D 63 -32.17 2.53 -3.36
C ILE D 63 -32.33 1.13 -3.89
N LYS D 64 -31.89 0.14 -3.12
CA LYS D 64 -32.24 -1.24 -3.40
C LYS D 64 -32.78 -1.83 -2.11
N LYS D 65 -34.00 -2.36 -2.14
CA LYS D 65 -34.54 -3.03 -0.95
C LYS D 65 -33.75 -4.31 -0.67
N LYS D 66 -33.92 -4.87 0.53
CA LYS D 66 -33.27 -6.12 0.94
C LYS D 66 -33.47 -7.26 -0.08
N ASP D 67 -32.37 -7.88 -0.53
CA ASP D 67 -32.40 -9.03 -1.47
C ASP D 67 -32.69 -8.66 -2.94
N SER D 68 -33.13 -7.42 -3.17
CA SER D 68 -33.63 -6.94 -4.46
C SER D 68 -32.70 -7.04 -5.68
N THR D 69 -31.58 -6.31 -5.62
CA THR D 69 -30.59 -6.16 -6.71
C THR D 69 -31.22 -5.47 -7.94
N LYS D 70 -32.49 -5.11 -7.82
CA LYS D 70 -33.16 -4.24 -8.79
C LYS D 70 -33.37 -2.91 -8.04
N TRP D 71 -33.03 -1.80 -8.69
CA TRP D 71 -33.12 -0.47 -8.09
C TRP D 71 -34.54 0.02 -7.94
N ARG D 72 -34.75 0.99 -7.07
CA ARG D 72 -36.07 1.54 -6.79
C ARG D 72 -35.92 3.05 -6.69
N LYS D 73 -36.73 3.78 -7.42
CA LYS D 73 -36.69 5.23 -7.32
C LYS D 73 -37.36 5.68 -6.02
N LEU D 74 -36.78 6.68 -5.37
CA LEU D 74 -37.29 7.18 -4.10
C LEU D 74 -37.24 8.69 -4.03
N VAL D 75 -38.38 9.30 -3.74
CA VAL D 75 -38.48 10.74 -3.73
C VAL D 75 -38.61 11.23 -2.32
N ASP D 76 -37.98 12.35 -2.02
CA ASP D 76 -38.04 12.81 -0.65
C ASP D 76 -39.13 13.85 -0.63
N PHE D 77 -40.32 13.37 -0.28
CA PHE D 77 -41.50 14.17 -0.39
C PHE D 77 -41.83 14.84 0.91
N ARG D 78 -40.96 14.67 1.89
CA ARG D 78 -41.26 15.18 3.24
C ARG D 78 -41.75 16.61 3.23
N GLU D 79 -41.12 17.44 2.41
CA GLU D 79 -41.45 18.86 2.35
C GLU D 79 -42.84 19.03 1.69
N LEU D 80 -43.09 18.31 0.60
CA LEU D 80 -44.42 18.32 0.01
C LEU D 80 -45.49 17.80 0.98
N ASN D 81 -45.26 16.61 1.54
CA ASN D 81 -46.21 16.01 2.46
C ASN D 81 -46.60 16.92 3.61
N LYS D 82 -45.68 17.76 4.06
CA LYS D 82 -46.01 18.71 5.11
C LYS D 82 -46.93 19.84 4.65
N ARG D 83 -46.83 20.22 3.39
CA ARG D 83 -47.68 21.28 2.86
C ARG D 83 -48.99 20.76 2.23
N THR D 84 -49.12 19.45 2.08
CA THR D 84 -50.33 18.81 1.59
C THR D 84 -51.19 18.25 2.71
N GLN D 85 -50.67 18.35 3.93
CA GLN D 85 -51.09 17.54 5.10
C GLN D 85 -52.58 17.36 5.41
N ASP D 86 -53.33 18.46 5.46
CA ASP D 86 -54.76 18.40 5.73
C ASP D 86 -55.53 17.51 4.78
N PHE D 87 -55.11 17.47 3.51
CA PHE D 87 -55.78 16.59 2.57
C PHE D 87 -55.77 15.15 3.07
N TRP D 88 -54.58 14.61 3.37
CA TRP D 88 -54.49 13.23 3.82
C TRP D 88 -54.69 12.93 5.33
N GLU D 89 -54.82 13.96 6.18
CA GLU D 89 -55.16 13.71 7.59
C GLU D 89 -56.64 13.90 7.94
N VAL D 90 -57.05 15.18 7.92
CA VAL D 90 -58.35 15.62 8.41
C VAL D 90 -59.53 15.17 7.52
N GLN D 91 -59.24 14.76 6.29
CA GLN D 91 -60.31 14.39 5.37
C GLN D 91 -60.26 12.95 4.85
N LEU D 92 -59.31 12.66 3.95
CA LEU D 92 -59.32 11.38 3.25
C LEU D 92 -58.44 10.32 3.92
N GLY D 93 -57.92 10.62 5.12
CA GLY D 93 -57.01 9.72 5.80
C GLY D 93 -57.56 8.38 6.27
N ILE D 94 -56.71 7.63 6.97
CA ILE D 94 -57.05 6.26 7.38
C ILE D 94 -57.05 6.10 8.91
N PRO D 95 -57.97 5.28 9.46
CA PRO D 95 -58.00 4.92 10.89
C PRO D 95 -56.92 3.86 11.19
N HIS D 96 -56.50 3.75 12.45
CA HIS D 96 -55.47 2.77 12.88
C HIS D 96 -55.94 1.53 13.69
N PRO D 97 -55.69 0.33 13.17
CA PRO D 97 -55.99 -0.98 13.77
C PRO D 97 -55.18 -1.33 15.01
N ALA D 98 -55.64 -0.86 16.17
CA ALA D 98 -54.95 -1.15 17.43
C ALA D 98 -54.63 -2.65 17.62
N GLY D 99 -55.32 -3.52 16.90
CA GLY D 99 -55.08 -4.95 17.01
C GLY D 99 -53.93 -5.45 16.15
N LEU D 100 -53.42 -4.60 15.25
CA LEU D 100 -52.39 -5.06 14.32
C LEU D 100 -51.09 -5.41 15.05
N LYS D 101 -50.78 -4.59 16.05
CA LYS D 101 -49.65 -4.80 16.93
C LYS D 101 -49.75 -6.08 17.76
N LYS D 102 -50.95 -6.63 17.92
CA LYS D 102 -51.16 -7.78 18.82
C LYS D 102 -50.98 -9.12 18.11
N LYS D 103 -50.89 -9.08 16.79
CA LYS D 103 -50.85 -10.27 15.93
C LYS D 103 -49.50 -10.96 15.88
N LYS D 104 -49.51 -12.28 15.91
CA LYS D 104 -48.28 -13.04 16.00
C LYS D 104 -47.35 -12.84 14.79
N SER D 105 -47.89 -12.47 13.64
CA SER D 105 -47.01 -12.10 12.52
C SER D 105 -47.53 -11.03 11.58
N VAL D 106 -46.65 -10.15 11.12
CA VAL D 106 -47.04 -9.08 10.22
C VAL D 106 -46.05 -8.98 9.07
N THR D 107 -46.56 -9.12 7.84
CA THR D 107 -45.71 -9.00 6.68
C THR D 107 -45.95 -7.64 6.02
N VAL D 108 -44.90 -7.11 5.40
CA VAL D 108 -44.95 -5.83 4.71
C VAL D 108 -44.75 -5.94 3.22
N LEU D 109 -45.72 -5.41 2.46
CA LEU D 109 -45.66 -5.50 1.01
C LEU D 109 -45.67 -4.14 0.33
N ASP D 110 -44.97 -4.06 -0.81
CA ASP D 110 -44.85 -2.84 -1.56
C ASP D 110 -46.00 -2.79 -2.60
N VAL D 111 -46.99 -1.96 -2.31
CA VAL D 111 -48.15 -1.78 -3.19
C VAL D 111 -47.92 -0.56 -4.04
N GLY D 112 -46.72 0.01 -3.96
CA GLY D 112 -46.40 1.28 -4.58
C GLY D 112 -46.83 1.37 -6.03
N ASP D 113 -46.69 0.27 -6.75
CA ASP D 113 -46.97 0.21 -8.18
C ASP D 113 -48.40 0.58 -8.54
N ALA D 114 -49.34 0.19 -7.70
CA ALA D 114 -50.73 0.54 -7.86
C ALA D 114 -50.98 1.99 -8.02
N TYR D 115 -50.25 2.80 -7.27
CA TYR D 115 -50.40 4.24 -7.30
C TYR D 115 -50.27 4.85 -8.68
N PHE D 116 -49.49 4.20 -9.54
CA PHE D 116 -49.29 4.67 -10.91
C PHE D 116 -50.53 4.60 -11.83
N SER D 117 -51.42 3.66 -11.54
CA SER D 117 -52.71 3.55 -12.22
C SER D 117 -53.50 4.85 -12.22
N VAL D 118 -53.91 5.33 -11.04
CA VAL D 118 -54.68 6.56 -10.97
C VAL D 118 -53.85 7.71 -11.54
N PRO D 119 -54.51 8.67 -12.21
CA PRO D 119 -53.83 9.90 -12.64
C PRO D 119 -53.89 10.94 -11.55
N LEU D 120 -53.22 12.06 -11.72
CA LEU D 120 -53.13 13.00 -10.63
C LEU D 120 -53.62 14.30 -11.19
N ASP D 121 -54.28 15.07 -10.33
CA ASP D 121 -54.86 16.34 -10.68
C ASP D 121 -53.82 17.22 -11.39
N GLU D 122 -54.17 17.73 -12.56
CA GLU D 122 -53.29 18.55 -13.40
C GLU D 122 -52.75 19.78 -12.68
N ASP D 123 -53.55 20.37 -11.81
CA ASP D 123 -53.10 21.60 -11.14
C ASP D 123 -52.03 21.22 -10.13
N PHE D 124 -52.05 19.96 -9.72
CA PHE D 124 -51.11 19.52 -8.71
C PHE D 124 -49.73 19.17 -9.25
N ARG D 125 -49.67 18.72 -10.50
CA ARG D 125 -48.44 18.19 -11.06
C ARG D 125 -47.30 19.19 -11.03
N LYS D 126 -47.61 20.48 -10.95
CA LYS D 126 -46.57 21.48 -10.88
C LYS D 126 -45.70 21.30 -9.63
N TYR D 127 -46.25 20.62 -8.64
CA TYR D 127 -45.61 20.44 -7.34
C TYR D 127 -44.78 19.17 -7.15
N THR D 128 -44.85 18.25 -8.10
CA THR D 128 -44.06 17.04 -7.95
C THR D 128 -42.69 17.14 -8.65
N ALA D 129 -42.32 18.34 -9.06
CA ALA D 129 -41.08 18.53 -9.80
C ALA D 129 -39.82 17.99 -9.10
N PHE D 130 -39.02 17.28 -9.88
CA PHE D 130 -37.75 16.78 -9.41
C PHE D 130 -36.71 16.81 -10.52
N THR D 131 -35.50 17.27 -10.20
CA THR D 131 -34.40 17.35 -11.15
C THR D 131 -33.43 16.18 -11.04
N ILE D 132 -32.98 15.65 -12.17
CA ILE D 132 -31.94 14.63 -12.15
C ILE D 132 -30.58 15.24 -12.50
N PRO D 133 -29.61 15.10 -11.59
CA PRO D 133 -28.29 15.69 -11.67
C PRO D 133 -27.39 14.85 -12.55
N SER D 134 -26.31 15.40 -13.09
CA SER D 134 -25.38 14.61 -13.89
C SER D 134 -23.96 14.61 -13.33
N ILE D 135 -23.26 13.50 -13.51
CA ILE D 135 -21.88 13.39 -13.04
C ILE D 135 -20.99 14.47 -13.67
N ASN D 136 -20.24 15.14 -12.82
CA ASN D 136 -19.36 16.25 -13.19
C ASN D 136 -20.09 17.40 -13.88
N ASN D 137 -21.40 17.51 -13.69
CA ASN D 137 -22.12 18.59 -14.34
C ASN D 137 -21.90 18.66 -15.84
N GLU D 138 -21.91 17.50 -16.47
CA GLU D 138 -21.77 17.40 -17.91
C GLU D 138 -22.94 18.17 -18.55
N THR D 139 -24.13 17.91 -18.02
CA THR D 139 -25.37 18.48 -18.50
C THR D 139 -25.99 19.36 -17.46
N PRO D 140 -26.85 20.29 -17.87
CA PRO D 140 -27.68 20.89 -16.82
C PRO D 140 -28.60 19.84 -16.22
N GLY D 141 -29.37 20.23 -15.21
CA GLY D 141 -30.31 19.33 -14.58
C GLY D 141 -31.51 18.97 -15.45
N ILE D 142 -31.85 17.70 -15.52
CA ILE D 142 -33.03 17.31 -16.27
C ILE D 142 -34.28 17.24 -15.39
N ARG D 143 -35.19 18.20 -15.53
CA ARG D 143 -36.35 18.27 -14.63
C ARG D 143 -37.51 17.46 -15.20
N TYR D 144 -38.26 16.83 -14.31
CA TYR D 144 -39.53 16.18 -14.65
C TYR D 144 -40.62 16.64 -13.68
N GLN D 145 -41.84 16.16 -13.91
CA GLN D 145 -42.91 16.22 -12.92
C GLN D 145 -43.85 15.05 -13.13
N TYR D 146 -44.67 14.79 -12.11
CA TYR D 146 -45.50 13.58 -12.08
C TYR D 146 -46.88 13.77 -12.72
N ASN D 147 -47.21 12.86 -13.65
CA ASN D 147 -48.54 12.81 -14.27
C ASN D 147 -49.49 11.82 -13.57
N VAL D 148 -48.97 10.99 -12.69
CA VAL D 148 -49.81 10.00 -12.03
C VAL D 148 -49.70 10.16 -10.51
N LEU D 149 -50.24 9.22 -9.73
CA LEU D 149 -50.02 9.31 -8.30
C LEU D 149 -48.59 8.84 -8.01
N PRO D 150 -47.78 9.72 -7.41
CA PRO D 150 -46.37 9.45 -7.13
C PRO D 150 -46.20 8.55 -5.92
N GLN D 151 -45.19 7.70 -5.95
CA GLN D 151 -44.80 6.95 -4.76
C GLN D 151 -44.21 7.85 -3.65
N GLY D 152 -44.60 7.57 -2.42
CA GLY D 152 -44.02 8.25 -1.28
C GLY D 152 -44.65 9.57 -0.91
N TRP D 153 -45.56 10.05 -1.75
CA TRP D 153 -46.39 11.19 -1.36
C TRP D 153 -47.47 10.58 -0.48
N LYS D 154 -47.99 11.34 0.48
CA LYS D 154 -48.97 10.79 1.39
C LYS D 154 -50.39 10.99 0.89
N GLY D 155 -50.53 11.75 -0.18
CA GLY D 155 -51.83 11.90 -0.82
C GLY D 155 -52.14 10.71 -1.71
N SER D 156 -51.09 10.08 -2.23
CA SER D 156 -51.23 8.92 -3.10
C SER D 156 -52.07 7.82 -2.40
N PRO D 157 -51.69 7.39 -1.19
CA PRO D 157 -52.47 6.31 -0.57
C PRO D 157 -53.92 6.71 -0.15
N ALA D 158 -54.19 8.00 0.04
CA ALA D 158 -55.51 8.48 0.45
C ALA D 158 -56.49 8.47 -0.72
N ILE D 159 -56.03 8.99 -1.85
CA ILE D 159 -56.82 9.04 -3.07
C ILE D 159 -57.15 7.62 -3.55
N PHE D 160 -56.23 6.69 -3.34
CA PHE D 160 -56.34 5.30 -3.79
C PHE D 160 -56.95 4.44 -2.68
N GLN D 161 -57.40 5.07 -1.60
CA GLN D 161 -57.96 4.31 -0.48
C GLN D 161 -59.28 3.66 -0.90
N SER D 162 -60.06 4.39 -1.72
CA SER D 162 -61.31 3.86 -2.28
C SER D 162 -61.02 2.62 -3.13
N SER D 163 -60.14 2.80 -4.11
CA SER D 163 -59.68 1.73 -4.98
C SER D 163 -59.08 0.53 -4.24
N MET D 164 -58.33 0.82 -3.18
CA MET D 164 -57.64 -0.21 -2.38
C MET D 164 -58.61 -1.11 -1.64
N THR D 165 -59.45 -0.51 -0.82
CA THR D 165 -60.37 -1.26 0.02
C THR D 165 -61.25 -2.16 -0.86
N LYS D 166 -61.58 -1.66 -2.06
CA LYS D 166 -62.24 -2.43 -3.10
C LYS D 166 -61.45 -3.65 -3.57
N ILE D 167 -60.21 -3.44 -4.01
CA ILE D 167 -59.35 -4.57 -4.38
C ILE D 167 -59.23 -5.58 -3.23
N LEU D 168 -59.48 -5.09 -2.01
CA LEU D 168 -59.32 -5.85 -0.79
C LEU D 168 -60.54 -6.66 -0.34
N GLU D 169 -61.67 -5.99 -0.11
CA GLU D 169 -62.88 -6.56 0.53
C GLU D 169 -63.20 -8.02 0.12
N PRO D 170 -63.02 -8.39 -1.17
CA PRO D 170 -63.05 -9.82 -1.51
C PRO D 170 -62.13 -10.69 -0.61
N PHE D 171 -60.91 -10.22 -0.32
CA PHE D 171 -59.96 -10.95 0.54
C PHE D 171 -60.19 -10.79 2.06
N LYS D 172 -60.60 -9.60 2.47
CA LYS D 172 -60.90 -9.34 3.88
C LYS D 172 -62.04 -10.19 4.44
N LYS D 173 -63.07 -10.44 3.62
CA LYS D 173 -64.24 -11.23 4.06
C LYS D 173 -64.03 -12.75 4.03
N GLN D 174 -63.06 -13.23 3.26
CA GLN D 174 -62.71 -14.65 3.22
C GLN D 174 -61.80 -15.06 4.37
N ASN D 175 -61.15 -14.07 4.97
CA ASN D 175 -60.32 -14.26 6.15
C ASN D 175 -60.53 -13.16 7.19
N PRO D 176 -61.69 -13.15 7.85
CA PRO D 176 -62.12 -12.04 8.72
C PRO D 176 -61.24 -11.79 9.95
N ASP D 177 -60.37 -12.72 10.27
CA ASP D 177 -59.47 -12.57 11.40
C ASP D 177 -58.09 -11.98 11.00
N ILE D 178 -57.81 -11.88 9.70
CA ILE D 178 -56.59 -11.24 9.18
C ILE D 178 -56.70 -9.71 9.02
N VAL D 179 -55.80 -8.98 9.71
CA VAL D 179 -55.75 -7.50 9.75
C VAL D 179 -54.89 -6.82 8.69
N ILE D 180 -55.38 -5.68 8.21
CA ILE D 180 -54.72 -4.94 7.13
C ILE D 180 -54.57 -3.46 7.45
N TYR D 181 -53.38 -2.91 7.16
CA TYR D 181 -53.11 -1.51 7.40
C TYR D 181 -52.37 -0.97 6.20
N GLN D 182 -52.64 0.30 5.86
CA GLN D 182 -51.98 0.92 4.73
C GLN D 182 -51.25 2.17 5.20
N TYR D 183 -49.93 2.13 5.06
CA TYR D 183 -49.10 3.31 5.27
C TYR D 183 -48.33 3.58 3.99
N MET D 184 -48.69 4.67 3.33
CA MET D 184 -48.07 5.01 2.04
C MET D 184 -47.90 3.77 1.13
N ASP D 185 -46.71 3.60 0.55
CA ASP D 185 -46.46 2.54 -0.43
C ASP D 185 -46.58 1.13 0.14
N ASP D 186 -46.81 1.02 1.45
CA ASP D 186 -46.76 -0.29 2.11
C ASP D 186 -48.10 -0.89 2.56
N LEU D 187 -48.16 -2.23 2.49
CA LEU D 187 -49.31 -2.93 3.04
C LEU D 187 -48.87 -3.80 4.21
N TYR D 188 -49.43 -3.50 5.38
CA TYR D 188 -49.15 -4.25 6.58
C TYR D 188 -50.24 -5.28 6.81
N VAL D 189 -49.83 -6.55 6.77
CA VAL D 189 -50.75 -7.69 6.81
C VAL D 189 -50.48 -8.58 8.00
N GLY D 190 -51.35 -8.52 9.01
CA GLY D 190 -51.17 -9.33 10.21
C GLY D 190 -52.07 -10.56 10.35
N SER D 191 -51.60 -11.56 11.08
CA SER D 191 -52.36 -12.78 11.29
C SER D 191 -51.90 -13.50 12.55
N ASP D 192 -52.78 -14.32 13.10
CA ASP D 192 -52.40 -15.19 14.21
C ASP D 192 -52.04 -16.57 13.69
N LEU D 193 -52.02 -16.68 12.37
CA LEU D 193 -51.69 -17.94 11.74
C LEU D 193 -50.25 -18.40 12.03
N GLU D 194 -50.01 -19.68 11.81
CA GLU D 194 -48.70 -20.29 11.90
C GLU D 194 -47.88 -19.81 10.70
N ILE D 195 -46.54 -19.89 10.80
CA ILE D 195 -45.62 -19.32 9.80
C ILE D 195 -45.89 -19.68 8.33
N GLY D 196 -45.99 -20.97 8.02
CA GLY D 196 -46.25 -21.42 6.66
C GLY D 196 -47.63 -21.03 6.13
N GLN D 197 -48.64 -21.23 6.97
CA GLN D 197 -50.01 -20.81 6.67
C GLN D 197 -50.08 -19.29 6.46
N HIS D 198 -49.38 -18.56 7.33
CA HIS D 198 -49.29 -17.12 7.21
C HIS D 198 -48.69 -16.68 5.87
N ARG D 199 -47.47 -17.15 5.61
CA ARG D 199 -46.75 -16.88 4.36
C ARG D 199 -47.55 -17.19 3.10
N THR D 200 -48.32 -18.26 3.18
CA THR D 200 -49.22 -18.70 2.11
C THR D 200 -50.38 -17.73 1.83
N LYS D 201 -51.06 -17.26 2.87
CA LYS D 201 -52.11 -16.25 2.73
C LYS D 201 -51.57 -14.98 2.09
N ILE D 202 -50.28 -14.72 2.31
CA ILE D 202 -49.65 -13.57 1.65
C ILE D 202 -49.52 -13.82 0.16
N GLU D 203 -49.22 -15.05 -0.22
CA GLU D 203 -49.28 -15.45 -1.62
C GLU D 203 -50.69 -15.27 -2.22
N GLU D 204 -51.73 -15.62 -1.47
CA GLU D 204 -53.10 -15.41 -1.95
C GLU D 204 -53.42 -13.92 -2.16
N LEU D 205 -53.06 -13.08 -1.20
CA LEU D 205 -53.26 -11.63 -1.32
C LEU D 205 -52.29 -11.04 -2.34
N ARG D 206 -51.23 -11.78 -2.64
CA ARG D 206 -50.28 -11.35 -3.66
C ARG D 206 -51.00 -11.51 -5.00
N GLN D 207 -51.38 -12.76 -5.32
CA GLN D 207 -52.17 -13.09 -6.51
C GLN D 207 -53.47 -12.29 -6.62
N HIS D 208 -54.24 -12.23 -5.53
CA HIS D 208 -55.47 -11.44 -5.51
C HIS D 208 -55.26 -9.96 -5.89
N LEU D 209 -54.15 -9.38 -5.45
CA LEU D 209 -53.76 -8.04 -5.90
C LEU D 209 -53.37 -7.99 -7.38
N LEU D 210 -52.85 -9.10 -7.88
CA LEU D 210 -52.37 -9.21 -9.25
C LEU D 210 -53.50 -9.20 -10.30
N ARG D 211 -54.57 -9.94 -10.04
CA ARG D 211 -55.69 -10.00 -10.99
C ARG D 211 -56.50 -8.71 -10.93
N TRP D 212 -56.23 -7.87 -9.94
CA TRP D 212 -56.82 -6.53 -9.87
C TRP D 212 -55.92 -5.49 -10.49
N GLY D 213 -54.85 -5.95 -11.14
CA GLY D 213 -53.88 -5.08 -11.80
C GLY D 213 -52.81 -4.38 -10.96
N LEU D 214 -52.15 -5.16 -10.09
CA LEU D 214 -51.09 -4.64 -9.22
C LEU D 214 -49.92 -5.64 -9.07
N THR D 215 -48.69 -5.17 -9.29
CA THR D 215 -47.50 -6.02 -9.19
C THR D 215 -46.87 -5.80 -7.81
N THR D 216 -46.35 -6.88 -7.21
CA THR D 216 -45.88 -6.85 -5.82
C THR D 216 -44.47 -7.42 -5.57
N PRO D 217 -43.45 -6.55 -5.54
CA PRO D 217 -42.14 -7.10 -5.18
C PRO D 217 -42.00 -7.30 -3.67
N GLY D 231 -37.53 -12.11 6.74
CA GLY D 231 -37.20 -10.89 6.01
C GLY D 231 -38.32 -9.88 6.06
N TYR D 232 -39.40 -10.19 5.34
CA TYR D 232 -40.59 -9.32 5.18
C TYR D 232 -41.46 -9.29 6.42
N GLU D 233 -41.25 -10.32 7.24
CA GLU D 233 -41.90 -10.60 8.52
C GLU D 233 -41.51 -9.87 9.82
N LEU D 234 -42.48 -9.20 10.44
CA LEU D 234 -42.30 -8.60 11.77
C LEU D 234 -43.02 -9.46 12.81
N HIS D 235 -42.82 -9.21 14.10
CA HIS D 235 -43.47 -10.09 15.08
C HIS D 235 -43.87 -9.34 16.36
N PRO D 236 -44.81 -8.40 16.23
CA PRO D 236 -45.29 -7.41 17.18
C PRO D 236 -45.73 -7.88 18.59
N ASP D 237 -46.09 -9.15 18.77
CA ASP D 237 -46.39 -9.59 20.14
C ASP D 237 -45.10 -9.82 20.92
N LYS D 238 -44.08 -10.31 20.22
CA LYS D 238 -42.74 -10.45 20.79
C LYS D 238 -42.21 -9.13 21.42
N TRP D 239 -42.50 -8.01 20.76
CA TRP D 239 -41.98 -6.69 21.19
C TRP D 239 -42.25 -6.32 22.65
N THR D 240 -41.17 -5.97 23.34
CA THR D 240 -41.22 -5.57 24.75
C THR D 240 -40.52 -4.26 25.06
N VAL D 241 -40.48 -3.93 26.34
CA VAL D 241 -39.84 -2.68 26.72
C VAL D 241 -38.57 -2.93 27.51
N GLN D 242 -37.92 -1.83 27.85
CA GLN D 242 -36.59 -1.77 28.40
C GLN D 242 -36.60 -1.00 29.72
N PRO D 243 -36.70 -1.73 30.85
CA PRO D 243 -36.84 -1.02 32.13
C PRO D 243 -35.54 -0.32 32.51
N ILE D 244 -35.67 0.72 33.32
CA ILE D 244 -34.52 1.34 33.96
C ILE D 244 -34.02 0.38 35.00
N VAL D 245 -32.72 0.14 35.05
CA VAL D 245 -32.25 -0.88 35.98
C VAL D 245 -30.98 -0.46 36.72
N LEU D 246 -31.02 -0.68 38.03
CA LEU D 246 -29.97 -0.28 38.95
C LEU D 246 -29.02 -1.43 39.16
N PRO D 247 -27.72 -1.16 39.11
CA PRO D 247 -26.77 -2.25 39.30
C PRO D 247 -26.88 -2.87 40.69
N GLU D 248 -26.11 -3.91 40.89
CA GLU D 248 -26.06 -4.48 42.21
C GLU D 248 -24.60 -4.78 42.54
N LYS D 249 -24.07 -4.03 43.51
CA LYS D 249 -22.68 -4.17 43.86
C LYS D 249 -22.63 -4.92 45.19
N ASP D 250 -21.61 -5.75 45.34
CA ASP D 250 -21.42 -6.40 46.59
C ASP D 250 -20.83 -5.43 47.59
N SER D 251 -19.85 -4.62 47.18
CA SER D 251 -19.34 -3.52 48.00
C SER D 251 -19.47 -2.23 47.21
N TRP D 252 -19.62 -1.10 47.87
CA TRP D 252 -19.87 0.16 47.18
C TRP D 252 -18.82 1.28 47.45
N THR D 253 -18.08 1.75 46.44
CA THR D 253 -17.25 2.94 46.68
C THR D 253 -18.09 4.22 46.69
N VAL D 254 -17.51 5.29 47.22
CA VAL D 254 -18.16 6.59 47.24
C VAL D 254 -18.56 6.93 45.79
N ASN D 255 -17.64 6.68 44.86
CA ASN D 255 -17.91 6.92 43.46
C ASN D 255 -19.18 6.15 42.99
N ASP D 256 -19.28 4.86 43.35
CA ASP D 256 -20.48 4.07 43.08
C ASP D 256 -21.76 4.75 43.57
N ILE D 257 -21.81 5.18 44.79
CA ILE D 257 -23.02 5.81 45.29
C ILE D 257 -23.28 7.15 44.61
N GLN D 258 -22.25 7.83 44.16
CA GLN D 258 -22.49 9.08 43.48
C GLN D 258 -23.14 8.79 42.13
N LYS D 259 -22.57 7.86 41.36
CA LYS D 259 -23.18 7.40 40.12
C LYS D 259 -24.61 6.96 40.43
N LEU D 260 -24.79 6.22 41.53
CA LEU D 260 -26.10 5.72 41.84
C LEU D 260 -27.11 6.82 42.15
N VAL D 261 -26.70 7.83 42.91
CA VAL D 261 -27.57 8.96 43.19
C VAL D 261 -27.87 9.78 41.95
N GLY D 262 -26.90 9.91 41.06
CA GLY D 262 -27.12 10.68 39.86
C GLY D 262 -28.17 10.02 38.98
N LYS D 263 -28.04 8.71 38.76
CA LYS D 263 -29.05 7.94 38.02
C LYS D 263 -30.45 8.03 38.64
N LEU D 264 -30.57 7.56 39.87
CA LEU D 264 -31.79 7.63 40.64
C LEU D 264 -32.43 8.99 40.63
N ASN D 265 -31.63 10.03 40.75
CA ASN D 265 -32.15 11.39 40.73
C ASN D 265 -32.83 11.67 39.41
N TRP D 266 -32.18 11.25 38.33
CA TRP D 266 -32.68 11.47 36.99
C TRP D 266 -33.94 10.71 36.76
N ALA D 267 -33.93 9.44 37.18
CA ALA D 267 -35.10 8.61 37.12
C ALA D 267 -36.30 9.20 37.82
N SER D 268 -36.07 10.02 38.83
CA SER D 268 -37.19 10.58 39.56
C SER D 268 -37.99 11.57 38.69
N GLN D 269 -37.42 11.98 37.56
CA GLN D 269 -38.13 12.85 36.62
C GLN D 269 -39.23 12.05 35.95
N ILE D 270 -39.13 10.74 36.10
CA ILE D 270 -40.04 9.78 35.50
C ILE D 270 -40.91 9.14 36.58
N TYR D 271 -40.30 8.45 37.53
CA TYR D 271 -41.03 7.94 38.67
C TYR D 271 -40.80 8.84 39.88
N PRO D 272 -41.79 9.67 40.24
CA PRO D 272 -41.56 10.67 41.29
C PRO D 272 -41.36 10.10 42.70
N GLY D 273 -41.70 8.84 42.91
CA GLY D 273 -41.55 8.28 44.23
C GLY D 273 -40.14 7.93 44.64
N ILE D 274 -39.19 8.08 43.72
CA ILE D 274 -37.80 7.78 44.01
C ILE D 274 -37.19 8.79 45.02
N LYS D 275 -36.44 8.27 45.98
CA LYS D 275 -35.79 9.08 46.99
C LYS D 275 -34.31 8.76 47.09
N VAL D 276 -33.50 9.82 47.13
CA VAL D 276 -32.07 9.72 47.35
C VAL D 276 -31.62 10.09 48.78
N ARG D 277 -32.56 10.54 49.61
CA ARG D 277 -32.25 11.10 50.92
C ARG D 277 -31.25 10.24 51.67
N GLN D 278 -31.65 9.01 52.00
CA GLN D 278 -30.77 8.09 52.74
C GLN D 278 -29.52 7.61 52.01
N LEU D 279 -29.54 7.60 50.69
CA LEU D 279 -28.36 7.15 49.98
C LEU D 279 -27.31 8.22 49.96
N SER D 280 -27.76 9.48 49.89
CA SER D 280 -26.90 10.69 49.99
C SER D 280 -26.23 10.83 51.35
N LYS D 281 -27.01 10.68 52.43
CA LYS D 281 -26.42 10.77 53.76
C LYS D 281 -25.17 9.93 53.90
N LEU D 282 -25.04 8.87 53.12
CA LEU D 282 -23.86 8.03 53.19
C LEU D 282 -22.62 8.77 52.71
N LEU D 283 -22.84 9.81 51.90
CA LEU D 283 -21.74 10.50 51.25
C LEU D 283 -21.28 11.76 52.03
N ARG D 284 -21.88 11.97 53.20
CA ARG D 284 -21.90 13.25 53.92
C ARG D 284 -20.53 13.95 54.03
N GLY D 285 -19.46 13.21 54.23
CA GLY D 285 -18.19 13.92 54.46
C GLY D 285 -17.64 14.61 53.19
N THR D 286 -16.33 14.81 53.14
CA THR D 286 -15.65 15.14 51.88
C THR D 286 -14.74 13.95 51.62
N LYS D 287 -15.13 13.06 50.71
CA LYS D 287 -14.54 11.71 50.72
C LYS D 287 -13.74 11.34 49.49
N ALA D 288 -12.79 10.43 49.65
CA ALA D 288 -12.08 9.94 48.48
C ALA D 288 -13.01 9.08 47.63
N LEU D 289 -12.92 9.21 46.31
CA LEU D 289 -13.83 8.52 45.44
C LEU D 289 -13.75 6.96 45.54
N THR D 290 -12.57 6.42 45.77
CA THR D 290 -12.39 4.98 45.86
C THR D 290 -12.72 4.42 47.24
N GLU D 291 -13.03 5.27 48.20
CA GLU D 291 -13.36 4.77 49.54
C GLU D 291 -14.62 3.95 49.61
N VAL D 292 -14.52 2.76 50.20
CA VAL D 292 -15.69 1.90 50.35
C VAL D 292 -16.62 2.39 51.48
N ILE D 293 -17.92 2.44 51.18
CA ILE D 293 -18.92 2.92 52.10
C ILE D 293 -19.90 1.80 52.35
N PRO D 294 -19.94 1.30 53.58
CA PRO D 294 -21.01 0.39 53.99
C PRO D 294 -22.38 1.04 53.83
N LEU D 295 -23.37 0.30 53.36
CA LEU D 295 -24.71 0.83 53.34
C LEU D 295 -25.36 0.70 54.69
N THR D 296 -26.01 1.74 55.13
CA THR D 296 -26.85 1.69 56.30
C THR D 296 -28.16 1.03 55.93
N GLU D 297 -28.87 0.54 56.93
CA GLU D 297 -30.17 -0.02 56.70
C GLU D 297 -31.18 0.91 56.11
N GLU D 298 -31.12 2.17 56.50
CA GLU D 298 -32.05 3.15 55.99
C GLU D 298 -31.82 3.31 54.50
N ALA D 299 -30.56 3.20 54.10
CA ALA D 299 -30.25 3.24 52.69
C ALA D 299 -30.69 1.95 51.98
N GLU D 300 -30.43 0.80 52.63
CA GLU D 300 -30.86 -0.49 52.09
C GLU D 300 -32.35 -0.46 51.78
N LEU D 301 -33.15 0.06 52.69
CA LEU D 301 -34.58 0.10 52.50
C LEU D 301 -34.95 1.11 51.44
N GLU D 302 -34.28 2.25 51.44
CA GLU D 302 -34.51 3.25 50.39
C GLU D 302 -34.27 2.65 49.02
N LEU D 303 -33.21 1.87 48.93
CA LEU D 303 -32.81 1.30 47.67
C LEU D 303 -33.90 0.25 47.31
N ALA D 304 -34.39 -0.52 48.28
CA ALA D 304 -35.48 -1.45 47.97
C ALA D 304 -36.67 -0.71 47.43
N GLU D 305 -37.20 0.22 48.20
CA GLU D 305 -38.32 0.96 47.71
C GLU D 305 -38.08 1.52 46.29
N ASN D 306 -36.87 1.94 46.00
CA ASN D 306 -36.59 2.44 44.64
C ASN D 306 -36.71 1.36 43.57
N ARG D 307 -36.00 0.25 43.76
CA ARG D 307 -36.01 -0.85 42.82
C ARG D 307 -37.41 -1.32 42.51
N GLU D 308 -38.25 -1.26 43.53
CA GLU D 308 -39.63 -1.67 43.40
C GLU D 308 -40.37 -0.74 42.48
N ILE D 309 -40.25 0.55 42.70
CA ILE D 309 -40.90 1.53 41.85
C ILE D 309 -40.49 1.37 40.38
N LEU D 310 -39.24 1.00 40.13
CA LEU D 310 -38.82 0.90 38.73
C LEU D 310 -39.40 -0.32 38.04
N LYS D 311 -39.80 -1.33 38.81
CA LYS D 311 -40.56 -2.49 38.33
C LYS D 311 -41.92 -2.09 37.76
N GLU D 312 -42.50 -1.02 38.30
CA GLU D 312 -43.84 -0.63 37.93
C GLU D 312 -43.79 0.08 36.58
N PRO D 313 -44.98 0.30 35.98
CA PRO D 313 -45.20 1.11 34.79
C PRO D 313 -45.25 2.59 35.13
N VAL D 314 -44.99 3.44 34.15
CA VAL D 314 -45.12 4.87 34.38
C VAL D 314 -46.60 5.23 34.50
N HIS D 315 -46.91 6.22 35.34
CA HIS D 315 -48.27 6.66 35.65
C HIS D 315 -48.80 7.52 34.53
N GLY D 316 -49.96 7.14 34.00
CA GLY D 316 -50.67 8.01 33.08
C GLY D 316 -49.95 8.33 31.78
N VAL D 317 -49.36 7.31 31.16
CA VAL D 317 -48.89 7.45 29.79
C VAL D 317 -49.98 6.92 28.88
N TYR D 318 -50.52 7.78 28.05
CA TYR D 318 -51.49 7.32 27.08
C TYR D 318 -51.21 7.99 25.73
N TYR D 319 -51.39 7.26 24.64
CA TYR D 319 -51.13 7.82 23.32
C TYR D 319 -52.18 8.86 22.97
N ASP D 320 -51.74 10.04 22.51
CA ASP D 320 -52.65 11.10 22.08
C ASP D 320 -52.46 11.34 20.58
N PRO D 321 -53.42 10.92 19.75
CA PRO D 321 -53.26 10.92 18.28
C PRO D 321 -53.10 12.31 17.69
N SER D 322 -53.40 13.33 18.48
CA SER D 322 -53.26 14.69 17.98
C SER D 322 -51.82 15.21 17.86
N LYS D 323 -50.99 14.86 18.86
CA LYS D 323 -49.58 15.26 18.99
C LYS D 323 -48.59 14.36 18.22
N ASP D 324 -47.43 14.90 17.90
CA ASP D 324 -46.38 14.11 17.21
C ASP D 324 -45.65 13.19 18.15
N LEU D 325 -45.22 12.06 17.62
CA LEU D 325 -44.29 11.21 18.32
C LEU D 325 -42.84 11.72 18.19
N ILE D 326 -42.12 11.71 19.31
CA ILE D 326 -40.69 11.98 19.30
C ILE D 326 -39.87 10.76 19.68
N ALA D 327 -38.88 10.46 18.85
CA ALA D 327 -37.90 9.38 19.10
C ALA D 327 -36.50 9.90 19.43
N GLU D 328 -35.96 9.43 20.56
CA GLU D 328 -34.57 9.71 20.92
C GLU D 328 -33.77 8.43 20.78
N ILE D 329 -32.51 8.55 20.37
CA ILE D 329 -31.62 7.40 20.28
C ILE D 329 -30.29 7.71 20.96
N GLN D 330 -29.72 6.72 21.63
CA GLN D 330 -28.37 6.81 22.22
C GLN D 330 -27.41 5.73 21.82
N LYS D 331 -26.18 6.10 21.48
CA LYS D 331 -25.17 5.10 21.15
C LYS D 331 -24.56 4.54 22.44
N GLN D 332 -24.73 3.25 22.70
CA GLN D 332 -24.34 2.64 23.96
C GLN D 332 -23.02 1.92 23.84
N GLY D 333 -22.47 1.90 22.63
CA GLY D 333 -21.19 1.28 22.36
C GLY D 333 -21.37 -0.19 22.18
N GLN D 334 -20.36 -0.83 21.59
CA GLN D 334 -20.42 -2.27 21.30
C GLN D 334 -21.67 -2.62 20.51
N GLY D 335 -21.99 -1.85 19.46
CA GLY D 335 -23.11 -2.21 18.62
C GLY D 335 -24.46 -2.02 19.24
N GLN D 336 -24.51 -1.63 20.51
CA GLN D 336 -25.76 -1.47 21.21
C GLN D 336 -26.29 -0.06 21.01
N TRP D 337 -27.62 0.08 20.87
CA TRP D 337 -28.29 1.38 20.76
C TRP D 337 -29.58 1.43 21.59
N THR D 338 -29.83 2.45 22.39
CA THR D 338 -31.09 2.48 23.13
C THR D 338 -31.98 3.59 22.59
N TYR D 339 -33.30 3.40 22.59
CA TYR D 339 -34.18 4.44 22.07
C TYR D 339 -35.41 4.59 22.93
N GLN D 340 -36.04 5.75 22.85
CA GLN D 340 -37.29 5.96 23.56
C GLN D 340 -38.25 6.75 22.71
N ILE D 341 -39.49 6.29 22.64
CA ILE D 341 -40.53 7.04 21.96
C ILE D 341 -41.49 7.73 22.92
N TYR D 342 -41.74 9.01 22.69
CA TYR D 342 -42.62 9.74 23.60
C TYR D 342 -43.32 10.87 22.86
N GLN D 343 -44.21 11.55 23.56
CA GLN D 343 -44.94 12.70 23.07
C GLN D 343 -44.58 13.77 24.05
N GLU D 344 -44.71 13.44 25.33
CA GLU D 344 -44.26 14.37 26.36
C GLU D 344 -42.97 13.90 27.01
N PRO D 345 -42.13 14.85 27.49
CA PRO D 345 -40.89 14.51 28.21
C PRO D 345 -41.20 13.59 29.37
N PHE D 346 -40.47 12.48 29.54
CA PHE D 346 -40.57 11.60 30.72
C PHE D 346 -41.86 10.75 30.76
N LYS D 347 -42.75 10.99 29.79
CA LYS D 347 -43.92 10.14 29.62
C LYS D 347 -43.71 9.34 28.34
N ASN D 348 -43.26 8.10 28.49
CA ASN D 348 -42.75 7.32 27.39
C ASN D 348 -43.72 6.27 26.90
N LEU D 349 -44.04 6.28 25.62
CA LEU D 349 -44.91 5.21 25.11
C LEU D 349 -44.16 3.93 24.86
N LYS D 350 -42.87 4.03 24.60
CA LYS D 350 -42.05 2.81 24.48
C LYS D 350 -40.58 3.11 24.77
N THR D 351 -39.82 2.11 25.21
CA THR D 351 -38.38 2.29 25.42
C THR D 351 -37.82 1.02 24.90
N GLY D 352 -36.72 1.09 24.17
CA GLY D 352 -36.21 -0.08 23.50
C GLY D 352 -34.73 -0.12 23.35
N LYS D 353 -34.22 -1.24 22.87
CA LYS D 353 -32.82 -1.37 22.56
C LYS D 353 -32.74 -2.03 21.20
N TYR D 354 -31.79 -1.65 20.36
CA TYR D 354 -31.52 -2.39 19.14
C TYR D 354 -30.08 -2.87 19.28
N ALA D 355 -29.68 -3.96 18.64
CA ALA D 355 -28.32 -4.49 18.81
C ALA D 355 -27.80 -5.28 17.61
N ARG D 356 -26.47 -5.40 17.47
CA ARG D 356 -25.83 -6.35 16.53
C ARG D 356 -26.47 -6.37 15.16
N MET D 357 -26.89 -5.19 14.73
CA MET D 357 -27.39 -4.97 13.39
C MET D 357 -26.23 -5.07 12.40
N ARG D 358 -26.53 -5.15 11.10
CA ARG D 358 -25.46 -5.19 10.08
C ARG D 358 -24.52 -3.98 10.18
N GLY D 359 -23.26 -4.17 9.80
CA GLY D 359 -22.28 -3.10 9.90
C GLY D 359 -21.94 -2.81 11.34
N ALA D 360 -22.20 -3.77 12.22
CA ALA D 360 -21.97 -3.60 13.65
C ALA D 360 -20.49 -3.72 13.97
N HIS D 361 -20.03 -2.86 14.89
CA HIS D 361 -18.65 -2.91 15.34
C HIS D 361 -17.69 -2.52 14.21
N THR D 362 -18.26 -2.23 13.04
CA THR D 362 -17.53 -1.76 11.87
C THR D 362 -18.04 -0.37 11.45
N ASN D 363 -19.35 -0.22 11.21
CA ASN D 363 -19.89 1.03 10.70
C ASN D 363 -21.05 1.59 11.53
N ASP D 364 -20.76 2.69 12.22
CA ASP D 364 -21.71 3.31 13.14
C ASP D 364 -22.89 3.96 12.43
N VAL D 365 -22.63 4.60 11.31
CA VAL D 365 -23.68 5.28 10.60
C VAL D 365 -24.67 4.27 10.00
N LYS D 366 -24.18 3.18 9.42
CA LYS D 366 -25.07 2.12 8.99
C LYS D 366 -25.98 1.57 10.10
N GLN D 367 -25.45 1.35 11.30
CA GLN D 367 -26.33 0.85 12.35
C GLN D 367 -27.36 1.86 12.83
N LEU D 368 -27.00 3.15 12.90
CA LEU D 368 -27.97 4.15 13.31
C LEU D 368 -29.09 4.23 12.30
N THR D 369 -28.76 4.12 11.01
CA THR D 369 -29.77 4.16 9.96
C THR D 369 -30.73 2.99 10.11
N GLU D 370 -30.17 1.79 10.20
CA GLU D 370 -30.98 0.60 10.49
C GLU D 370 -31.80 0.83 11.75
N ALA D 371 -31.21 1.42 12.77
CA ALA D 371 -31.97 1.65 13.99
C ALA D 371 -33.12 2.59 13.72
N VAL D 372 -32.85 3.71 13.07
CA VAL D 372 -33.93 4.61 12.67
C VAL D 372 -35.05 3.95 11.88
N GLN D 373 -34.69 3.13 10.89
CA GLN D 373 -35.71 2.41 10.16
C GLN D 373 -36.55 1.46 11.00
N LYS D 374 -35.94 0.55 11.75
CA LYS D 374 -36.71 -0.37 12.58
C LYS D 374 -37.62 0.35 13.57
N ILE D 375 -37.14 1.42 14.17
CA ILE D 375 -37.93 2.13 15.16
C ILE D 375 -39.14 2.74 14.48
N THR D 376 -38.91 3.42 13.35
CA THR D 376 -40.01 3.94 12.54
C THR D 376 -41.04 2.86 12.24
N THR D 377 -40.58 1.72 11.72
CA THR D 377 -41.46 0.61 11.40
C THR D 377 -42.38 0.27 12.55
N GLU D 378 -41.82 0.00 13.73
CA GLU D 378 -42.61 -0.29 14.91
C GLU D 378 -43.63 0.83 15.12
N SER D 379 -43.26 2.07 14.85
CA SER D 379 -44.16 3.17 15.13
C SER D 379 -45.35 3.15 14.19
N ILE D 380 -45.07 2.82 12.94
CA ILE D 380 -46.13 2.60 11.96
C ILE D 380 -47.08 1.50 12.47
N VAL D 381 -46.55 0.31 12.77
CA VAL D 381 -47.37 -0.79 13.27
C VAL D 381 -48.15 -0.44 14.56
N ILE D 382 -47.53 0.25 15.48
CA ILE D 382 -48.17 0.50 16.76
C ILE D 382 -49.14 1.68 16.76
N TRP D 383 -48.70 2.84 16.29
CA TRP D 383 -49.58 4.02 16.19
C TRP D 383 -50.02 4.46 14.79
N GLY D 384 -49.48 3.83 13.77
CA GLY D 384 -49.62 4.31 12.41
C GLY D 384 -49.10 5.70 12.07
N LYS D 385 -48.09 6.18 12.75
CA LYS D 385 -47.39 7.39 12.31
C LYS D 385 -45.90 7.24 12.50
N THR D 386 -45.11 8.03 11.77
CA THR D 386 -43.66 8.04 11.97
C THR D 386 -43.28 9.15 12.97
N PRO D 387 -42.32 8.87 13.87
CA PRO D 387 -41.83 9.82 14.87
C PRO D 387 -40.84 10.81 14.25
N LYS D 388 -40.64 11.93 14.91
CA LYS D 388 -39.53 12.80 14.54
C LYS D 388 -38.34 12.40 15.38
N PHE D 389 -37.28 11.96 14.71
CA PHE D 389 -36.10 11.50 15.40
C PHE D 389 -35.11 12.61 15.82
N LYS D 390 -34.59 12.50 17.05
CA LYS D 390 -33.43 13.30 17.45
C LYS D 390 -32.20 12.41 17.38
N LEU D 391 -31.38 12.65 16.38
CA LEU D 391 -30.30 11.76 16.01
C LEU D 391 -28.94 12.13 16.61
N PRO D 392 -28.29 11.16 17.27
CA PRO D 392 -26.98 11.38 17.90
C PRO D 392 -25.87 11.30 16.88
N ILE D 393 -25.81 12.28 16.00
CA ILE D 393 -24.85 12.30 14.91
C ILE D 393 -24.71 13.76 14.46
N GLN D 394 -23.64 14.08 13.74
CA GLN D 394 -23.46 15.43 13.21
C GLN D 394 -24.13 15.48 11.86
N LYS D 395 -24.89 16.54 11.60
CA LYS D 395 -25.70 16.67 10.39
C LYS D 395 -24.95 16.35 9.10
N GLU D 396 -23.69 16.74 9.00
CA GLU D 396 -22.96 16.49 7.77
C GLU D 396 -22.54 15.06 7.67
N THR D 397 -22.34 14.42 8.80
CA THR D 397 -21.93 13.03 8.77
C THR D 397 -23.16 12.23 8.28
N TRP D 398 -24.34 12.53 8.82
CA TRP D 398 -25.57 11.83 8.42
C TRP D 398 -25.94 12.08 6.97
N GLU D 399 -25.90 13.33 6.56
CA GLU D 399 -26.35 13.66 5.22
C GLU D 399 -25.42 13.11 4.14
N THR D 400 -24.13 13.03 4.43
CA THR D 400 -23.23 12.40 3.47
C THR D 400 -23.58 10.93 3.24
N TRP D 401 -23.69 10.13 4.28
CA TRP D 401 -23.88 8.70 4.10
C TRP D 401 -25.29 8.08 4.19
N TRP D 402 -26.30 8.78 4.70
CA TRP D 402 -27.47 8.02 5.11
C TRP D 402 -28.14 7.27 3.97
N THR D 403 -28.26 7.89 2.81
CA THR D 403 -28.90 7.19 1.70
C THR D 403 -28.24 5.87 1.28
N GLU D 404 -26.97 5.69 1.56
CA GLU D 404 -26.29 4.45 1.17
C GLU D 404 -26.80 3.25 1.93
N TYR D 405 -27.35 3.47 3.11
CA TYR D 405 -27.82 2.39 3.98
C TYR D 405 -29.35 2.34 4.04
N TRP D 406 -30.01 3.23 3.28
CA TRP D 406 -31.47 3.40 3.41
C TRP D 406 -32.23 2.39 2.53
N GLN D 407 -32.98 1.49 3.17
CA GLN D 407 -33.82 0.46 2.51
C GLN D 407 -35.38 0.57 2.54
N ALA D 408 -35.94 1.67 3.02
CA ALA D 408 -37.39 1.76 3.24
C ALA D 408 -37.99 2.76 2.28
N THR D 409 -39.31 2.71 2.09
CA THR D 409 -39.92 3.46 0.99
C THR D 409 -40.37 4.83 1.50
N TRP D 410 -40.35 4.99 2.84
CA TRP D 410 -40.58 6.28 3.50
C TRP D 410 -39.34 6.96 4.12
N ILE D 411 -39.49 8.21 4.56
CA ILE D 411 -38.38 8.96 5.14
C ILE D 411 -38.83 9.80 6.34
N PRO D 412 -38.58 9.35 7.58
CA PRO D 412 -39.13 10.11 8.71
C PRO D 412 -38.49 11.46 8.82
N GLU D 413 -39.00 12.27 9.73
CA GLU D 413 -38.46 13.60 9.93
C GLU D 413 -37.39 13.54 11.06
N TRP D 414 -36.27 14.24 10.90
CA TRP D 414 -35.25 14.19 11.93
C TRP D 414 -34.64 15.54 12.28
N GLU D 415 -33.97 15.61 13.41
CA GLU D 415 -33.12 16.76 13.73
C GLU D 415 -31.86 16.23 14.36
N PHE D 416 -30.86 17.08 14.54
CA PHE D 416 -29.59 16.54 15.08
C PHE D 416 -29.30 17.09 16.47
N VAL D 417 -28.83 16.22 17.34
CA VAL D 417 -28.57 16.59 18.72
C VAL D 417 -27.19 16.29 19.28
N ASN D 418 -26.74 17.07 20.27
CA ASN D 418 -25.61 16.69 21.10
C ASN D 418 -25.81 16.57 22.62
N THR D 419 -25.96 15.34 23.11
CA THR D 419 -26.15 15.07 24.54
C THR D 419 -25.15 14.03 24.94
N PRO D 420 -24.14 14.46 25.68
CA PRO D 420 -23.23 13.49 26.29
C PRO D 420 -23.70 12.92 27.64
N PRO D 421 -23.04 11.82 28.07
CA PRO D 421 -23.77 10.79 28.83
C PRO D 421 -24.13 11.21 30.24
N LEU D 422 -25.29 11.85 30.37
CA LEU D 422 -25.95 11.93 31.66
C LEU D 422 -27.30 11.23 31.49
N VAL D 423 -27.48 10.82 30.25
CA VAL D 423 -28.59 10.01 29.79
C VAL D 423 -28.04 8.57 29.80
N LYS D 424 -26.94 8.40 30.53
CA LYS D 424 -26.43 7.09 30.92
C LYS D 424 -27.38 6.15 31.68
N LEU D 425 -28.48 6.63 32.23
CA LEU D 425 -29.51 5.69 32.71
C LEU D 425 -30.21 4.64 31.82
N TRP D 426 -30.26 4.83 30.51
CA TRP D 426 -30.84 3.79 29.61
C TRP D 426 -30.08 2.48 29.48
N TYR D 427 -28.86 2.48 30.01
CA TYR D 427 -27.90 1.38 29.98
C TYR D 427 -27.18 0.96 31.26
N GLN D 428 -27.21 -0.34 31.54
CA GLN D 428 -26.57 -0.93 32.72
C GLN D 428 -25.24 -0.27 33.15
#